data_2O2D
#
_entry.id   2O2D
#
_cell.length_a   124.203
_cell.length_b   217.391
_cell.length_c   126.433
_cell.angle_alpha   90.000
_cell.angle_beta   90.000
_cell.angle_gamma   90.000
#
_symmetry.space_group_name_H-M   'C 2 2 21'
#
loop_
_entity.id
_entity.type
_entity.pdbx_description
1 polymer 'Glucose-6-phosphate isomerase, glycosomal'
2 non-polymer 'CITRIC ACID'
3 non-polymer GLYCEROL
4 water water
#
_entity_poly.entity_id   1
_entity_poly.type   'polypeptide(L)'
_entity_poly.pdbx_seq_one_letter_code
;MSSYLDDLRIDLAASPASGGSASIAVGSFNIPYEVTRRLKGVGADADTTLTSCASWTQLQKLYEQYGDEPIKKHFETDSE
RGQRYSVKVSLGSKDENFLFLDYSKSHINDEIKCALLRLAEERGIRQFVQSVFRGERVNTTENRPVLHIALRNRSNRPIY
VDGKDVMPAVNKVLDQMRSFSEKVRTGEWKGHTGKAIRHVVNIGIGGSDLGPVMATEALKPFSQRDLSLHFVSNVDGTHI
AEVLKSIDIEATLFIVASKTFTTQETITNALSARRALLDYLRSRGIDEKGSVAKHFVALSTNNQKVKEFGIDEENMFQFW
DWVGGRYSMWSAIGLPIMISIGYENFVELLTGAHVIDEHFANAPPEQNVPLLLALVGVWYINFFGAVTHAILPYDQYLWR
LPAYLQQLDMESNGKYVTRSGKTVSTLTGPIIFGEAGTNGQHAFYQLIHQGTNLIPCDFIGAIQSQNKIGDHHKIFMSNF
FAQTEALMIGKSPSEVRRELEAAGERSAEKINALLPHKTFIGGRPSNTLLIKSLTPRALGAIIAMYEHKVLVQGAIWGID
SYDQWGVELGKVLAKSILPQLRPGMRVNNHDSSTNGLINMFNELSHLHHHHHH
;
_entity_poly.pdbx_strand_id   A,B,C
#
# COMPACT_ATOMS: atom_id res chain seq x y z
N LEU A 39 -43.51 -10.22 -7.83
CA LEU A 39 -42.05 -9.98 -8.03
C LEU A 39 -41.21 -11.25 -7.85
N LYS A 40 -41.86 -12.40 -7.89
CA LYS A 40 -41.17 -13.68 -7.79
C LYS A 40 -40.46 -13.97 -9.12
N GLY A 41 -40.83 -13.17 -10.14
CA GLY A 41 -40.26 -13.28 -11.47
C GLY A 41 -38.92 -12.61 -11.61
N VAL A 42 -38.51 -11.89 -10.56
CA VAL A 42 -37.22 -11.21 -10.47
C VAL A 42 -36.24 -12.26 -10.05
N GLY A 43 -36.79 -13.24 -9.23
CA GLY A 43 -36.15 -14.40 -8.72
C GLY A 43 -35.02 -14.21 -7.73
N ALA A 44 -35.17 -13.16 -6.99
CA ALA A 44 -34.20 -12.85 -5.96
C ALA A 44 -35.01 -13.06 -4.69
N ASP A 45 -34.33 -13.22 -3.57
CA ASP A 45 -35.00 -13.41 -2.29
C ASP A 45 -35.58 -12.07 -1.83
N ALA A 46 -36.68 -12.12 -1.07
CA ALA A 46 -37.34 -10.93 -0.55
C ALA A 46 -36.52 -10.24 0.52
N ASP A 47 -36.51 -8.90 0.47
CA ASP A 47 -35.78 -8.07 1.43
C ASP A 47 -36.54 -8.00 2.75
N THR A 48 -35.83 -8.25 3.84
CA THR A 48 -36.42 -8.21 5.17
C THR A 48 -35.84 -7.08 6.02
N THR A 49 -34.76 -6.47 5.56
CA THR A 49 -34.07 -5.38 6.29
C THR A 49 -34.96 -4.18 6.66
N LEU A 50 -35.94 -3.89 5.79
CA LEU A 50 -36.86 -2.80 6.05
C LEU A 50 -38.09 -3.23 6.83
N THR A 51 -38.67 -4.38 6.48
CA THR A 51 -39.89 -4.85 7.13
C THR A 51 -39.66 -5.38 8.53
N SER A 52 -38.41 -5.70 8.82
CA SER A 52 -38.02 -6.20 10.15
C SER A 52 -37.58 -5.10 11.10
N CYS A 53 -37.52 -3.86 10.61
CA CYS A 53 -37.16 -2.71 11.41
C CYS A 53 -38.21 -2.52 12.50
N ALA A 54 -37.76 -2.30 13.73
CA ALA A 54 -38.66 -2.11 14.88
C ALA A 54 -39.60 -0.93 14.63
N SER A 55 -39.05 0.09 13.98
CA SER A 55 -39.78 1.30 13.64
C SER A 55 -40.84 1.09 12.55
N TRP A 56 -40.60 0.14 11.65
CA TRP A 56 -41.54 -0.18 10.58
C TRP A 56 -42.74 -0.92 11.13
N THR A 57 -42.48 -1.85 12.04
CA THR A 57 -43.49 -2.66 12.71
C THR A 57 -44.36 -1.72 13.56
N GLN A 58 -43.72 -0.72 14.17
CA GLN A 58 -44.40 0.28 14.99
C GLN A 58 -45.29 1.18 14.13
N LEU A 59 -44.79 1.58 12.96
CA LEU A 59 -45.57 2.43 12.05
C LEU A 59 -46.79 1.71 11.50
N GLN A 60 -46.68 0.38 11.35
CA GLN A 60 -47.78 -0.46 10.87
C GLN A 60 -48.86 -0.53 11.95
N LYS A 61 -48.41 -0.57 13.21
CA LYS A 61 -49.27 -0.62 14.38
C LYS A 61 -50.01 0.71 14.53
N LEU A 62 -49.27 1.81 14.33
CA LEU A 62 -49.82 3.17 14.42
C LEU A 62 -50.78 3.48 13.27
N TYR A 63 -50.61 2.78 12.15
CA TYR A 63 -51.49 2.94 10.98
C TYR A 63 -52.84 2.30 11.29
N GLU A 64 -52.77 1.09 11.86
CA GLU A 64 -53.94 0.31 12.22
C GLU A 64 -54.74 1.02 13.31
N GLN A 65 -54.01 1.77 14.14
CA GLN A 65 -54.59 2.54 15.24
C GLN A 65 -55.12 3.91 14.84
N TYR A 66 -54.29 4.71 14.17
CA TYR A 66 -54.66 6.08 13.80
C TYR A 66 -54.92 6.42 12.34
N GLY A 67 -54.80 5.46 11.43
CA GLY A 67 -55.02 5.69 10.02
C GLY A 67 -56.43 6.09 9.61
N ASP A 68 -57.43 5.62 10.36
CA ASP A 68 -58.85 5.91 10.12
C ASP A 68 -59.29 7.23 10.75
N GLU A 69 -58.41 7.84 11.53
CA GLU A 69 -58.70 9.12 12.19
C GLU A 69 -58.59 10.24 11.15
N PRO A 70 -59.69 10.98 10.91
CA PRO A 70 -59.67 12.08 9.93
C PRO A 70 -58.65 13.16 10.28
N ILE A 71 -58.11 13.82 9.27
CA ILE A 71 -57.09 14.85 9.47
C ILE A 71 -57.59 16.00 10.36
N LYS A 72 -58.86 16.37 10.22
CA LYS A 72 -59.45 17.45 11.03
C LYS A 72 -59.40 17.20 12.54
N LYS A 73 -59.38 15.93 12.94
CA LYS A 73 -59.32 15.54 14.35
C LYS A 73 -58.00 16.01 14.99
N HIS A 74 -56.92 15.94 14.20
CA HIS A 74 -55.60 16.35 14.66
C HIS A 74 -55.52 17.87 14.89
N PHE A 75 -56.35 18.61 14.15
CA PHE A 75 -56.43 20.06 14.25
C PHE A 75 -57.34 20.49 15.39
N GLU A 76 -58.34 19.67 15.69
CA GLU A 76 -59.30 19.92 16.76
C GLU A 76 -58.66 19.64 18.13
N THR A 77 -57.75 18.67 18.16
CA THR A 77 -57.05 18.28 19.38
C THR A 77 -55.79 19.11 19.64
N ASP A 78 -55.19 19.64 18.58
CA ASP A 78 -53.99 20.47 18.68
C ASP A 78 -54.25 21.77 17.92
N SER A 79 -54.45 22.84 18.68
CA SER A 79 -54.70 24.18 18.15
C SER A 79 -53.44 24.82 17.55
N GLU A 80 -52.29 24.23 17.87
CA GLU A 80 -50.99 24.71 17.38
C GLU A 80 -50.43 23.83 16.26
N ARG A 81 -51.26 22.94 15.70
CA ARG A 81 -50.82 22.01 14.65
C ARG A 81 -50.20 22.66 13.41
N GLY A 82 -50.77 23.79 12.99
CA GLY A 82 -50.27 24.52 11.83
C GLY A 82 -48.82 24.91 11.97
N GLN A 83 -48.42 25.35 13.17
CA GLN A 83 -47.05 25.76 13.47
C GLN A 83 -46.11 24.59 13.73
N ARG A 84 -46.57 23.67 14.59
CA ARG A 84 -45.80 22.48 14.99
C ARG A 84 -45.51 21.52 13.84
N TYR A 85 -46.37 21.55 12.84
CA TYR A 85 -46.22 20.70 11.66
C TYR A 85 -45.90 21.51 10.42
N SER A 86 -45.01 22.49 10.60
CA SER A 86 -44.56 23.34 9.53
C SER A 86 -43.17 23.90 9.81
N VAL A 87 -42.35 23.97 8.77
CA VAL A 87 -40.99 24.48 8.89
C VAL A 87 -40.69 25.54 7.82
N LYS A 88 -40.14 26.67 8.26
CA LYS A 88 -39.77 27.75 7.37
C LYS A 88 -38.24 27.73 7.25
N VAL A 89 -37.76 27.60 6.02
CA VAL A 89 -36.32 27.60 5.74
C VAL A 89 -35.99 28.85 4.95
N SER A 90 -35.17 29.73 5.54
CA SER A 90 -34.74 30.95 4.88
C SER A 90 -33.79 30.58 3.73
N LEU A 91 -33.87 31.32 2.62
CA LEU A 91 -33.00 31.06 1.48
C LEU A 91 -31.71 31.86 1.54
N GLY A 92 -31.53 32.59 2.63
CA GLY A 92 -30.34 33.40 2.86
C GLY A 92 -30.14 34.62 1.96
N SER A 93 -31.19 35.00 1.23
CA SER A 93 -31.14 36.14 0.32
C SER A 93 -31.64 37.45 0.93
N LYS A 94 -31.27 38.55 0.28
CA LYS A 94 -31.62 39.91 0.70
C LYS A 94 -33.13 40.19 0.68
N ASP A 95 -33.84 39.52 -0.24
CA ASP A 95 -35.28 39.67 -0.38
C ASP A 95 -36.10 38.91 0.68
N GLU A 96 -35.37 38.28 1.62
CA GLU A 96 -35.92 37.48 2.73
C GLU A 96 -36.80 36.31 2.28
N ASN A 97 -36.44 35.74 1.13
CA ASN A 97 -37.14 34.62 0.54
C ASN A 97 -36.97 33.38 1.40
N PHE A 98 -37.97 32.51 1.34
CA PHE A 98 -37.99 31.30 2.12
C PHE A 98 -38.68 30.17 1.39
N LEU A 99 -38.55 28.97 1.94
CA LEU A 99 -39.22 27.78 1.44
C LEU A 99 -39.91 27.28 2.71
N PHE A 100 -41.23 27.39 2.69
CA PHE A 100 -42.07 27.00 3.81
C PHE A 100 -42.83 25.73 3.48
N LEU A 101 -42.62 24.70 4.29
CA LEU A 101 -43.33 23.44 4.12
C LEU A 101 -44.33 23.32 5.24
N ASP A 102 -45.58 23.11 4.85
CA ASP A 102 -46.68 22.92 5.78
C ASP A 102 -47.20 21.52 5.47
N TYR A 103 -46.84 20.56 6.32
CA TYR A 103 -47.27 19.18 6.13
C TYR A 103 -48.32 18.78 7.15
N SER A 104 -48.97 19.77 7.75
CA SER A 104 -50.00 19.55 8.79
C SER A 104 -51.26 18.85 8.31
N LYS A 105 -51.61 19.05 7.05
CA LYS A 105 -52.80 18.44 6.48
C LYS A 105 -52.46 17.01 6.07
N SER A 106 -52.27 16.20 7.12
CA SER A 106 -51.89 14.80 7.00
C SER A 106 -52.42 13.98 8.18
N HIS A 107 -52.54 12.67 7.97
CA HIS A 107 -53.01 11.72 8.98
C HIS A 107 -51.80 11.36 9.87
N ILE A 108 -51.15 12.38 10.40
CA ILE A 108 -49.97 12.22 11.23
C ILE A 108 -50.12 12.94 12.57
N ASN A 109 -50.10 12.17 13.66
CA ASN A 109 -50.16 12.74 14.99
C ASN A 109 -48.72 12.71 15.54
N ASP A 110 -48.49 13.21 16.76
CA ASP A 110 -47.13 13.24 17.34
C ASP A 110 -46.45 11.89 17.45
N GLU A 111 -47.23 10.83 17.71
CA GLU A 111 -46.73 9.46 17.83
C GLU A 111 -46.22 8.95 16.49
N ILE A 112 -46.99 9.22 15.43
CA ILE A 112 -46.64 8.81 14.06
C ILE A 112 -45.42 9.58 13.55
N LYS A 113 -45.37 10.88 13.85
CA LYS A 113 -44.25 11.75 13.45
C LYS A 113 -42.96 11.27 14.10
N CYS A 114 -43.02 11.03 15.42
CA CYS A 114 -41.87 10.54 16.19
C CYS A 114 -41.41 9.20 15.63
N ALA A 115 -42.38 8.38 15.24
CA ALA A 115 -42.12 7.05 14.69
C ALA A 115 -41.54 7.07 13.27
N LEU A 116 -41.92 8.06 12.47
CA LEU A 116 -41.40 8.22 11.10
C LEU A 116 -39.95 8.69 11.20
N LEU A 117 -39.68 9.56 12.18
CA LEU A 117 -38.34 10.06 12.42
C LEU A 117 -37.45 8.94 12.96
N ARG A 118 -38.05 8.00 13.69
CA ARG A 118 -37.33 6.84 14.24
C ARG A 118 -36.92 5.92 13.09
N LEU A 119 -37.78 5.83 12.07
CA LEU A 119 -37.52 5.03 10.88
C LEU A 119 -36.34 5.60 10.13
N ALA A 120 -36.30 6.93 10.08
CA ALA A 120 -35.22 7.66 9.41
C ALA A 120 -33.89 7.42 10.13
N GLU A 121 -33.96 7.29 11.46
CA GLU A 121 -32.78 7.05 12.28
C GLU A 121 -32.29 5.60 12.19
N GLU A 122 -33.23 4.65 12.14
CA GLU A 122 -32.92 3.22 12.06
C GLU A 122 -32.38 2.82 10.67
N ARG A 123 -32.87 3.49 9.63
CA ARG A 123 -32.43 3.22 8.27
C ARG A 123 -31.14 3.93 7.91
N GLY A 124 -30.62 4.70 8.87
CA GLY A 124 -29.39 5.45 8.71
C GLY A 124 -29.40 6.52 7.64
N ILE A 125 -30.45 7.34 7.62
CA ILE A 125 -30.58 8.42 6.64
C ILE A 125 -29.49 9.47 6.82
N ARG A 126 -29.26 9.91 8.06
CA ARG A 126 -28.23 10.91 8.37
C ARG A 126 -26.86 10.49 7.85
N GLN A 127 -26.53 9.21 8.04
CA GLN A 127 -25.26 8.63 7.60
C GLN A 127 -25.21 8.50 6.08
N PHE A 128 -26.35 8.16 5.48
CA PHE A 128 -26.47 8.00 4.03
C PHE A 128 -26.32 9.37 3.35
N VAL A 129 -26.91 10.41 3.95
CA VAL A 129 -26.86 11.79 3.45
C VAL A 129 -25.40 12.25 3.45
N GLN A 130 -24.71 11.98 4.56
CA GLN A 130 -23.31 12.34 4.69
C GLN A 130 -22.48 11.61 3.64
N SER A 131 -22.80 10.34 3.42
CA SER A 131 -22.12 9.50 2.43
C SER A 131 -22.33 10.00 0.99
N VAL A 132 -23.54 10.46 0.69
CA VAL A 132 -23.88 11.02 -0.63
C VAL A 132 -23.10 12.32 -0.84
N PHE A 133 -23.17 13.20 0.16
CA PHE A 133 -22.52 14.51 0.14
C PHE A 133 -21.00 14.52 0.11
N ARG A 134 -20.39 13.56 0.79
CA ARG A 134 -18.94 13.45 0.88
C ARG A 134 -18.29 12.69 -0.27
N GLY A 135 -19.12 12.26 -1.24
CA GLY A 135 -18.61 11.56 -2.41
C GLY A 135 -18.56 10.06 -2.47
N GLU A 136 -19.11 9.36 -1.48
CA GLU A 136 -19.11 7.90 -1.47
C GLU A 136 -19.89 7.29 -2.64
N ARG A 137 -19.51 6.08 -3.03
CA ARG A 137 -20.12 5.35 -4.14
C ARG A 137 -21.50 4.78 -3.75
N VAL A 138 -22.41 5.67 -3.35
CA VAL A 138 -23.76 5.29 -2.93
C VAL A 138 -24.61 4.70 -4.08
N ASN A 139 -24.24 5.00 -5.32
CA ASN A 139 -24.90 4.45 -6.50
C ASN A 139 -24.15 3.12 -6.70
N THR A 140 -24.51 2.15 -5.87
CA THR A 140 -23.87 0.84 -5.79
C THR A 140 -23.88 -0.05 -7.02
N THR A 141 -24.96 -0.01 -7.79
CA THR A 141 -25.09 -0.85 -8.99
C THR A 141 -24.18 -0.44 -10.15
N GLU A 142 -23.77 0.83 -10.15
CA GLU A 142 -22.87 1.37 -11.17
C GLU A 142 -21.53 1.78 -10.56
N ASN A 143 -21.44 1.66 -9.22
CA ASN A 143 -20.27 2.02 -8.39
C ASN A 143 -19.80 3.45 -8.68
N ARG A 144 -20.77 4.37 -8.66
CA ARG A 144 -20.52 5.78 -8.94
C ARG A 144 -20.91 6.68 -7.79
N PRO A 145 -20.24 7.85 -7.63
CA PRO A 145 -20.64 8.75 -6.54
C PRO A 145 -21.93 9.45 -7.00
N VAL A 146 -22.60 10.16 -6.08
CA VAL A 146 -23.83 10.86 -6.44
C VAL A 146 -23.60 12.25 -5.91
N LEU A 147 -23.07 13.11 -6.79
CA LEU A 147 -22.71 14.44 -6.39
C LEU A 147 -23.29 15.61 -7.15
N HIS A 148 -24.61 15.63 -7.31
CA HIS A 148 -25.24 16.75 -7.98
C HIS A 148 -25.16 17.96 -7.04
N ILE A 149 -24.91 17.68 -5.76
CA ILE A 149 -24.76 18.71 -4.72
C ILE A 149 -23.46 19.49 -4.90
N ALA A 150 -22.50 18.84 -5.59
CA ALA A 150 -21.18 19.43 -5.86
C ALA A 150 -21.29 20.49 -6.94
N LEU A 151 -22.28 20.35 -7.82
CA LEU A 151 -22.51 21.29 -8.92
C LEU A 151 -22.94 22.65 -8.42
N ARG A 152 -23.62 22.63 -7.27
CA ARG A 152 -24.12 23.84 -6.66
C ARG A 152 -23.43 24.19 -5.33
N ASN A 153 -22.29 23.55 -5.08
CA ASN A 153 -21.51 23.77 -3.86
C ASN A 153 -20.81 25.14 -3.90
N ARG A 154 -21.55 26.18 -3.51
CA ARG A 154 -21.06 27.55 -3.49
C ARG A 154 -20.00 27.85 -2.42
N SER A 155 -20.01 27.05 -1.35
CA SER A 155 -19.06 27.19 -0.25
C SER A 155 -17.67 26.77 -0.71
N ASN A 156 -17.66 25.99 -1.79
CA ASN A 156 -16.45 25.45 -2.42
C ASN A 156 -15.65 24.59 -1.44
N ARG A 157 -16.40 23.95 -0.56
CA ARG A 157 -15.86 23.00 0.42
C ARG A 157 -15.40 21.78 -0.43
N PRO A 158 -14.13 21.34 -0.26
CA PRO A 158 -13.62 20.21 -1.02
C PRO A 158 -14.41 18.90 -0.94
N ILE A 159 -14.81 18.42 -2.11
CA ILE A 159 -15.56 17.17 -2.25
C ILE A 159 -14.69 16.31 -3.15
N TYR A 160 -14.28 15.16 -2.62
CA TYR A 160 -13.37 14.28 -3.33
C TYR A 160 -13.91 13.03 -4.02
N VAL A 161 -13.49 12.86 -5.27
CA VAL A 161 -13.82 11.69 -6.09
C VAL A 161 -12.44 11.24 -6.56
N ASP A 162 -12.07 10.01 -6.20
CA ASP A 162 -10.78 9.38 -6.52
C ASP A 162 -9.60 10.18 -5.95
N GLY A 163 -9.85 10.77 -4.77
CA GLY A 163 -8.85 11.56 -4.07
C GLY A 163 -8.58 12.94 -4.65
N LYS A 164 -9.46 13.40 -5.54
CA LYS A 164 -9.31 14.68 -6.21
C LYS A 164 -10.55 15.55 -6.00
N ASP A 165 -10.32 16.78 -5.55
CA ASP A 165 -11.38 17.77 -5.31
C ASP A 165 -12.05 18.11 -6.64
N VAL A 166 -13.35 17.83 -6.73
CA VAL A 166 -14.11 18.09 -7.94
C VAL A 166 -14.52 19.54 -8.15
N MET A 167 -14.41 20.33 -7.09
CA MET A 167 -14.77 21.74 -7.14
C MET A 167 -14.10 22.62 -8.19
N PRO A 168 -12.77 22.49 -8.43
CA PRO A 168 -12.15 23.33 -9.46
C PRO A 168 -12.71 23.00 -10.85
N ALA A 169 -13.02 21.72 -11.09
CA ALA A 169 -13.57 21.26 -12.36
C ALA A 169 -15.02 21.75 -12.55
N VAL A 170 -15.79 21.76 -11.44
CA VAL A 170 -17.18 22.23 -11.44
C VAL A 170 -17.19 23.73 -11.74
N ASN A 171 -16.29 24.45 -11.08
CA ASN A 171 -16.16 25.89 -11.23
C ASN A 171 -15.61 26.32 -12.59
N LYS A 172 -14.79 25.45 -13.20
CA LYS A 172 -14.19 25.70 -14.51
C LYS A 172 -15.27 25.68 -15.60
N VAL A 173 -16.20 24.73 -15.49
CA VAL A 173 -17.30 24.58 -16.44
C VAL A 173 -18.28 25.72 -16.23
N LEU A 174 -18.52 26.10 -14.97
CA LEU A 174 -19.42 27.20 -14.66
C LEU A 174 -18.90 28.52 -15.22
N ASP A 175 -17.57 28.66 -15.24
CA ASP A 175 -16.90 29.84 -15.79
C ASP A 175 -16.94 29.81 -17.32
N GLN A 176 -16.77 28.62 -17.89
CA GLN A 176 -16.82 28.42 -19.35
C GLN A 176 -18.25 28.68 -19.84
N MET A 177 -19.21 28.28 -19.01
CA MET A 177 -20.63 28.48 -19.29
C MET A 177 -20.94 29.98 -19.25
N ARG A 178 -20.34 30.67 -18.26
CA ARG A 178 -20.50 32.12 -18.06
C ARG A 178 -19.99 32.89 -19.29
N SER A 179 -18.75 32.61 -19.67
CA SER A 179 -18.10 33.25 -20.81
C SER A 179 -18.87 33.07 -22.11
N PHE A 180 -19.28 31.83 -22.38
CA PHE A 180 -20.03 31.50 -23.58
C PHE A 180 -21.44 32.09 -23.59
N SER A 181 -22.16 31.97 -22.47
CA SER A 181 -23.51 32.50 -22.36
C SER A 181 -23.54 34.00 -22.54
N GLU A 182 -22.52 34.69 -22.04
CA GLU A 182 -22.42 36.15 -22.18
C GLU A 182 -22.21 36.54 -23.63
N LYS A 183 -21.46 35.72 -24.37
CA LYS A 183 -21.19 35.95 -25.80
C LYS A 183 -22.47 35.79 -26.64
N VAL A 184 -23.34 34.87 -26.21
CA VAL A 184 -24.60 34.61 -26.91
C VAL A 184 -25.60 35.73 -26.58
N ARG A 185 -25.64 36.10 -25.30
CA ARG A 185 -26.54 37.13 -24.79
C ARG A 185 -26.28 38.56 -25.27
N THR A 186 -25.00 38.95 -25.33
CA THR A 186 -24.60 40.30 -25.77
C THR A 186 -24.63 40.45 -27.30
N GLY A 187 -24.70 39.31 -27.98
CA GLY A 187 -24.73 39.30 -29.43
C GLY A 187 -23.38 39.14 -30.06
N GLU A 188 -22.35 38.87 -29.25
CA GLU A 188 -20.97 38.69 -29.70
C GLU A 188 -20.80 37.40 -30.52
N TRP A 189 -21.46 36.32 -30.08
CA TRP A 189 -21.40 35.04 -30.79
C TRP A 189 -22.23 35.15 -32.06
N LYS A 190 -21.53 35.06 -33.19
CA LYS A 190 -22.16 35.17 -34.49
C LYS A 190 -22.37 33.83 -35.16
N GLY A 191 -23.34 33.80 -36.08
CA GLY A 191 -23.61 32.62 -36.87
C GLY A 191 -22.67 32.67 -38.07
N HIS A 192 -22.76 31.70 -38.97
CA HIS A 192 -21.90 31.63 -40.15
C HIS A 192 -22.01 32.83 -41.11
N THR A 193 -23.19 33.46 -41.13
CA THR A 193 -23.44 34.62 -41.99
C THR A 193 -23.27 35.93 -41.24
N GLY A 194 -22.72 35.86 -40.03
CA GLY A 194 -22.47 37.03 -39.21
C GLY A 194 -23.61 37.56 -38.36
N LYS A 195 -24.71 36.82 -38.29
CA LYS A 195 -25.86 37.23 -37.49
C LYS A 195 -25.74 36.83 -36.03
N ALA A 196 -26.20 37.73 -35.15
CA ALA A 196 -26.21 37.49 -33.72
C ALA A 196 -27.25 36.39 -33.45
N ILE A 197 -27.05 35.63 -32.38
CA ILE A 197 -27.97 34.55 -32.04
C ILE A 197 -29.30 35.09 -31.49
N ARG A 198 -30.38 34.65 -32.13
CA ARG A 198 -31.74 35.03 -31.75
C ARG A 198 -32.53 33.82 -31.26
N HIS A 199 -32.08 32.63 -31.67
CA HIS A 199 -32.72 31.38 -31.30
C HIS A 199 -31.72 30.40 -30.69
N VAL A 200 -32.08 29.84 -29.55
CA VAL A 200 -31.26 28.88 -28.83
C VAL A 200 -32.05 27.58 -28.79
N VAL A 201 -31.60 26.62 -29.57
CA VAL A 201 -32.25 25.31 -29.68
C VAL A 201 -31.52 24.23 -28.90
N ASN A 202 -32.13 23.76 -27.82
CA ASN A 202 -31.55 22.70 -27.01
C ASN A 202 -32.03 21.36 -27.57
N ILE A 203 -31.07 20.51 -27.91
CA ILE A 203 -31.34 19.18 -28.44
C ILE A 203 -30.91 18.19 -27.36
N GLY A 204 -31.89 17.55 -26.75
CA GLY A 204 -31.63 16.58 -25.70
C GLY A 204 -32.93 16.01 -25.22
N ILE A 205 -32.88 14.83 -24.60
CA ILE A 205 -34.09 14.18 -24.11
C ILE A 205 -33.95 13.82 -22.63
N GLY A 206 -35.10 13.75 -21.95
CA GLY A 206 -35.14 13.41 -20.53
C GLY A 206 -34.35 14.32 -19.62
N GLY A 207 -33.27 13.79 -19.06
CA GLY A 207 -32.43 14.56 -18.17
C GLY A 207 -31.74 15.75 -18.83
N SER A 208 -31.63 15.68 -20.16
CA SER A 208 -31.03 16.73 -20.96
C SER A 208 -32.12 17.56 -21.65
N ASP A 209 -33.33 17.51 -21.08
CA ASP A 209 -34.47 18.24 -21.62
C ASP A 209 -35.38 18.83 -20.56
N LEU A 210 -35.94 17.96 -19.70
CA LEU A 210 -36.88 18.39 -18.67
C LEU A 210 -36.41 19.51 -17.76
N GLY A 211 -35.13 19.46 -17.36
CA GLY A 211 -34.52 20.50 -16.53
C GLY A 211 -34.48 21.80 -17.29
N PRO A 212 -33.84 21.81 -18.48
CA PRO A 212 -33.74 23.00 -19.32
C PRO A 212 -35.12 23.61 -19.63
N VAL A 213 -36.11 22.76 -19.94
CA VAL A 213 -37.49 23.19 -20.23
C VAL A 213 -38.12 23.79 -18.98
N MET A 214 -38.15 23.01 -17.90
CA MET A 214 -38.75 23.42 -16.62
C MET A 214 -38.18 24.72 -16.07
N ALA A 215 -36.85 24.83 -16.03
CA ALA A 215 -36.20 26.02 -15.50
C ALA A 215 -36.32 27.28 -16.33
N THR A 216 -36.26 27.16 -17.67
CA THR A 216 -36.42 28.34 -18.54
C THR A 216 -37.87 28.81 -18.52
N GLU A 217 -38.79 27.85 -18.35
CA GLU A 217 -40.22 28.17 -18.26
C GLU A 217 -40.49 28.80 -16.90
N ALA A 218 -39.87 28.24 -15.86
CA ALA A 218 -40.03 28.72 -14.49
C ALA A 218 -39.42 30.09 -14.23
N LEU A 219 -38.32 30.36 -14.92
CA LEU A 219 -37.60 31.62 -14.74
C LEU A 219 -37.67 32.57 -15.93
N LYS A 220 -38.80 32.53 -16.64
CA LYS A 220 -39.03 33.38 -17.80
C LYS A 220 -39.03 34.91 -17.49
N PRO A 221 -39.48 35.35 -16.29
CA PRO A 221 -39.41 36.80 -16.09
C PRO A 221 -37.99 37.32 -15.78
N PHE A 222 -37.05 36.38 -15.64
CA PHE A 222 -35.64 36.68 -15.38
C PHE A 222 -34.81 36.40 -16.65
N SER A 223 -35.51 36.09 -17.73
CA SER A 223 -34.90 35.79 -19.02
C SER A 223 -34.67 36.98 -19.92
N GLN A 224 -33.79 36.80 -20.89
CA GLN A 224 -33.48 37.81 -21.89
C GLN A 224 -34.47 37.44 -23.01
N ARG A 225 -35.51 38.25 -23.14
CA ARG A 225 -36.59 38.04 -24.10
C ARG A 225 -36.25 37.90 -25.58
N ASP A 226 -35.17 38.55 -26.03
CA ASP A 226 -34.76 38.48 -27.45
C ASP A 226 -34.11 37.16 -27.88
N LEU A 227 -33.98 36.25 -26.92
CA LEU A 227 -33.42 34.93 -27.15
C LEU A 227 -34.54 33.92 -27.01
N SER A 228 -35.04 33.44 -28.14
CA SER A 228 -36.12 32.45 -28.16
C SER A 228 -35.55 31.06 -27.92
N LEU A 229 -36.04 30.42 -26.87
CA LEU A 229 -35.61 29.07 -26.49
C LEU A 229 -36.49 28.01 -27.12
N HIS A 230 -35.85 27.01 -27.73
CA HIS A 230 -36.54 25.90 -28.37
C HIS A 230 -35.97 24.62 -27.82
N PHE A 231 -36.83 23.62 -27.66
CA PHE A 231 -36.40 22.34 -27.10
C PHE A 231 -36.83 21.18 -27.97
N VAL A 232 -35.83 20.58 -28.62
CA VAL A 232 -36.03 19.41 -29.48
C VAL A 232 -35.60 18.21 -28.63
N SER A 233 -36.55 17.34 -28.34
CA SER A 233 -36.30 16.17 -27.52
C SER A 233 -36.77 14.88 -28.15
N ASN A 234 -38.01 14.88 -28.62
CA ASN A 234 -38.61 13.72 -29.24
C ASN A 234 -37.92 13.39 -30.56
N VAL A 235 -37.78 12.10 -30.85
CA VAL A 235 -37.19 11.69 -32.12
C VAL A 235 -38.26 11.72 -33.20
N ASP A 236 -39.48 12.10 -32.80
CA ASP A 236 -40.59 12.26 -33.74
C ASP A 236 -40.13 13.44 -34.57
N GLY A 237 -40.04 13.23 -35.88
CA GLY A 237 -39.59 14.24 -36.83
C GLY A 237 -40.24 15.59 -36.67
N THR A 238 -41.46 15.54 -36.15
CA THR A 238 -42.28 16.70 -35.87
C THR A 238 -41.59 17.70 -34.97
N HIS A 239 -40.93 17.21 -33.92
CA HIS A 239 -40.24 18.08 -32.97
C HIS A 239 -39.15 18.92 -33.62
N ILE A 240 -38.30 18.30 -34.44
CA ILE A 240 -37.26 19.04 -35.12
C ILE A 240 -37.86 19.92 -36.23
N ALA A 241 -38.83 19.35 -36.95
CA ALA A 241 -39.49 20.03 -38.05
C ALA A 241 -40.20 21.32 -37.65
N GLU A 242 -40.92 21.30 -36.52
CA GLU A 242 -41.63 22.47 -36.01
C GLU A 242 -40.70 23.56 -35.51
N VAL A 243 -39.55 23.13 -34.97
CA VAL A 243 -38.54 24.06 -34.48
C VAL A 243 -37.85 24.71 -35.68
N LEU A 244 -37.63 23.93 -36.74
CA LEU A 244 -37.01 24.42 -37.97
C LEU A 244 -37.88 25.46 -38.68
N LYS A 245 -39.19 25.36 -38.46
CA LYS A 245 -40.17 26.29 -39.03
C LYS A 245 -40.24 27.59 -38.23
N SER A 246 -39.89 27.50 -36.94
CA SER A 246 -39.94 28.63 -36.01
C SER A 246 -38.64 29.42 -35.87
N ILE A 247 -37.58 28.97 -36.54
CA ILE A 247 -36.29 29.63 -36.43
C ILE A 247 -35.69 30.18 -37.73
N ASP A 248 -34.76 31.11 -37.50
CA ASP A 248 -33.92 31.75 -38.51
C ASP A 248 -32.59 31.04 -38.21
N ILE A 249 -32.37 29.95 -38.92
CA ILE A 249 -31.22 29.08 -38.76
C ILE A 249 -29.85 29.78 -38.69
N GLU A 250 -29.76 30.92 -39.38
CA GLU A 250 -28.55 31.74 -39.44
C GLU A 250 -28.25 32.34 -38.09
N ALA A 251 -29.32 32.58 -37.33
CA ALA A 251 -29.25 33.18 -36.00
C ALA A 251 -29.59 32.14 -34.93
N THR A 252 -29.28 30.87 -35.20
CA THR A 252 -29.60 29.81 -34.26
C THR A 252 -28.41 29.03 -33.71
N LEU A 253 -28.37 28.93 -32.38
CA LEU A 253 -27.35 28.15 -31.71
C LEU A 253 -28.00 26.83 -31.30
N PHE A 254 -27.44 25.73 -31.80
CA PHE A 254 -27.92 24.41 -31.47
C PHE A 254 -27.05 23.84 -30.37
N ILE A 255 -27.70 23.49 -29.26
CA ILE A 255 -27.03 22.94 -28.11
C ILE A 255 -27.37 21.45 -28.03
N VAL A 256 -26.39 20.60 -28.34
CA VAL A 256 -26.60 19.16 -28.28
C VAL A 256 -26.25 18.69 -26.87
N ALA A 257 -27.29 18.28 -26.15
CA ALA A 257 -27.16 17.83 -24.78
C ALA A 257 -27.44 16.35 -24.64
N SER A 258 -26.44 15.61 -24.20
CA SER A 258 -26.56 14.17 -23.98
C SER A 258 -25.41 13.69 -23.14
N LYS A 259 -25.72 12.96 -22.07
CA LYS A 259 -24.72 12.41 -21.15
C LYS A 259 -23.69 11.53 -21.83
N THR A 260 -24.18 10.47 -22.47
CA THR A 260 -23.34 9.51 -23.16
C THR A 260 -23.02 9.92 -24.61
N PHE A 261 -23.83 10.86 -25.12
CA PHE A 261 -23.75 11.38 -26.50
C PHE A 261 -23.99 10.27 -27.53
N THR A 262 -24.70 9.24 -27.09
CA THR A 262 -25.03 8.08 -27.91
C THR A 262 -26.53 7.88 -27.99
N THR A 263 -27.27 8.59 -27.12
CA THR A 263 -28.74 8.52 -27.06
C THR A 263 -29.31 8.73 -28.45
N GLN A 264 -29.93 7.67 -28.97
CA GLN A 264 -30.50 7.65 -30.31
C GLN A 264 -31.34 8.86 -30.69
N GLU A 265 -32.20 9.29 -29.76
CA GLU A 265 -33.06 10.45 -29.95
C GLU A 265 -32.29 11.74 -30.21
N THR A 266 -31.39 12.05 -29.29
CA THR A 266 -30.57 13.26 -29.34
C THR A 266 -29.63 13.31 -30.54
N ILE A 267 -29.03 12.17 -30.89
CA ILE A 267 -28.11 12.09 -32.03
C ILE A 267 -28.85 12.20 -33.36
N THR A 268 -30.01 11.55 -33.48
CA THR A 268 -30.81 11.60 -34.72
C THR A 268 -31.30 13.04 -34.96
N ASN A 269 -31.73 13.71 -33.89
CA ASN A 269 -32.20 15.09 -33.96
C ASN A 269 -31.05 16.05 -34.26
N ALA A 270 -29.90 15.79 -33.64
CA ALA A 270 -28.71 16.60 -33.84
C ALA A 270 -28.16 16.44 -35.25
N LEU A 271 -28.29 15.23 -35.81
CA LEU A 271 -27.85 14.96 -37.19
C LEU A 271 -28.75 15.67 -38.16
N SER A 272 -30.03 15.78 -37.81
CA SER A 272 -31.01 16.47 -38.65
C SER A 272 -30.90 17.97 -38.55
N ALA A 273 -30.46 18.44 -37.38
CA ALA A 273 -30.27 19.86 -37.12
C ALA A 273 -29.03 20.33 -37.90
N ARG A 274 -28.03 19.45 -37.98
CA ARG A 274 -26.78 19.71 -38.72
C ARG A 274 -27.06 19.69 -40.21
N ARG A 275 -27.87 18.71 -40.63
CA ARG A 275 -28.26 18.54 -42.02
C ARG A 275 -29.03 19.78 -42.46
N ALA A 276 -29.88 20.28 -41.56
CA ALA A 276 -30.69 21.48 -41.81
C ALA A 276 -29.83 22.71 -42.01
N LEU A 277 -28.79 22.85 -41.19
CA LEU A 277 -27.86 23.98 -41.29
C LEU A 277 -27.13 23.95 -42.62
N LEU A 278 -26.60 22.78 -42.95
CA LEU A 278 -25.86 22.54 -44.19
C LEU A 278 -26.76 22.67 -45.42
N ASP A 279 -28.02 22.25 -45.29
CA ASP A 279 -29.01 22.33 -46.36
C ASP A 279 -29.36 23.79 -46.69
N TYR A 280 -29.46 24.62 -45.65
CA TYR A 280 -29.77 26.04 -45.82
C TYR A 280 -28.67 26.75 -46.57
N LEU A 281 -27.44 26.56 -46.10
CA LEU A 281 -26.26 27.19 -46.71
C LEU A 281 -26.02 26.75 -48.14
N ARG A 282 -26.34 25.50 -48.45
CA ARG A 282 -26.18 24.94 -49.79
C ARG A 282 -27.23 25.51 -50.74
N SER A 283 -28.43 25.79 -50.21
CA SER A 283 -29.54 26.35 -51.00
C SER A 283 -29.32 27.81 -51.33
N ARG A 284 -28.54 28.49 -50.49
CA ARG A 284 -28.20 29.89 -50.65
C ARG A 284 -26.86 30.00 -51.37
N GLY A 285 -26.23 28.85 -51.65
CA GLY A 285 -24.96 28.78 -52.33
C GLY A 285 -23.75 29.18 -51.51
N ILE A 286 -23.94 29.33 -50.20
CA ILE A 286 -22.89 29.72 -49.25
C ILE A 286 -21.98 28.56 -48.86
N ASP A 287 -20.70 28.90 -48.68
CA ASP A 287 -19.63 27.98 -48.28
C ASP A 287 -19.96 27.56 -46.83
N GLU A 288 -20.07 26.25 -46.62
CA GLU A 288 -20.41 25.67 -45.33
C GLU A 288 -19.24 25.42 -44.37
N LYS A 289 -18.01 25.64 -44.83
CA LYS A 289 -16.82 25.40 -44.01
C LYS A 289 -16.77 26.23 -42.71
N GLY A 290 -16.74 25.51 -41.58
CA GLY A 290 -16.65 26.12 -40.27
C GLY A 290 -17.97 26.58 -39.70
N SER A 291 -19.07 26.23 -40.36
CA SER A 291 -20.42 26.61 -39.93
C SER A 291 -20.89 25.89 -38.67
N VAL A 292 -20.65 24.58 -38.63
CA VAL A 292 -21.03 23.71 -37.51
C VAL A 292 -20.42 24.19 -36.20
N ALA A 293 -19.16 24.62 -36.25
CA ALA A 293 -18.43 25.11 -35.07
C ALA A 293 -18.99 26.40 -34.47
N LYS A 294 -19.73 27.17 -35.27
CA LYS A 294 -20.34 28.42 -34.83
C LYS A 294 -21.78 28.25 -34.35
N HIS A 295 -22.46 27.25 -34.91
CA HIS A 295 -23.86 26.98 -34.58
C HIS A 295 -24.08 25.83 -33.60
N PHE A 296 -23.09 24.97 -33.44
CA PHE A 296 -23.22 23.81 -32.56
C PHE A 296 -22.27 23.75 -31.39
N VAL A 297 -22.83 23.44 -30.22
CA VAL A 297 -22.05 23.27 -28.99
C VAL A 297 -22.56 21.98 -28.36
N ALA A 298 -21.76 21.40 -27.47
CA ALA A 298 -22.13 20.15 -26.83
C ALA A 298 -22.01 20.14 -25.33
N LEU A 299 -22.93 19.42 -24.70
CA LEU A 299 -22.98 19.25 -23.25
C LEU A 299 -22.94 17.74 -23.10
N SER A 300 -21.76 17.22 -22.72
CA SER A 300 -21.58 15.78 -22.55
C SER A 300 -20.49 15.41 -21.55
N THR A 301 -20.39 14.11 -21.30
CA THR A 301 -19.36 13.52 -20.42
C THR A 301 -18.37 12.85 -21.36
N ASN A 302 -18.91 12.38 -22.48
CA ASN A 302 -18.18 11.70 -23.55
C ASN A 302 -17.52 12.74 -24.46
N ASN A 303 -16.20 12.74 -24.47
CA ASN A 303 -15.41 13.68 -25.28
C ASN A 303 -15.23 13.27 -26.73
N GLN A 304 -15.07 11.96 -26.97
CA GLN A 304 -14.85 11.42 -28.31
C GLN A 304 -16.04 11.42 -29.26
N LYS A 305 -17.25 11.17 -28.74
CA LYS A 305 -18.46 11.19 -29.58
C LYS A 305 -18.82 12.61 -30.01
N VAL A 306 -18.37 13.59 -29.22
CA VAL A 306 -18.56 15.02 -29.47
C VAL A 306 -17.62 15.45 -30.60
N LYS A 307 -16.40 14.92 -30.56
CA LYS A 307 -15.37 15.21 -31.56
C LYS A 307 -15.70 14.54 -32.91
N GLU A 308 -16.34 13.37 -32.84
CA GLU A 308 -16.77 12.57 -34.00
C GLU A 308 -17.95 13.22 -34.74
N PHE A 309 -18.71 14.02 -33.99
CA PHE A 309 -19.87 14.74 -34.49
C PHE A 309 -19.48 15.98 -35.30
N GLY A 310 -18.32 16.56 -34.98
CA GLY A 310 -17.85 17.74 -35.67
C GLY A 310 -17.93 19.03 -34.88
N ILE A 311 -17.83 18.93 -33.56
CA ILE A 311 -17.86 20.07 -32.65
C ILE A 311 -16.46 20.29 -32.07
N ASP A 312 -16.07 21.57 -31.94
CA ASP A 312 -14.78 21.99 -31.38
C ASP A 312 -14.72 21.66 -29.88
N GLU A 313 -13.53 21.29 -29.36
CA GLU A 313 -13.36 20.93 -27.94
C GLU A 313 -13.64 22.07 -26.97
N GLU A 314 -13.25 23.30 -27.35
CA GLU A 314 -13.54 24.49 -26.54
C GLU A 314 -15.08 24.80 -26.44
N ASN A 315 -15.87 24.17 -27.32
CA ASN A 315 -17.32 24.31 -27.33
C ASN A 315 -18.01 23.09 -26.73
N MET A 316 -17.24 22.31 -25.97
CA MET A 316 -17.77 21.15 -25.27
C MET A 316 -17.77 21.51 -23.79
N PHE A 317 -18.96 21.49 -23.20
CA PHE A 317 -19.16 21.81 -21.79
C PHE A 317 -19.28 20.50 -21.05
N GLN A 318 -18.26 20.25 -20.23
CA GLN A 318 -18.12 19.03 -19.46
C GLN A 318 -18.94 18.91 -18.19
N PHE A 319 -19.43 17.68 -18.00
CA PHE A 319 -20.15 17.25 -16.81
C PHE A 319 -19.72 15.79 -16.56
N TRP A 320 -19.98 15.26 -15.38
CA TRP A 320 -19.43 13.95 -15.00
C TRP A 320 -20.38 12.79 -14.82
N ASP A 321 -19.82 11.59 -14.64
CA ASP A 321 -20.61 10.39 -14.47
C ASP A 321 -21.42 10.41 -13.16
N TRP A 322 -20.93 11.15 -12.18
CA TRP A 322 -21.60 11.28 -10.89
C TRP A 322 -22.78 12.26 -10.90
N VAL A 323 -23.02 12.84 -12.07
CA VAL A 323 -24.13 13.76 -12.30
C VAL A 323 -25.19 12.93 -13.02
N GLY A 324 -26.23 12.53 -12.29
CA GLY A 324 -27.31 11.76 -12.89
C GLY A 324 -28.08 12.66 -13.83
N GLY A 325 -28.56 12.12 -14.95
CA GLY A 325 -29.31 12.89 -15.94
C GLY A 325 -30.45 13.71 -15.36
N ARG A 326 -31.26 13.09 -14.51
CA ARG A 326 -32.40 13.74 -13.86
C ARG A 326 -32.01 14.70 -12.72
N TYR A 327 -30.69 14.82 -12.50
CA TYR A 327 -30.09 15.67 -11.47
C TYR A 327 -29.00 16.53 -12.13
N SER A 328 -29.12 16.79 -13.44
CA SER A 328 -28.11 17.52 -14.22
C SER A 328 -28.36 18.96 -14.62
N MET A 329 -29.52 19.51 -14.32
CA MET A 329 -29.82 20.90 -14.71
C MET A 329 -28.86 21.93 -14.09
N TRP A 330 -28.14 21.48 -13.07
CA TRP A 330 -27.18 22.29 -12.33
C TRP A 330 -25.80 22.32 -12.96
N SER A 331 -25.57 21.37 -13.86
CA SER A 331 -24.30 21.22 -14.55
C SER A 331 -24.30 21.96 -15.87
N ALA A 332 -23.45 21.45 -16.78
CA ALA A 332 -23.28 21.94 -18.15
C ALA A 332 -24.63 21.87 -18.86
N ILE A 333 -25.45 20.87 -18.48
CA ILE A 333 -26.79 20.66 -19.03
C ILE A 333 -27.65 21.91 -18.88
N GLY A 334 -27.32 22.71 -17.86
CA GLY A 334 -28.00 23.94 -17.59
C GLY A 334 -27.59 25.12 -18.45
N LEU A 335 -26.77 24.88 -19.49
CA LEU A 335 -26.33 25.97 -20.39
C LEU A 335 -27.51 26.74 -21.02
N PRO A 336 -28.55 26.04 -21.55
CA PRO A 336 -29.66 26.83 -22.12
C PRO A 336 -30.40 27.67 -21.07
N ILE A 337 -30.33 27.25 -19.81
CA ILE A 337 -30.96 27.99 -18.69
C ILE A 337 -30.12 29.24 -18.45
N MET A 338 -28.79 29.06 -18.45
CA MET A 338 -27.86 30.18 -18.25
C MET A 338 -27.90 31.18 -19.41
N ILE A 339 -28.09 30.68 -20.64
CA ILE A 339 -28.18 31.55 -21.82
C ILE A 339 -29.47 32.39 -21.73
N SER A 340 -30.51 31.78 -21.15
CA SER A 340 -31.79 32.44 -21.00
C SER A 340 -31.81 33.47 -19.88
N ILE A 341 -31.46 33.04 -18.67
CA ILE A 341 -31.49 33.90 -17.48
C ILE A 341 -30.23 34.65 -17.08
N GLY A 342 -29.09 34.24 -17.65
CA GLY A 342 -27.83 34.88 -17.31
C GLY A 342 -27.08 34.14 -16.24
N TYR A 343 -25.79 34.42 -16.14
CA TYR A 343 -24.91 33.79 -15.13
C TYR A 343 -25.34 34.07 -13.70
N GLU A 344 -25.54 35.35 -13.37
CA GLU A 344 -25.93 35.75 -12.02
C GLU A 344 -27.19 35.07 -11.52
N ASN A 345 -28.16 34.92 -12.41
CA ASN A 345 -29.41 34.27 -12.08
C ASN A 345 -29.22 32.75 -11.99
N PHE A 346 -28.27 32.20 -12.76
CA PHE A 346 -27.97 30.77 -12.73
C PHE A 346 -27.25 30.47 -11.41
N VAL A 347 -26.42 31.40 -10.94
CA VAL A 347 -25.70 31.25 -9.67
C VAL A 347 -26.73 31.29 -8.54
N GLU A 348 -27.76 32.11 -8.70
CA GLU A 348 -28.83 32.19 -7.70
C GLU A 348 -29.56 30.85 -7.67
N LEU A 349 -29.76 30.26 -8.85
CA LEU A 349 -30.42 28.95 -9.00
C LEU A 349 -29.63 27.89 -8.24
N LEU A 350 -28.31 27.93 -8.39
CA LEU A 350 -27.39 27.03 -7.72
C LEU A 350 -27.37 27.28 -6.21
N THR A 351 -27.37 28.55 -5.81
CA THR A 351 -27.32 28.93 -4.39
C THR A 351 -28.58 28.50 -3.64
N GLY A 352 -29.72 28.50 -4.32
CA GLY A 352 -30.97 28.08 -3.70
C GLY A 352 -30.89 26.61 -3.37
N ALA A 353 -30.31 25.87 -4.31
CA ALA A 353 -30.10 24.45 -4.16
C ALA A 353 -29.10 24.18 -3.05
N HIS A 354 -28.05 25.01 -3.01
CA HIS A 354 -27.00 24.90 -1.99
C HIS A 354 -27.56 25.15 -0.59
N VAL A 355 -28.44 26.14 -0.45
CA VAL A 355 -29.05 26.48 0.84
C VAL A 355 -29.87 25.29 1.35
N ILE A 356 -30.58 24.63 0.45
CA ILE A 356 -31.38 23.46 0.83
C ILE A 356 -30.50 22.23 1.06
N ASP A 357 -29.35 22.17 0.37
CA ASP A 357 -28.39 21.08 0.55
C ASP A 357 -27.81 21.16 1.97
N GLU A 358 -27.48 22.37 2.39
CA GLU A 358 -26.93 22.66 3.72
C GLU A 358 -27.97 22.40 4.81
N HIS A 359 -29.21 22.79 4.52
CA HIS A 359 -30.36 22.59 5.41
C HIS A 359 -30.60 21.08 5.59
N PHE A 360 -30.64 20.36 4.47
CA PHE A 360 -30.86 18.92 4.47
C PHE A 360 -29.81 18.16 5.28
N ALA A 361 -28.55 18.45 5.02
CA ALA A 361 -27.43 17.81 5.71
C ALA A 361 -27.19 18.24 7.16
N ASN A 362 -27.67 19.42 7.55
CA ASN A 362 -27.37 19.92 8.89
C ASN A 362 -28.53 20.17 9.84
N ALA A 363 -29.71 20.43 9.30
CA ALA A 363 -30.88 20.70 10.14
C ALA A 363 -31.33 19.47 10.93
N PRO A 364 -31.84 19.66 12.19
CA PRO A 364 -32.30 18.54 13.03
C PRO A 364 -33.47 17.80 12.35
N PRO A 365 -33.58 16.46 12.52
CA PRO A 365 -34.64 15.64 11.92
C PRO A 365 -36.08 16.19 11.91
N GLU A 366 -36.53 16.66 13.07
CA GLU A 366 -37.88 17.19 13.25
C GLU A 366 -38.15 18.53 12.54
N GLN A 367 -37.07 19.20 12.12
CA GLN A 367 -37.16 20.49 11.42
C GLN A 367 -36.50 20.45 10.05
N ASN A 368 -36.28 19.25 9.54
CA ASN A 368 -35.64 19.02 8.24
C ASN A 368 -36.73 18.85 7.17
N VAL A 369 -36.87 19.85 6.30
CA VAL A 369 -37.89 19.85 5.24
C VAL A 369 -37.91 18.68 4.25
N PRO A 370 -36.77 18.33 3.59
CA PRO A 370 -36.88 17.20 2.65
C PRO A 370 -37.09 15.84 3.31
N LEU A 371 -36.58 15.68 4.53
CA LEU A 371 -36.73 14.45 5.29
C LEU A 371 -38.19 14.29 5.68
N LEU A 372 -38.80 15.37 6.17
CA LEU A 372 -40.22 15.36 6.57
C LEU A 372 -41.13 15.12 5.38
N LEU A 373 -40.80 15.74 4.25
CA LEU A 373 -41.56 15.59 3.01
C LEU A 373 -41.49 14.14 2.53
N ALA A 374 -40.32 13.54 2.73
CA ALA A 374 -40.08 12.15 2.35
C ALA A 374 -40.80 11.16 3.26
N LEU A 375 -40.79 11.46 4.56
CA LEU A 375 -41.43 10.62 5.57
C LEU A 375 -42.95 10.67 5.48
N VAL A 376 -43.49 11.82 5.06
CA VAL A 376 -44.93 12.01 4.87
C VAL A 376 -45.30 11.14 3.67
N GLY A 377 -44.42 11.14 2.67
CA GLY A 377 -44.61 10.34 1.46
C GLY A 377 -44.58 8.85 1.75
N VAL A 378 -43.59 8.40 2.53
CA VAL A 378 -43.43 6.99 2.92
C VAL A 378 -44.66 6.54 3.71
N TRP A 379 -45.16 7.43 4.57
CA TRP A 379 -46.34 7.16 5.37
C TRP A 379 -47.55 6.86 4.49
N TYR A 380 -47.72 7.65 3.43
CA TYR A 380 -48.81 7.47 2.51
C TYR A 380 -48.66 6.34 1.50
N ILE A 381 -47.46 6.19 0.97
CA ILE A 381 -47.19 5.15 -0.02
C ILE A 381 -47.20 3.74 0.59
N ASN A 382 -46.45 3.58 1.67
CA ASN A 382 -46.30 2.28 2.31
C ASN A 382 -47.33 1.84 3.33
N PHE A 383 -48.04 2.77 3.94
CA PHE A 383 -49.01 2.37 4.93
C PHE A 383 -50.44 2.58 4.44
N PHE A 384 -50.67 3.70 3.79
CA PHE A 384 -51.99 3.98 3.24
C PHE A 384 -52.19 3.30 1.89
N GLY A 385 -51.07 2.96 1.25
CA GLY A 385 -51.10 2.31 -0.05
C GLY A 385 -51.39 3.27 -1.18
N ALA A 386 -51.09 4.55 -0.98
CA ALA A 386 -51.29 5.60 -1.98
C ALA A 386 -50.16 5.55 -2.99
N VAL A 387 -50.46 5.00 -4.16
CA VAL A 387 -49.49 4.81 -5.24
C VAL A 387 -49.29 6.00 -6.17
N THR A 388 -50.02 7.09 -5.91
CA THR A 388 -49.90 8.29 -6.72
C THR A 388 -49.58 9.48 -5.84
N HIS A 389 -48.98 10.50 -6.44
CA HIS A 389 -48.60 11.72 -5.75
C HIS A 389 -48.75 12.86 -6.74
N ALA A 390 -49.57 13.84 -6.38
CA ALA A 390 -49.81 14.99 -7.25
C ALA A 390 -48.95 16.19 -6.95
N ILE A 391 -48.30 16.73 -8.00
CA ILE A 391 -47.49 17.92 -7.87
C ILE A 391 -48.36 18.99 -8.51
N LEU A 392 -48.89 19.87 -7.68
CA LEU A 392 -49.81 20.92 -8.13
C LEU A 392 -49.22 22.30 -7.88
N PRO A 393 -48.36 22.77 -8.81
CA PRO A 393 -47.78 24.08 -8.61
C PRO A 393 -48.68 25.24 -9.02
N TYR A 394 -48.99 26.08 -8.04
CA TYR A 394 -49.81 27.25 -8.29
C TYR A 394 -48.90 28.38 -8.72
N ASP A 395 -48.40 28.23 -9.93
CA ASP A 395 -47.53 29.16 -10.60
C ASP A 395 -47.47 28.65 -12.02
N GLN A 396 -47.97 29.47 -12.95
CA GLN A 396 -48.00 29.13 -14.36
C GLN A 396 -46.62 28.90 -14.95
N TYR A 397 -45.61 29.59 -14.42
CA TYR A 397 -44.23 29.44 -14.88
C TYR A 397 -43.73 28.03 -14.55
N LEU A 398 -44.26 27.45 -13.47
CA LEU A 398 -43.91 26.10 -13.03
C LEU A 398 -44.77 25.02 -13.68
N TRP A 399 -45.35 25.31 -14.85
CA TRP A 399 -46.21 24.34 -15.54
C TRP A 399 -45.52 23.05 -16.00
N ARG A 400 -44.19 23.10 -16.18
CA ARG A 400 -43.41 21.93 -16.57
C ARG A 400 -42.70 21.26 -15.41
N LEU A 401 -43.02 21.71 -14.19
CA LEU A 401 -42.46 21.14 -12.97
C LEU A 401 -42.96 19.71 -12.71
N PRO A 402 -44.28 19.42 -12.89
CA PRO A 402 -44.74 18.04 -12.65
C PRO A 402 -44.05 17.02 -13.55
N ALA A 403 -43.82 17.41 -14.81
CA ALA A 403 -43.15 16.55 -15.80
C ALA A 403 -41.71 16.32 -15.39
N TYR A 404 -41.08 17.36 -14.83
CA TYR A 404 -39.69 17.27 -14.38
C TYR A 404 -39.60 16.33 -13.18
N LEU A 405 -40.51 16.52 -12.23
CA LEU A 405 -40.56 15.71 -11.02
C LEU A 405 -40.97 14.28 -11.30
N GLN A 406 -41.61 14.05 -12.45
CA GLN A 406 -41.99 12.71 -12.86
C GLN A 406 -40.70 11.96 -13.10
N GLN A 407 -39.75 12.59 -13.80
CA GLN A 407 -38.47 11.95 -14.03
C GLN A 407 -37.67 11.82 -12.75
N LEU A 408 -37.55 12.92 -12.02
CA LEU A 408 -36.81 12.96 -10.78
C LEU A 408 -37.25 11.90 -9.78
N ASP A 409 -38.57 11.74 -9.62
CA ASP A 409 -39.09 10.77 -8.68
C ASP A 409 -39.21 9.37 -9.28
N MET A 410 -39.99 9.24 -10.34
CA MET A 410 -40.24 7.94 -10.98
C MET A 410 -39.06 7.19 -11.57
N GLU A 411 -38.13 7.89 -12.23
CA GLU A 411 -36.96 7.22 -12.79
C GLU A 411 -35.96 6.89 -11.69
N SER A 412 -36.01 7.65 -10.59
CA SER A 412 -35.13 7.41 -9.46
C SER A 412 -35.64 6.29 -8.59
N ASN A 413 -36.89 6.43 -8.15
CA ASN A 413 -37.46 5.47 -7.24
C ASN A 413 -38.40 4.38 -7.73
N GLY A 414 -38.52 4.27 -9.06
CA GLY A 414 -39.36 3.24 -9.64
C GLY A 414 -38.51 2.01 -9.83
N LYS A 415 -38.13 1.43 -8.68
CA LYS A 415 -37.27 0.26 -8.59
C LYS A 415 -37.96 -0.81 -7.78
N TYR A 416 -37.65 -2.07 -8.07
CA TYR A 416 -38.22 -3.16 -7.30
C TYR A 416 -37.19 -4.09 -6.69
N VAL A 417 -35.94 -3.67 -6.81
CA VAL A 417 -34.80 -4.40 -6.28
C VAL A 417 -33.95 -3.43 -5.45
N THR A 418 -33.46 -3.93 -4.31
CA THR A 418 -32.62 -3.16 -3.41
C THR A 418 -31.18 -3.12 -3.93
N ARG A 419 -30.31 -2.36 -3.26
CA ARG A 419 -28.89 -2.24 -3.61
C ARG A 419 -28.21 -3.60 -3.41
N SER A 420 -28.69 -4.34 -2.41
CA SER A 420 -28.16 -5.66 -2.06
C SER A 420 -28.58 -6.77 -3.03
N GLY A 421 -29.37 -6.40 -4.03
CA GLY A 421 -29.83 -7.35 -5.03
C GLY A 421 -31.07 -8.13 -4.66
N LYS A 422 -31.72 -7.71 -3.57
CA LYS A 422 -32.93 -8.37 -3.09
C LYS A 422 -34.19 -7.67 -3.56
N THR A 423 -35.25 -8.46 -3.74
CA THR A 423 -36.57 -7.97 -4.16
C THR A 423 -37.17 -7.14 -3.02
N VAL A 424 -37.67 -5.93 -3.32
CA VAL A 424 -38.28 -5.09 -2.27
C VAL A 424 -39.55 -5.74 -1.72
N SER A 425 -39.78 -5.59 -0.42
CA SER A 425 -40.96 -6.15 0.21
C SER A 425 -41.97 -5.06 0.51
N THR A 426 -41.71 -3.87 -0.01
CA THR A 426 -42.58 -2.71 0.16
C THR A 426 -42.78 -2.04 -1.18
N LEU A 427 -43.80 -1.17 -1.24
CA LEU A 427 -44.06 -0.39 -2.43
C LEU A 427 -42.96 0.66 -2.48
N THR A 428 -42.52 0.99 -3.69
CA THR A 428 -41.50 2.02 -3.82
C THR A 428 -42.07 3.29 -4.44
N GLY A 429 -41.37 3.85 -5.41
CA GLY A 429 -41.79 5.09 -6.06
C GLY A 429 -43.21 5.16 -6.57
N PRO A 430 -43.92 6.27 -6.29
CA PRO A 430 -45.30 6.47 -6.73
C PRO A 430 -45.37 7.08 -8.12
N ILE A 431 -46.58 7.07 -8.68
CA ILE A 431 -46.84 7.68 -9.97
C ILE A 431 -47.03 9.16 -9.69
N ILE A 432 -46.19 9.98 -10.31
CA ILE A 432 -46.27 11.43 -10.14
C ILE A 432 -47.07 11.98 -11.32
N PHE A 433 -47.95 12.93 -11.01
CA PHE A 433 -48.75 13.60 -12.03
C PHE A 433 -49.10 14.98 -11.51
N GLY A 434 -49.75 15.75 -12.36
CA GLY A 434 -50.16 17.08 -11.97
C GLY A 434 -50.03 18.07 -13.10
N GLU A 435 -50.73 19.17 -12.92
CA GLU A 435 -50.76 20.30 -13.83
C GLU A 435 -50.74 21.52 -12.96
N ALA A 436 -50.20 22.63 -13.52
CA ALA A 436 -50.19 23.86 -12.80
C ALA A 436 -51.62 24.28 -12.53
N GLY A 437 -51.85 24.74 -11.28
CA GLY A 437 -53.15 25.22 -10.92
C GLY A 437 -53.21 26.62 -11.41
N THR A 438 -54.45 27.17 -11.61
CA THR A 438 -55.72 26.48 -11.37
C THR A 438 -56.33 25.56 -12.45
N ASN A 439 -55.53 25.23 -13.48
CA ASN A 439 -56.10 24.42 -14.55
C ASN A 439 -56.48 23.02 -14.11
N GLY A 440 -55.71 22.50 -13.11
CA GLY A 440 -55.96 21.18 -12.59
C GLY A 440 -57.29 21.02 -11.92
N GLN A 441 -57.80 22.14 -11.35
CA GLN A 441 -59.07 22.22 -10.66
C GLN A 441 -60.24 21.91 -11.54
N HIS A 442 -60.11 22.37 -12.78
CA HIS A 442 -61.12 22.20 -13.81
C HIS A 442 -60.79 21.02 -14.67
N ALA A 443 -59.85 20.20 -14.20
CA ALA A 443 -59.42 19.03 -14.92
C ALA A 443 -59.54 17.72 -14.13
N PHE A 444 -58.86 17.60 -13.00
CA PHE A 444 -58.91 16.35 -12.24
C PHE A 444 -59.10 16.44 -10.74
N TYR A 445 -59.39 17.63 -10.22
CA TYR A 445 -59.58 17.79 -8.78
C TYR A 445 -60.82 17.09 -8.29
N GLN A 446 -61.74 16.87 -9.24
CA GLN A 446 -62.99 16.17 -8.99
C GLN A 446 -62.65 14.78 -8.45
N LEU A 447 -61.65 14.15 -9.06
CA LEU A 447 -61.18 12.84 -8.65
C LEU A 447 -60.46 12.91 -7.30
N ILE A 448 -59.63 13.93 -7.11
CA ILE A 448 -58.90 14.05 -5.83
C ILE A 448 -59.89 14.28 -4.67
N HIS A 449 -60.95 15.03 -4.93
CA HIS A 449 -61.95 15.32 -3.91
C HIS A 449 -62.97 14.21 -3.71
N GLN A 450 -63.51 13.71 -4.82
CA GLN A 450 -64.54 12.68 -4.77
C GLN A 450 -64.28 11.34 -5.42
N GLY A 451 -63.00 11.00 -5.60
CA GLY A 451 -62.67 9.72 -6.19
C GLY A 451 -62.46 8.65 -5.14
N THR A 452 -62.19 7.44 -5.61
CA THR A 452 -61.99 6.29 -4.73
C THR A 452 -60.51 6.08 -4.40
N ASN A 453 -59.69 7.06 -4.73
CA ASN A 453 -58.25 6.99 -4.50
C ASN A 453 -57.78 8.10 -3.59
N LEU A 454 -56.88 7.75 -2.68
CA LEU A 454 -56.27 8.72 -1.77
C LEU A 454 -55.05 9.23 -2.53
N ILE A 455 -55.05 10.54 -2.83
CA ILE A 455 -53.97 11.15 -3.58
C ILE A 455 -53.23 12.26 -2.82
N PRO A 456 -52.02 11.96 -2.28
CA PRO A 456 -51.23 12.94 -1.54
C PRO A 456 -50.85 14.03 -2.54
N CYS A 457 -51.07 15.28 -2.16
CA CYS A 457 -50.81 16.40 -3.05
C CYS A 457 -49.79 17.38 -2.50
N ASP A 458 -48.99 17.94 -3.41
CA ASP A 458 -48.01 18.95 -3.07
C ASP A 458 -48.45 20.23 -3.76
N PHE A 459 -48.94 21.16 -2.96
CA PHE A 459 -49.39 22.45 -3.45
C PHE A 459 -48.24 23.43 -3.26
N ILE A 460 -47.69 23.90 -4.38
CA ILE A 460 -46.56 24.84 -4.37
C ILE A 460 -47.03 26.20 -4.86
N GLY A 461 -46.75 27.25 -4.09
CA GLY A 461 -47.16 28.58 -4.49
C GLY A 461 -46.23 29.67 -4.01
N ALA A 462 -46.35 30.81 -4.68
CA ALA A 462 -45.58 32.02 -4.40
C ALA A 462 -46.47 33.07 -3.78
N ILE A 463 -45.97 33.78 -2.78
CA ILE A 463 -46.73 34.85 -2.11
C ILE A 463 -46.82 36.06 -3.03
N GLN A 464 -45.72 36.37 -3.70
CA GLN A 464 -45.63 37.50 -4.63
C GLN A 464 -45.46 37.02 -6.05
N SER A 465 -46.29 37.56 -6.94
CA SER A 465 -46.23 37.23 -8.36
C SER A 465 -45.18 38.13 -8.99
N GLN A 466 -44.64 37.69 -10.11
CA GLN A 466 -43.67 38.47 -10.87
C GLN A 466 -44.43 39.39 -11.80
N ASN A 467 -45.72 39.10 -11.95
CA ASN A 467 -46.62 39.85 -12.81
C ASN A 467 -47.77 40.43 -11.98
N LYS A 468 -47.67 41.73 -11.77
CA LYS A 468 -48.66 42.49 -11.00
C LYS A 468 -49.80 42.91 -11.92
N ILE A 469 -50.67 41.94 -12.15
CA ILE A 469 -51.85 42.12 -13.01
C ILE A 469 -53.12 42.15 -12.17
N GLY A 470 -53.69 43.38 -12.05
CA GLY A 470 -54.89 43.61 -11.30
C GLY A 470 -54.94 42.93 -9.97
N ASP A 471 -56.00 42.13 -9.76
CA ASP A 471 -56.21 41.36 -8.55
C ASP A 471 -56.00 39.86 -8.79
N HIS A 472 -55.46 39.52 -9.97
CA HIS A 472 -55.21 38.13 -10.38
C HIS A 472 -54.54 37.25 -9.35
N HIS A 473 -53.50 37.75 -8.70
CA HIS A 473 -52.79 36.95 -7.70
C HIS A 473 -53.57 36.61 -6.44
N LYS A 474 -54.41 37.53 -5.93
CA LYS A 474 -55.20 37.22 -4.74
C LYS A 474 -56.33 36.24 -5.09
N ILE A 475 -56.88 36.37 -6.31
CA ILE A 475 -57.95 35.49 -6.80
C ILE A 475 -57.36 34.10 -7.00
N PHE A 476 -56.14 34.10 -7.52
CA PHE A 476 -55.37 32.89 -7.78
C PHE A 476 -55.06 32.16 -6.48
N MET A 477 -54.52 32.91 -5.51
CA MET A 477 -54.14 32.34 -4.24
C MET A 477 -55.26 31.97 -3.30
N SER A 478 -56.47 32.43 -3.61
CA SER A 478 -57.64 32.08 -2.81
C SER A 478 -57.95 30.60 -3.05
N ASN A 479 -57.67 30.16 -4.28
CA ASN A 479 -57.84 28.76 -4.70
C ASN A 479 -56.75 27.91 -4.07
N PHE A 480 -55.53 28.46 -4.01
CA PHE A 480 -54.37 27.77 -3.44
C PHE A 480 -54.61 27.31 -1.99
N PHE A 481 -55.06 28.22 -1.15
CA PHE A 481 -55.29 27.91 0.25
C PHE A 481 -56.58 27.13 0.46
N ALA A 482 -57.54 27.41 -0.42
CA ALA A 482 -58.86 26.79 -0.38
C ALA A 482 -58.88 25.34 -0.71
N GLN A 483 -58.16 24.97 -1.76
CA GLN A 483 -58.11 23.59 -2.21
C GLN A 483 -57.53 22.64 -1.20
N THR A 484 -56.50 23.08 -0.47
CA THR A 484 -55.88 22.27 0.57
C THR A 484 -56.82 22.16 1.76
N GLU A 485 -57.48 23.28 2.07
CA GLU A 485 -58.45 23.36 3.16
C GLU A 485 -59.61 22.42 2.82
N ALA A 486 -60.07 22.51 1.57
CA ALA A 486 -61.16 21.71 1.04
C ALA A 486 -60.91 20.22 1.14
N LEU A 487 -59.72 19.81 0.69
CA LEU A 487 -59.27 18.43 0.72
C LEU A 487 -59.23 17.90 2.14
N MET A 488 -58.87 18.77 3.07
CA MET A 488 -58.77 18.41 4.47
C MET A 488 -60.11 18.35 5.22
N ILE A 489 -60.82 19.48 5.27
CA ILE A 489 -62.09 19.55 5.99
C ILE A 489 -63.28 18.86 5.37
N GLY A 490 -63.36 18.88 4.04
CA GLY A 490 -64.47 18.27 3.34
C GLY A 490 -65.78 18.98 3.62
N LYS A 491 -66.88 18.25 3.49
CA LYS A 491 -68.21 18.78 3.73
C LYS A 491 -69.09 17.57 4.03
N SER A 492 -69.44 17.43 5.31
CA SER A 492 -70.26 16.32 5.83
C SER A 492 -71.72 16.41 5.36
N PRO A 493 -72.50 15.29 5.43
CA PRO A 493 -73.92 15.33 5.00
C PRO A 493 -74.74 16.38 5.74
N SER A 494 -74.41 16.58 7.02
CA SER A 494 -75.08 17.56 7.89
C SER A 494 -74.88 18.99 7.39
N GLU A 495 -73.65 19.28 6.95
CA GLU A 495 -73.28 20.59 6.41
C GLU A 495 -73.97 20.89 5.09
N VAL A 496 -74.13 19.83 4.29
CA VAL A 496 -74.77 19.91 2.98
C VAL A 496 -76.28 20.13 3.14
N ARG A 497 -76.89 19.41 4.09
CA ARG A 497 -78.33 19.51 4.38
C ARG A 497 -78.69 20.90 4.88
N ARG A 498 -77.83 21.43 5.75
CA ARG A 498 -77.98 22.76 6.33
C ARG A 498 -77.91 23.85 5.28
N GLU A 499 -76.93 23.73 4.38
CA GLU A 499 -76.67 24.69 3.30
C GLU A 499 -77.83 24.74 2.32
N LEU A 500 -78.41 23.58 2.07
CA LEU A 500 -79.54 23.47 1.15
C LEU A 500 -80.79 24.06 1.82
N GLU A 501 -80.88 23.85 3.12
CA GLU A 501 -82.00 24.36 3.93
C GLU A 501 -81.85 25.88 4.09
N ALA A 502 -80.61 26.34 3.92
CA ALA A 502 -80.21 27.76 4.02
C ALA A 502 -80.62 28.52 2.78
N ALA A 503 -80.57 27.84 1.62
CA ALA A 503 -81.02 28.47 0.39
C ALA A 503 -82.57 28.30 0.41
N GLY A 504 -83.22 28.29 -0.76
CA GLY A 504 -84.65 28.14 -0.79
C GLY A 504 -85.14 26.73 -1.07
N GLU A 505 -84.45 25.72 -0.50
CA GLU A 505 -84.83 24.33 -0.70
C GLU A 505 -85.80 23.79 0.31
N ARG A 506 -87.02 23.50 -0.16
CA ARG A 506 -88.13 22.98 0.61
C ARG A 506 -88.32 21.49 0.33
N SER A 507 -87.72 21.03 -0.78
CA SER A 507 -87.81 19.68 -1.27
C SER A 507 -86.87 18.69 -0.62
N ALA A 508 -87.42 17.80 0.22
CA ALA A 508 -86.66 16.77 0.90
C ALA A 508 -86.11 15.75 -0.10
N GLU A 509 -86.81 15.61 -1.23
CA GLU A 509 -86.42 14.70 -2.31
C GLU A 509 -85.13 15.21 -2.96
N LYS A 510 -85.11 16.50 -3.31
CA LYS A 510 -83.97 17.16 -3.93
C LYS A 510 -82.77 17.14 -2.98
N ILE A 511 -83.03 17.37 -1.68
CA ILE A 511 -81.98 17.37 -0.65
C ILE A 511 -81.39 15.97 -0.50
N ASN A 512 -82.28 14.98 -0.33
CA ASN A 512 -81.88 13.59 -0.18
C ASN A 512 -81.13 13.05 -1.41
N ALA A 513 -81.56 13.47 -2.61
CA ALA A 513 -80.95 13.03 -3.87
C ALA A 513 -79.57 13.61 -4.13
N LEU A 514 -79.43 14.90 -3.83
CA LEU A 514 -78.18 15.65 -4.03
C LEU A 514 -77.17 15.50 -2.92
N LEU A 515 -77.65 15.16 -1.72
CA LEU A 515 -76.83 15.01 -0.52
C LEU A 515 -75.53 14.20 -0.66
N PRO A 516 -75.59 12.92 -1.13
CA PRO A 516 -74.34 12.16 -1.25
C PRO A 516 -73.37 12.65 -2.34
N HIS A 517 -73.94 13.24 -3.40
CA HIS A 517 -73.16 13.77 -4.51
C HIS A 517 -72.41 15.05 -4.13
N LYS A 518 -73.01 15.81 -3.21
CA LYS A 518 -72.44 17.06 -2.73
C LYS A 518 -71.59 16.88 -1.48
N THR A 519 -71.54 15.65 -0.96
CA THR A 519 -70.76 15.35 0.23
C THR A 519 -69.29 15.10 -0.14
N PHE A 520 -68.41 15.69 0.67
CA PHE A 520 -66.97 15.56 0.52
C PHE A 520 -66.48 14.92 1.79
N ILE A 521 -65.96 13.69 1.69
CA ILE A 521 -65.46 12.96 2.87
C ILE A 521 -64.32 13.68 3.56
N GLY A 522 -63.59 14.48 2.79
CA GLY A 522 -62.45 15.21 3.32
C GLY A 522 -61.37 14.24 3.70
N GLY A 523 -60.49 14.66 4.62
CA GLY A 523 -59.40 13.83 5.05
C GLY A 523 -58.46 13.45 3.92
N ARG A 524 -58.42 14.30 2.89
CA ARG A 524 -57.55 14.08 1.74
C ARG A 524 -56.30 14.91 2.06
N PRO A 525 -55.13 14.26 2.13
CA PRO A 525 -53.89 14.95 2.44
C PRO A 525 -53.29 15.87 1.42
N SER A 526 -52.53 16.84 1.93
CA SER A 526 -51.84 17.80 1.10
C SER A 526 -50.69 18.39 1.89
N ASN A 527 -49.67 18.79 1.14
CA ASN A 527 -48.52 19.47 1.69
C ASN A 527 -48.58 20.80 0.97
N THR A 528 -48.31 21.87 1.71
CA THR A 528 -48.30 23.17 1.10
C THR A 528 -46.86 23.69 1.17
N LEU A 529 -46.33 24.03 -0.01
CA LEU A 529 -45.01 24.59 -0.16
C LEU A 529 -45.24 26.04 -0.55
N LEU A 530 -44.91 26.94 0.35
CA LEU A 530 -45.11 28.35 0.12
C LEU A 530 -43.78 29.10 0.13
N ILE A 531 -43.54 29.85 -0.94
CA ILE A 531 -42.32 30.65 -1.07
C ILE A 531 -42.75 32.12 -1.16
N LYS A 532 -41.83 33.04 -0.88
CA LYS A 532 -42.17 34.47 -0.98
C LYS A 532 -42.38 34.85 -2.44
N SER A 533 -41.50 34.33 -3.31
CA SER A 533 -41.59 34.57 -4.75
C SER A 533 -40.75 33.54 -5.49
N LEU A 534 -41.10 33.27 -6.74
CA LEU A 534 -40.39 32.32 -7.57
C LEU A 534 -39.21 32.97 -8.28
N THR A 535 -38.14 33.14 -7.50
CA THR A 535 -36.88 33.72 -7.95
C THR A 535 -36.00 32.53 -8.36
N PRO A 536 -34.87 32.77 -9.08
CA PRO A 536 -34.04 31.62 -9.44
C PRO A 536 -33.58 30.83 -8.23
N ARG A 537 -33.36 31.54 -7.12
CA ARG A 537 -32.94 30.95 -5.86
C ARG A 537 -34.03 30.05 -5.30
N ALA A 538 -35.28 30.51 -5.42
CA ALA A 538 -36.44 29.76 -4.95
C ALA A 538 -36.65 28.46 -5.73
N LEU A 539 -36.46 28.53 -7.05
CA LEU A 539 -36.60 27.35 -7.91
C LEU A 539 -35.53 26.33 -7.54
N GLY A 540 -34.31 26.82 -7.34
CA GLY A 540 -33.19 25.97 -6.95
C GLY A 540 -33.47 25.24 -5.66
N ALA A 541 -34.08 25.98 -4.73
CA ALA A 541 -34.46 25.47 -3.43
C ALA A 541 -35.52 24.39 -3.50
N ILE A 542 -36.49 24.58 -4.41
CA ILE A 542 -37.59 23.64 -4.60
C ILE A 542 -37.13 22.32 -5.23
N ILE A 543 -36.29 22.40 -6.26
CA ILE A 543 -35.80 21.20 -6.94
C ILE A 543 -34.91 20.37 -6.02
N ALA A 544 -34.02 21.06 -5.30
CA ALA A 544 -33.09 20.42 -4.36
C ALA A 544 -33.85 19.69 -3.27
N MET A 545 -34.94 20.30 -2.81
CA MET A 545 -35.80 19.71 -1.78
C MET A 545 -36.39 18.39 -2.28
N TYR A 546 -36.85 18.39 -3.53
CA TYR A 546 -37.43 17.20 -4.14
C TYR A 546 -36.37 16.15 -4.43
N GLU A 547 -35.16 16.59 -4.79
CA GLU A 547 -34.05 15.68 -5.07
C GLU A 547 -33.69 14.96 -3.79
N HIS A 548 -33.71 15.71 -2.69
CA HIS A 548 -33.39 15.19 -1.37
C HIS A 548 -34.51 14.37 -0.75
N LYS A 549 -35.75 14.63 -1.18
CA LYS A 549 -36.93 13.89 -0.72
C LYS A 549 -36.80 12.50 -1.33
N VAL A 550 -36.48 12.49 -2.61
CA VAL A 550 -36.30 11.28 -3.40
C VAL A 550 -35.16 10.44 -2.82
N LEU A 551 -34.09 11.12 -2.39
CA LEU A 551 -32.92 10.47 -1.78
C LEU A 551 -33.34 9.69 -0.53
N VAL A 552 -34.03 10.37 0.39
CA VAL A 552 -34.49 9.76 1.65
C VAL A 552 -35.44 8.61 1.41
N GLN A 553 -36.42 8.81 0.52
CA GLN A 553 -37.38 7.76 0.20
C GLN A 553 -36.68 6.53 -0.38
N GLY A 554 -35.73 6.79 -1.27
CA GLY A 554 -34.95 5.72 -1.89
C GLY A 554 -34.11 4.95 -0.89
N ALA A 555 -33.54 5.68 0.06
CA ALA A 555 -32.69 5.12 1.11
C ALA A 555 -33.49 4.34 2.16
N ILE A 556 -34.72 4.77 2.41
CA ILE A 556 -35.62 4.10 3.37
C ILE A 556 -36.00 2.75 2.77
N TRP A 557 -36.30 2.77 1.47
CA TRP A 557 -36.68 1.56 0.74
C TRP A 557 -35.50 0.65 0.45
N GLY A 558 -34.29 1.22 0.59
CA GLY A 558 -33.05 0.49 0.37
C GLY A 558 -32.68 0.31 -1.09
N ILE A 559 -33.31 1.08 -1.96
CA ILE A 559 -33.05 1.01 -3.39
C ILE A 559 -31.99 2.00 -3.86
N ASP A 560 -31.56 1.84 -5.11
CA ASP A 560 -30.59 2.72 -5.72
C ASP A 560 -31.40 3.74 -6.51
N SER A 561 -31.56 4.93 -5.93
CA SER A 561 -32.31 6.02 -6.55
C SER A 561 -31.54 6.71 -7.67
N TYR A 562 -30.37 6.18 -8.02
CA TYR A 562 -29.53 6.86 -9.00
C TYR A 562 -29.19 6.13 -10.28
N ASP A 563 -29.68 4.91 -10.42
CA ASP A 563 -29.46 4.13 -11.63
C ASP A 563 -30.76 4.09 -12.43
N GLN A 564 -30.73 3.51 -13.63
CA GLN A 564 -31.90 3.40 -14.50
C GLN A 564 -31.81 2.21 -15.45
N TRP A 565 -31.73 1.02 -14.86
CA TRP A 565 -31.63 -0.23 -15.63
C TRP A 565 -32.92 -0.57 -16.36
N GLY A 566 -34.02 0.05 -15.90
CA GLY A 566 -35.34 -0.17 -16.48
C GLY A 566 -35.64 0.37 -17.85
N VAL A 567 -34.73 1.19 -18.40
CA VAL A 567 -34.91 1.76 -19.72
C VAL A 567 -34.18 0.96 -20.80
N GLU A 568 -33.33 0.03 -20.37
CA GLU A 568 -32.52 -0.79 -21.27
C GLU A 568 -33.22 -1.79 -22.18
N LEU A 569 -34.23 -2.50 -21.69
CA LEU A 569 -34.97 -3.49 -22.51
C LEU A 569 -35.68 -2.84 -23.69
N GLY A 570 -36.29 -1.67 -23.43
CA GLY A 570 -36.99 -0.92 -24.46
C GLY A 570 -36.04 -0.46 -25.56
N LYS A 571 -34.82 -0.08 -25.16
CA LYS A 571 -33.79 0.36 -26.10
C LYS A 571 -33.29 -0.80 -26.96
N VAL A 572 -33.03 -1.94 -26.31
CA VAL A 572 -32.55 -3.16 -26.97
C VAL A 572 -33.59 -3.71 -27.95
N LEU A 573 -34.85 -3.73 -27.52
CA LEU A 573 -35.93 -4.23 -28.38
C LEU A 573 -36.26 -3.28 -29.54
N ALA A 574 -36.00 -1.98 -29.33
CA ALA A 574 -36.22 -0.95 -30.37
C ALA A 574 -35.16 -1.08 -31.44
N LYS A 575 -33.94 -1.37 -30.97
CA LYS A 575 -32.78 -1.55 -31.84
C LYS A 575 -32.94 -2.79 -32.70
N SER A 576 -33.67 -3.78 -32.18
CA SER A 576 -33.93 -5.02 -32.91
C SER A 576 -35.08 -4.86 -33.90
N ILE A 577 -36.02 -3.96 -33.57
CA ILE A 577 -37.18 -3.69 -34.42
C ILE A 577 -36.87 -2.69 -35.55
N LEU A 578 -35.88 -1.82 -35.31
CA LEU A 578 -35.48 -0.80 -36.29
C LEU A 578 -35.17 -1.31 -37.72
N PRO A 579 -34.29 -2.34 -37.88
CA PRO A 579 -34.03 -2.82 -39.25
C PRO A 579 -35.20 -3.58 -39.88
N GLN A 580 -36.24 -3.86 -39.08
CA GLN A 580 -37.43 -4.56 -39.54
C GLN A 580 -38.51 -3.61 -40.06
N LEU A 581 -38.35 -2.32 -39.77
CA LEU A 581 -39.30 -1.30 -40.22
C LEU A 581 -38.92 -0.75 -41.60
N ARG A 582 -39.23 -1.58 -42.60
CA ARG A 582 -38.96 -1.30 -44.02
C ARG A 582 -40.29 -1.54 -44.79
N PRO A 583 -40.53 -0.86 -45.93
CA PRO A 583 -41.79 -1.07 -46.68
C PRO A 583 -42.07 -2.51 -47.11
N GLY A 584 -43.23 -3.03 -46.73
CA GLY A 584 -43.64 -4.37 -47.09
C GLY A 584 -42.97 -5.54 -46.38
N MET A 585 -42.06 -5.25 -45.45
CA MET A 585 -41.35 -6.29 -44.69
C MET A 585 -42.28 -6.98 -43.69
N ARG A 586 -42.23 -8.31 -43.66
CA ARG A 586 -43.02 -9.13 -42.76
C ARG A 586 -42.13 -9.83 -41.75
N VAL A 587 -42.53 -9.81 -40.48
CA VAL A 587 -41.78 -10.43 -39.39
C VAL A 587 -42.58 -11.51 -38.66
N ASN A 588 -41.86 -12.38 -37.94
CA ASN A 588 -42.46 -13.48 -37.20
C ASN A 588 -41.71 -13.86 -35.91
N ASN A 589 -40.61 -13.17 -35.63
CA ASN A 589 -39.75 -13.44 -34.47
C ASN A 589 -40.25 -12.95 -33.11
N HIS A 590 -41.27 -12.11 -33.14
CA HIS A 590 -41.86 -11.56 -31.91
C HIS A 590 -43.16 -12.31 -31.61
N ASP A 591 -43.90 -11.79 -30.62
CA ASP A 591 -45.20 -12.32 -30.23
C ASP A 591 -46.17 -11.86 -31.32
N SER A 592 -47.32 -12.52 -31.44
CA SER A 592 -48.31 -12.19 -32.48
C SER A 592 -48.80 -10.74 -32.53
N SER A 593 -48.80 -10.04 -31.40
CA SER A 593 -49.23 -8.63 -31.31
C SER A 593 -48.21 -7.74 -31.99
N THR A 594 -46.97 -7.80 -31.50
CA THR A 594 -45.85 -7.03 -32.04
C THR A 594 -45.64 -7.34 -33.53
N ASN A 595 -45.82 -8.63 -33.89
CA ASN A 595 -45.68 -9.08 -35.28
C ASN A 595 -46.72 -8.42 -36.17
N GLY A 596 -47.99 -8.52 -35.74
CA GLY A 596 -49.11 -7.94 -36.47
C GLY A 596 -49.03 -6.42 -36.60
N LEU A 597 -48.49 -5.77 -35.56
CA LEU A 597 -48.31 -4.33 -35.51
C LEU A 597 -47.22 -3.84 -36.44
N ILE A 598 -46.09 -4.55 -36.44
CA ILE A 598 -44.95 -4.22 -37.31
C ILE A 598 -45.33 -4.49 -38.77
N ASN A 599 -46.03 -5.60 -39.01
CA ASN A 599 -46.48 -5.97 -40.35
C ASN A 599 -47.45 -4.96 -40.93
N MET A 600 -48.38 -4.49 -40.09
CA MET A 600 -49.38 -3.48 -40.50
C MET A 600 -48.69 -2.16 -40.83
N PHE A 601 -47.69 -1.81 -40.01
CA PHE A 601 -46.90 -0.59 -40.18
C PHE A 601 -46.20 -0.65 -41.53
N ASN A 602 -45.48 -1.75 -41.77
CA ASN A 602 -44.73 -1.97 -43.01
C ASN A 602 -45.58 -2.04 -44.28
N GLU A 603 -46.84 -2.46 -44.12
CA GLU A 603 -47.79 -2.55 -45.25
C GLU A 603 -48.23 -1.18 -45.74
N LEU A 604 -48.38 -0.24 -44.81
CA LEU A 604 -48.87 1.12 -45.11
C LEU A 604 -47.95 2.31 -44.79
N SER A 605 -46.67 2.05 -44.50
CA SER A 605 -45.73 3.13 -44.14
C SER A 605 -45.26 4.12 -45.21
N HIS A 606 -44.65 3.61 -46.27
CA HIS A 606 -44.13 4.45 -47.35
C HIS A 606 -44.91 4.21 -48.64
N ARG B 38 21.36 -36.62 9.99
CA ARG B 38 21.07 -35.18 10.25
C ARG B 38 19.61 -34.92 10.67
N LEU B 39 18.64 -35.41 9.92
CA LEU B 39 17.22 -35.17 10.30
C LEU B 39 16.47 -36.47 10.55
N LYS B 40 16.90 -37.16 11.60
CA LYS B 40 16.26 -38.43 12.01
C LYS B 40 15.77 -38.30 13.45
N GLY B 41 15.51 -37.05 13.82
CA GLY B 41 14.98 -36.67 15.14
C GLY B 41 13.49 -36.39 14.99
N VAL B 42 13.09 -36.42 13.72
CA VAL B 42 11.71 -36.21 13.28
C VAL B 42 10.90 -37.47 13.59
N GLY B 43 11.48 -38.61 13.25
CA GLY B 43 10.91 -39.92 13.58
C GLY B 43 10.14 -40.59 12.46
N ALA B 44 10.10 -39.89 11.30
CA ALA B 44 9.39 -40.38 10.13
C ALA B 44 10.33 -41.01 9.14
N ASP B 45 9.75 -41.83 8.25
CA ASP B 45 10.44 -42.47 7.18
C ASP B 45 10.82 -41.38 6.21
N ALA B 46 11.60 -41.74 5.25
CA ALA B 46 12.14 -40.75 4.36
C ALA B 46 11.52 -40.71 2.98
N ASP B 47 11.22 -39.56 2.50
CA ASP B 47 10.64 -39.43 1.18
C ASP B 47 11.53 -39.91 0.04
N THR B 48 10.94 -40.68 -0.85
CA THR B 48 11.63 -41.21 -2.03
C THR B 48 10.90 -40.79 -3.31
N THR B 49 9.79 -40.07 -3.18
CA THR B 49 8.98 -39.63 -4.31
C THR B 49 9.70 -38.65 -5.24
N LEU B 50 10.62 -37.87 -4.67
CA LEU B 50 11.39 -36.91 -5.46
C LEU B 50 12.70 -37.52 -5.95
N THR B 51 13.44 -38.16 -5.03
CA THR B 51 14.73 -38.79 -5.35
C THR B 51 14.69 -39.98 -6.30
N SER B 52 13.52 -40.60 -6.43
CA SER B 52 13.34 -41.75 -7.32
C SER B 52 12.64 -41.37 -8.63
N CYS B 53 12.43 -40.07 -8.84
CA CYS B 53 11.84 -39.54 -10.07
C CYS B 53 12.87 -39.73 -11.20
N ALA B 54 12.42 -40.15 -12.39
CA ALA B 54 13.32 -40.37 -13.54
C ALA B 54 14.11 -39.12 -13.84
N SER B 55 13.40 -38.03 -13.81
CA SER B 55 13.96 -36.74 -14.11
C SER B 55 14.97 -36.26 -13.10
N TRP B 56 14.87 -36.72 -11.85
CA TRP B 56 15.80 -36.33 -10.80
C TRP B 56 17.15 -37.00 -11.01
N THR B 57 17.09 -38.31 -11.26
CA THR B 57 18.28 -39.12 -11.50
C THR B 57 18.99 -38.65 -12.77
N GLN B 58 18.19 -38.21 -13.74
CA GLN B 58 18.71 -37.69 -15.01
C GLN B 58 19.42 -36.34 -14.80
N LEU B 59 18.88 -35.52 -13.90
CA LEU B 59 19.48 -34.22 -13.57
C LEU B 59 20.81 -34.40 -12.84
N GLN B 60 20.88 -35.44 -11.99
CA GLN B 60 22.09 -35.77 -11.24
C GLN B 60 23.18 -36.23 -12.21
N LYS B 61 22.77 -36.96 -13.24
CA LYS B 61 23.66 -37.46 -14.29
C LYS B 61 24.18 -36.28 -15.09
N LEU B 62 23.28 -35.34 -15.40
CA LEU B 62 23.62 -34.12 -16.15
C LEU B 62 24.51 -33.17 -15.36
N TYR B 63 24.43 -33.24 -14.03
CA TYR B 63 25.26 -32.42 -13.14
C TYR B 63 26.69 -32.92 -13.16
N GLU B 64 26.84 -34.25 -13.08
CA GLU B 64 28.14 -34.91 -13.10
C GLU B 64 28.84 -34.69 -14.44
N GLN B 65 28.03 -34.58 -15.49
CA GLN B 65 28.53 -34.36 -16.85
C GLN B 65 28.86 -32.91 -17.20
N TYR B 66 27.88 -32.03 -17.00
CA TYR B 66 28.01 -30.61 -17.37
C TYR B 66 28.13 -29.56 -16.27
N GLY B 67 28.02 -29.98 -15.01
CA GLY B 67 28.12 -29.05 -13.89
C GLY B 67 29.45 -28.34 -13.73
N ASP B 68 30.53 -29.02 -14.16
CA ASP B 68 31.89 -28.48 -14.09
C ASP B 68 32.22 -27.52 -15.23
N GLU B 69 31.37 -27.51 -16.26
CA GLU B 69 31.54 -26.63 -17.41
C GLU B 69 31.27 -25.17 -17.02
N PRO B 70 32.23 -24.26 -17.28
CA PRO B 70 32.08 -22.85 -16.94
C PRO B 70 30.88 -22.24 -17.67
N ILE B 71 30.25 -21.23 -17.07
CA ILE B 71 29.09 -20.58 -17.68
C ILE B 71 29.42 -19.91 -19.01
N LYS B 72 30.61 -19.33 -19.09
CA LYS B 72 31.09 -18.65 -20.31
C LYS B 72 31.14 -19.57 -21.54
N LYS B 73 31.33 -20.88 -21.29
CA LYS B 73 31.39 -21.90 -22.35
C LYS B 73 30.04 -22.05 -23.07
N HIS B 74 28.95 -21.89 -22.32
CA HIS B 74 27.60 -21.99 -22.86
C HIS B 74 27.30 -20.80 -23.80
N PHE B 75 27.98 -19.69 -23.55
CA PHE B 75 27.84 -18.47 -24.35
C PHE B 75 28.68 -18.52 -25.62
N GLU B 76 29.77 -19.29 -25.55
CA GLU B 76 30.68 -19.48 -26.67
C GLU B 76 30.09 -20.48 -27.67
N THR B 77 29.28 -21.40 -27.16
CA THR B 77 28.60 -22.42 -27.95
C THR B 77 27.33 -21.88 -28.60
N ASP B 78 26.57 -21.11 -27.82
CA ASP B 78 25.32 -20.52 -28.27
C ASP B 78 25.43 -19.00 -28.24
N SER B 79 25.44 -18.41 -29.43
CA SER B 79 25.54 -16.95 -29.60
C SER B 79 24.21 -16.25 -29.33
N GLU B 80 23.15 -17.05 -29.24
CA GLU B 80 21.79 -16.58 -28.98
C GLU B 80 21.33 -16.92 -27.57
N ARG B 81 22.26 -17.33 -26.70
CA ARG B 81 21.94 -17.72 -25.32
C ARG B 81 21.21 -16.67 -24.52
N GLY B 82 21.61 -15.40 -24.67
CA GLY B 82 20.96 -14.31 -23.97
C GLY B 82 19.49 -14.18 -24.31
N GLN B 83 19.15 -14.53 -25.55
CA GLN B 83 17.78 -14.49 -26.07
C GLN B 83 16.98 -15.73 -25.70
N ARG B 84 17.58 -16.89 -25.93
CA ARG B 84 16.96 -18.20 -25.66
C ARG B 84 16.76 -18.51 -24.18
N TYR B 85 17.62 -17.94 -23.34
CA TYR B 85 17.55 -18.14 -21.90
C TYR B 85 17.06 -16.89 -21.18
N SER B 86 16.00 -16.32 -21.75
CA SER B 86 15.37 -15.11 -21.22
C SER B 86 13.94 -14.97 -21.68
N VAL B 87 13.10 -14.43 -20.80
CA VAL B 87 11.68 -14.23 -21.11
C VAL B 87 11.24 -12.82 -20.70
N LYS B 88 10.56 -12.15 -21.63
CA LYS B 88 10.02 -10.82 -21.39
C LYS B 88 8.51 -10.99 -21.20
N VAL B 89 8.03 -10.60 -20.02
CA VAL B 89 6.61 -10.70 -19.72
C VAL B 89 6.06 -9.29 -19.67
N SER B 90 5.12 -8.99 -20.56
CA SER B 90 4.49 -7.68 -20.62
C SER B 90 3.54 -7.55 -19.43
N LEU B 91 3.54 -6.38 -18.79
CA LEU B 91 2.67 -6.14 -17.65
C LEU B 91 1.28 -5.64 -18.03
N GLY B 92 1.05 -5.52 -19.33
CA GLY B 92 -0.24 -5.08 -19.87
C GLY B 92 -0.65 -3.65 -19.63
N SER B 93 0.31 -2.80 -19.26
CA SER B 93 0.05 -1.39 -19.00
C SER B 93 0.38 -0.48 -20.16
N LYS B 94 -0.18 0.73 -20.12
CA LYS B 94 -0.01 1.78 -21.13
C LYS B 94 1.46 2.17 -21.34
N ASP B 95 2.23 2.22 -20.25
CA ASP B 95 3.65 2.57 -20.28
C ASP B 95 4.56 1.50 -20.88
N GLU B 96 3.95 0.37 -21.26
CA GLU B 96 4.61 -0.81 -21.84
C GLU B 96 5.67 -1.43 -20.92
N ASN B 97 5.35 -1.43 -19.62
CA ASN B 97 6.23 -1.98 -18.59
C ASN B 97 6.27 -3.50 -18.75
N PHE B 98 7.38 -4.10 -18.35
CA PHE B 98 7.58 -5.54 -18.44
C PHE B 98 8.39 -6.08 -17.27
N LEU B 99 8.54 -7.41 -17.25
CA LEU B 99 9.36 -8.11 -16.26
C LEU B 99 10.18 -9.05 -17.13
N PHE B 100 11.47 -8.74 -17.23
CA PHE B 100 12.41 -9.50 -18.05
C PHE B 100 13.36 -10.34 -17.20
N LEU B 101 13.21 -11.66 -17.29
CA LEU B 101 14.09 -12.56 -16.56
C LEU B 101 15.16 -13.09 -17.50
N ASP B 102 16.39 -12.83 -17.13
CA ASP B 102 17.54 -13.31 -17.87
C ASP B 102 18.18 -14.31 -16.92
N TYR B 103 18.02 -15.60 -17.21
CA TYR B 103 18.58 -16.66 -16.38
C TYR B 103 19.73 -17.37 -17.10
N SER B 104 20.29 -16.69 -18.10
CA SER B 104 21.38 -17.24 -18.92
C SER B 104 22.71 -17.42 -18.21
N LYS B 105 22.97 -16.58 -17.22
CA LYS B 105 24.20 -16.66 -16.44
C LYS B 105 24.00 -17.75 -15.40
N SER B 106 24.01 -18.98 -15.89
CA SER B 106 23.79 -20.18 -15.10
C SER B 106 24.50 -21.38 -15.75
N HIS B 107 24.79 -22.41 -14.97
CA HIS B 107 25.43 -23.63 -15.48
C HIS B 107 24.35 -24.56 -16.03
N ILE B 108 23.56 -24.01 -16.95
CA ILE B 108 22.45 -24.75 -17.54
C ILE B 108 22.55 -24.76 -19.06
N ASN B 109 22.67 -25.95 -19.65
CA ASN B 109 22.68 -26.07 -21.10
C ASN B 109 21.28 -26.53 -21.49
N ASP B 110 21.02 -26.72 -22.79
CA ASP B 110 19.69 -27.15 -23.26
C ASP B 110 19.20 -28.47 -22.72
N GLU B 111 20.14 -29.38 -22.45
CA GLU B 111 19.83 -30.72 -21.90
C GLU B 111 19.38 -30.62 -20.45
N ILE B 112 20.05 -29.76 -19.69
CA ILE B 112 19.73 -29.52 -18.27
C ILE B 112 18.38 -28.78 -18.18
N LYS B 113 18.20 -27.76 -19.02
CA LYS B 113 16.96 -26.98 -19.09
C LYS B 113 15.76 -27.88 -19.35
N CYS B 114 15.92 -28.79 -20.31
CA CYS B 114 14.91 -29.77 -20.71
C CYS B 114 14.56 -30.68 -19.54
N ALA B 115 15.59 -31.14 -18.84
CA ALA B 115 15.48 -32.03 -17.70
C ALA B 115 14.83 -31.37 -16.50
N LEU B 116 15.08 -30.07 -16.33
CA LEU B 116 14.51 -29.28 -15.24
C LEU B 116 13.00 -29.13 -15.48
N LEU B 117 12.64 -28.94 -16.75
CA LEU B 117 11.24 -28.80 -17.15
C LEU B 117 10.54 -30.15 -17.07
N ARG B 118 11.30 -31.23 -17.31
CA ARG B 118 10.77 -32.60 -17.24
C ARG B 118 10.48 -32.93 -15.78
N LEU B 119 11.27 -32.36 -14.87
CA LEU B 119 11.11 -32.53 -13.42
C LEU B 119 9.81 -31.88 -12.97
N ALA B 120 9.55 -30.70 -13.53
CA ALA B 120 8.33 -29.94 -13.24
C ALA B 120 7.10 -30.71 -13.69
N GLU B 121 7.23 -31.40 -14.83
CA GLU B 121 6.15 -32.22 -15.40
C GLU B 121 5.92 -33.49 -14.57
N GLU B 122 7.01 -34.12 -14.13
CA GLU B 122 6.93 -35.35 -13.34
C GLU B 122 6.39 -35.11 -11.92
N ARG B 123 6.70 -33.95 -11.36
CA ARG B 123 6.24 -33.57 -10.03
C ARG B 123 4.85 -32.95 -10.05
N GLY B 124 4.29 -32.83 -11.24
CA GLY B 124 2.96 -32.29 -11.45
C GLY B 124 2.71 -30.85 -11.05
N ILE B 125 3.66 -29.98 -11.36
CA ILE B 125 3.56 -28.54 -11.02
C ILE B 125 2.35 -27.86 -11.63
N ARG B 126 2.07 -28.15 -12.91
CA ARG B 126 0.91 -27.56 -13.61
C ARG B 126 -0.40 -27.91 -12.92
N GLN B 127 -0.54 -29.17 -12.52
CA GLN B 127 -1.72 -29.68 -11.83
C GLN B 127 -1.84 -29.07 -10.42
N PHE B 128 -0.70 -28.86 -9.78
CA PHE B 128 -0.63 -28.30 -8.43
C PHE B 128 -1.00 -26.81 -8.48
N VAL B 129 -0.51 -26.10 -9.50
CA VAL B 129 -0.78 -24.68 -9.71
C VAL B 129 -2.29 -24.48 -9.90
N GLN B 130 -2.89 -25.33 -10.74
CA GLN B 130 -4.33 -25.27 -10.99
C GLN B 130 -5.11 -25.55 -9.71
N SER B 131 -4.58 -26.44 -8.88
CA SER B 131 -5.18 -26.80 -7.59
C SER B 131 -5.14 -25.64 -6.62
N VAL B 132 -4.00 -24.93 -6.59
CA VAL B 132 -3.81 -23.76 -5.73
C VAL B 132 -4.76 -22.64 -6.17
N PHE B 133 -4.78 -22.39 -7.47
CA PHE B 133 -5.60 -21.34 -8.10
C PHE B 133 -7.12 -21.52 -8.01
N ARG B 134 -7.58 -22.78 -8.01
CA ARG B 134 -9.03 -23.05 -7.91
C ARG B 134 -9.52 -23.11 -6.46
N GLY B 135 -8.58 -23.06 -5.52
CA GLY B 135 -8.95 -23.07 -4.13
C GLY B 135 -8.94 -24.39 -3.39
N GLU B 136 -8.25 -25.39 -3.92
CA GLU B 136 -8.15 -26.69 -3.26
C GLU B 136 -7.28 -26.52 -2.02
N ARG B 137 -7.57 -27.33 -1.01
CA ARG B 137 -6.86 -27.30 0.26
C ARG B 137 -5.45 -27.90 0.20
N VAL B 138 -4.61 -27.22 -0.60
CA VAL B 138 -3.22 -27.59 -0.86
C VAL B 138 -2.33 -27.43 0.39
N ASN B 139 -2.75 -26.58 1.32
CA ASN B 139 -2.04 -26.40 2.58
C ASN B 139 -2.64 -27.53 3.44
N THR B 140 -2.12 -28.72 3.21
CA THR B 140 -2.59 -29.97 3.81
C THR B 140 -2.52 -30.13 5.31
N THR B 141 -1.50 -29.54 5.93
CA THR B 141 -1.31 -29.65 7.38
C THR B 141 -2.35 -28.85 8.16
N GLU B 142 -2.78 -27.73 7.56
CA GLU B 142 -3.79 -26.87 8.17
C GLU B 142 -5.15 -27.05 7.50
N ASN B 143 -5.19 -27.87 6.44
CA ASN B 143 -6.39 -28.15 5.63
C ASN B 143 -7.05 -26.84 5.17
N ARG B 144 -6.23 -26.00 4.57
CA ARG B 144 -6.68 -24.68 4.12
C ARG B 144 -6.32 -24.36 2.69
N PRO B 145 -7.16 -23.55 2.00
CA PRO B 145 -6.81 -23.19 0.61
C PRO B 145 -5.67 -22.20 0.69
N VAL B 146 -5.06 -21.91 -0.45
CA VAL B 146 -3.96 -20.96 -0.54
C VAL B 146 -4.41 -20.08 -1.68
N LEU B 147 -5.07 -18.99 -1.31
CA LEU B 147 -5.62 -18.09 -2.30
C LEU B 147 -5.22 -16.64 -2.27
N HIS B 148 -3.93 -16.37 -2.17
CA HIS B 148 -3.46 -14.99 -2.21
C HIS B 148 -3.69 -14.43 -3.61
N ILE B 149 -3.79 -15.35 -4.58
CA ILE B 149 -4.05 -15.00 -5.97
C ILE B 149 -5.47 -14.44 -6.15
N ALA B 150 -6.35 -14.81 -5.22
CA ALA B 150 -7.75 -14.36 -5.23
C ALA B 150 -7.86 -12.89 -4.84
N LEU B 151 -6.95 -12.45 -3.98
CA LEU B 151 -6.91 -11.06 -3.49
C LEU B 151 -6.62 -10.05 -4.59
N ARG B 152 -5.90 -10.51 -5.61
CA ARG B 152 -5.52 -9.68 -6.74
C ARG B 152 -6.17 -10.13 -8.06
N ASN B 153 -7.18 -10.99 -7.95
CA ASN B 153 -7.89 -11.51 -9.14
C ASN B 153 -8.77 -10.41 -9.76
N ARG B 154 -8.15 -9.61 -10.62
CA ARG B 154 -8.78 -8.49 -11.31
C ARG B 154 -9.80 -8.88 -12.37
N SER B 155 -9.69 -10.11 -12.88
CA SER B 155 -10.64 -10.60 -13.89
C SER B 155 -11.97 -10.90 -13.20
N ASN B 156 -11.89 -11.09 -11.89
CA ASN B 156 -13.02 -11.40 -10.99
C ASN B 156 -13.69 -12.73 -11.32
N ARG B 157 -12.89 -13.61 -11.94
CA ARG B 157 -13.29 -14.97 -12.30
C ARG B 157 -13.59 -15.65 -10.96
N PRO B 158 -14.72 -16.35 -10.85
CA PRO B 158 -15.08 -17.02 -9.60
C PRO B 158 -14.10 -18.07 -9.07
N ILE B 159 -13.78 -17.95 -7.78
CA ILE B 159 -12.88 -18.88 -7.09
C ILE B 159 -13.62 -19.36 -5.84
N TYR B 160 -13.91 -20.66 -5.82
CA TYR B 160 -14.68 -21.27 -4.75
C TYR B 160 -13.93 -21.95 -3.61
N VAL B 161 -14.50 -21.69 -2.44
CA VAL B 161 -14.11 -22.21 -1.12
C VAL B 161 -15.44 -22.50 -0.41
N ASP B 162 -15.66 -23.78 -0.14
CA ASP B 162 -16.88 -24.27 0.53
C ASP B 162 -18.09 -24.03 -0.38
N GLY B 163 -17.83 -24.13 -1.69
CA GLY B 163 -18.86 -23.93 -2.72
C GLY B 163 -19.28 -22.49 -2.95
N LYS B 164 -18.65 -21.56 -2.24
CA LYS B 164 -18.97 -20.13 -2.33
C LYS B 164 -17.82 -19.32 -2.94
N ASP B 165 -18.17 -18.45 -3.89
CA ASP B 165 -17.20 -17.56 -4.55
C ASP B 165 -16.68 -16.57 -3.52
N VAL B 166 -15.35 -16.50 -3.43
CA VAL B 166 -14.69 -15.63 -2.49
C VAL B 166 -14.50 -14.22 -3.00
N MET B 167 -14.69 -14.03 -4.30
CA MET B 167 -14.52 -12.71 -4.92
C MET B 167 -15.38 -11.57 -4.37
N PRO B 168 -16.66 -11.80 -4.00
CA PRO B 168 -17.48 -10.70 -3.45
C PRO B 168 -16.87 -10.17 -2.15
N ALA B 169 -16.42 -11.10 -1.30
CA ALA B 169 -15.79 -10.78 -0.01
C ALA B 169 -14.45 -10.05 -0.18
N VAL B 170 -13.66 -10.47 -1.18
CA VAL B 170 -12.37 -9.85 -1.51
C VAL B 170 -12.58 -8.41 -1.94
N ASN B 171 -13.50 -8.22 -2.88
CA ASN B 171 -13.81 -6.91 -3.43
C ASN B 171 -14.55 -5.98 -2.47
N LYS B 172 -15.28 -6.57 -1.52
CA LYS B 172 -16.00 -5.79 -0.51
C LYS B 172 -14.97 -5.13 0.39
N VAL B 173 -13.91 -5.88 0.71
CA VAL B 173 -12.83 -5.37 1.55
C VAL B 173 -12.03 -4.33 0.78
N LEU B 174 -11.79 -4.55 -0.51
CA LEU B 174 -11.05 -3.59 -1.34
C LEU B 174 -11.81 -2.27 -1.47
N ASP B 175 -13.15 -2.37 -1.48
CA ASP B 175 -14.05 -1.21 -1.54
C ASP B 175 -14.03 -0.49 -0.19
N GLN B 176 -14.00 -1.26 0.90
CA GLN B 176 -13.96 -0.71 2.26
C GLN B 176 -12.62 0.00 2.46
N MET B 177 -11.57 -0.60 1.92
CA MET B 177 -10.21 -0.06 1.97
C MET B 177 -10.14 1.23 1.14
N ARG B 178 -10.81 1.25 -0.01
CA ARG B 178 -10.85 2.43 -0.89
C ARG B 178 -11.47 3.61 -0.16
N SER B 179 -12.65 3.35 0.41
CA SER B 179 -13.44 4.32 1.17
C SER B 179 -12.66 4.93 2.31
N PHE B 180 -12.11 4.06 3.15
CA PHE B 180 -11.34 4.47 4.31
C PHE B 180 -10.03 5.17 3.96
N SER B 181 -9.27 4.60 3.01
CA SER B 181 -7.98 5.17 2.60
C SER B 181 -8.15 6.57 2.04
N GLU B 182 -9.21 6.78 1.27
CA GLU B 182 -9.52 8.09 0.69
C GLU B 182 -9.89 9.09 1.78
N LYS B 183 -10.68 8.66 2.77
CA LYS B 183 -11.08 9.53 3.90
C LYS B 183 -9.87 10.01 4.69
N VAL B 184 -8.88 9.13 4.84
CA VAL B 184 -7.63 9.44 5.57
C VAL B 184 -6.76 10.40 4.75
N ARG B 185 -6.50 10.02 3.49
CA ARG B 185 -5.66 10.76 2.54
C ARG B 185 -6.12 12.18 2.25
N THR B 186 -7.42 12.33 2.09
CA THR B 186 -8.04 13.62 1.79
C THR B 186 -8.15 14.53 2.99
N GLY B 187 -8.05 13.94 4.17
CA GLY B 187 -8.14 14.69 5.41
C GLY B 187 -9.50 14.66 6.07
N GLU B 188 -10.47 13.97 5.46
CA GLU B 188 -11.85 13.87 5.98
C GLU B 188 -11.94 13.10 7.30
N TRP B 189 -11.13 12.03 7.43
CA TRP B 189 -11.10 11.23 8.66
C TRP B 189 -10.37 12.05 9.70
N LYS B 190 -11.11 12.38 10.75
CA LYS B 190 -10.58 13.19 11.84
C LYS B 190 -10.20 12.41 13.06
N GLY B 191 -9.21 12.94 13.78
CA GLY B 191 -8.78 12.35 15.03
C GLY B 191 -9.77 12.81 16.09
N HIS B 192 -9.59 12.39 17.34
CA HIS B 192 -10.53 12.77 18.41
C HIS B 192 -10.71 14.26 18.67
N THR B 193 -9.66 15.04 18.40
CA THR B 193 -9.70 16.48 18.60
C THR B 193 -9.93 17.25 17.29
N GLY B 194 -10.42 16.54 16.27
CA GLY B 194 -10.73 17.15 14.99
C GLY B 194 -9.60 17.39 13.99
N LYS B 195 -8.44 16.77 14.21
CA LYS B 195 -7.31 16.96 13.30
C LYS B 195 -7.31 15.90 12.20
N ALA B 196 -6.85 16.29 11.01
CA ALA B 196 -6.73 15.37 9.87
C ALA B 196 -5.52 14.47 10.19
N ILE B 197 -5.51 13.26 9.66
CA ILE B 197 -4.42 12.31 9.91
C ILE B 197 -3.13 12.71 9.20
N ARG B 198 -2.05 12.75 9.98
CA ARG B 198 -0.73 13.09 9.47
C ARG B 198 0.22 11.91 9.62
N HIS B 199 -0.06 11.09 10.62
CA HIS B 199 0.76 9.91 10.93
C HIS B 199 -0.07 8.64 10.85
N VAL B 200 0.44 7.66 10.12
CA VAL B 200 -0.22 6.37 9.95
C VAL B 200 0.74 5.35 10.55
N VAL B 201 0.35 4.79 11.68
CA VAL B 201 1.17 3.82 12.41
C VAL B 201 0.63 2.40 12.29
N ASN B 202 1.35 1.58 11.53
CA ASN B 202 0.97 0.18 11.37
C ASN B 202 1.59 -0.57 12.54
N ILE B 203 0.75 -1.35 13.22
CA ILE B 203 1.17 -2.15 14.36
C ILE B 203 0.93 -3.61 13.93
N GLY B 204 2.03 -4.30 13.68
CA GLY B 204 1.95 -5.68 13.23
C GLY B 204 3.34 -6.22 13.06
N ILE B 205 3.48 -7.54 13.01
CA ILE B 205 4.79 -8.15 12.87
C ILE B 205 4.81 -9.21 11.77
N GLY B 206 5.99 -9.39 11.16
CA GLY B 206 6.18 -10.37 10.10
C GLY B 206 5.32 -10.14 8.88
N GLY B 207 4.35 -11.03 8.68
CA GLY B 207 3.45 -10.92 7.54
C GLY B 207 2.56 -9.69 7.55
N SER B 208 2.41 -9.10 8.73
CA SER B 208 1.61 -7.90 8.94
C SER B 208 2.50 -6.66 9.05
N ASP B 209 3.77 -6.81 8.64
CA ASP B 209 4.75 -5.73 8.71
C ASP B 209 5.63 -5.63 7.48
N LEU B 210 6.32 -6.72 7.15
CA LEU B 210 7.25 -6.75 6.03
C LEU B 210 6.70 -6.31 4.70
N GLY B 211 5.48 -6.76 4.36
CA GLY B 211 4.81 -6.37 3.13
C GLY B 211 4.58 -4.88 3.13
N PRO B 212 3.87 -4.37 4.15
CA PRO B 212 3.58 -2.94 4.33
C PRO B 212 4.84 -2.07 4.27
N VAL B 213 5.90 -2.47 4.98
CA VAL B 213 7.18 -1.73 4.98
C VAL B 213 7.79 -1.74 3.58
N MET B 214 7.99 -2.95 3.03
CA MET B 214 8.58 -3.13 1.71
C MET B 214 7.88 -2.38 0.60
N ALA B 215 6.56 -2.53 0.52
CA ALA B 215 5.77 -1.88 -0.52
C ALA B 215 5.73 -0.37 -0.42
N THR B 216 5.53 0.17 0.79
CA THR B 216 5.52 1.63 0.98
C THR B 216 6.89 2.23 0.68
N GLU B 217 7.95 1.49 1.00
CA GLU B 217 9.32 1.93 0.72
C GLU B 217 9.59 1.86 -0.78
N ALA B 218 9.12 0.78 -1.40
CA ALA B 218 9.31 0.54 -2.84
C ALA B 218 8.57 1.53 -3.72
N LEU B 219 7.38 1.92 -3.26
CA LEU B 219 6.51 2.83 -3.99
C LEU B 219 6.38 4.23 -3.41
N LYS B 220 7.48 4.71 -2.81
CA LYS B 220 7.53 6.05 -2.22
C LYS B 220 7.24 7.23 -3.20
N PRO B 221 7.61 7.14 -4.52
CA PRO B 221 7.30 8.28 -5.40
C PRO B 221 5.82 8.39 -5.74
N PHE B 222 5.09 7.31 -5.48
CA PHE B 222 3.65 7.23 -5.75
C PHE B 222 2.87 7.50 -4.47
N SER B 223 3.59 7.87 -3.42
CA SER B 223 2.97 8.14 -2.12
C SER B 223 2.54 9.57 -1.89
N GLN B 224 1.61 9.73 -0.96
CA GLN B 224 1.14 11.05 -0.56
C GLN B 224 2.12 11.40 0.54
N ARG B 225 3.01 12.34 0.22
CA ARG B 225 4.10 12.78 1.10
C ARG B 225 3.77 13.38 2.46
N ASP B 226 2.56 13.93 2.62
CA ASP B 226 2.15 14.54 3.90
C ASP B 226 1.63 13.52 4.93
N LEU B 227 1.74 12.23 4.57
CA LEU B 227 1.32 11.14 5.43
C LEU B 227 2.57 10.36 5.84
N SER B 228 2.99 10.56 7.09
CA SER B 228 4.16 9.88 7.64
C SER B 228 3.79 8.47 8.05
N LEU B 229 4.48 7.50 7.44
CA LEU B 229 4.25 6.09 7.73
C LEU B 229 5.21 5.59 8.78
N HIS B 230 4.64 4.94 9.80
CA HIS B 230 5.42 4.40 10.91
C HIS B 230 5.06 2.94 11.04
N PHE B 231 6.06 2.12 11.35
CA PHE B 231 5.85 0.69 11.49
C PHE B 231 6.37 0.16 12.81
N VAL B 232 5.43 -0.14 13.70
CA VAL B 232 5.75 -0.69 15.02
C VAL B 232 5.55 -2.19 14.85
N SER B 233 6.62 -2.94 15.06
CA SER B 233 6.55 -4.39 14.89
C SER B 233 7.13 -5.17 16.03
N ASN B 234 8.34 -4.78 16.43
CA ASN B 234 9.05 -5.42 17.51
C ASN B 234 8.36 -5.15 18.84
N VAL B 235 8.32 -6.16 19.71
CA VAL B 235 7.73 -6.00 21.03
C VAL B 235 8.72 -5.23 21.91
N ASP B 236 9.93 -5.01 21.38
CA ASP B 236 10.94 -4.22 22.07
C ASP B 236 10.29 -2.87 22.27
N GLY B 237 10.18 -2.46 23.53
CA GLY B 237 9.55 -1.19 23.90
C GLY B 237 10.02 0.00 23.14
N THR B 238 11.24 -0.11 22.63
CA THR B 238 11.90 0.90 21.82
C THR B 238 11.09 1.25 20.57
N HIS B 239 10.56 0.24 19.89
CA HIS B 239 9.79 0.46 18.67
C HIS B 239 8.59 1.38 18.85
N ILE B 240 7.76 1.07 19.84
CA ILE B 240 6.59 1.89 20.10
C ILE B 240 7.00 3.23 20.71
N ALA B 241 8.01 3.21 21.59
CA ALA B 241 8.52 4.43 22.26
C ALA B 241 9.01 5.46 21.26
N GLU B 242 9.82 5.03 20.30
CA GLU B 242 10.37 5.92 19.28
C GLU B 242 9.32 6.48 18.32
N VAL B 243 8.27 5.70 18.09
CA VAL B 243 7.18 6.13 17.23
C VAL B 243 6.34 7.14 18.01
N LEU B 244 6.13 6.88 19.29
CA LEU B 244 5.37 7.77 20.17
C LEU B 244 6.07 9.14 20.31
N LYS B 245 7.41 9.13 20.20
CA LYS B 245 8.22 10.35 20.27
C LYS B 245 8.22 11.12 18.96
N SER B 246 7.91 10.42 17.86
CA SER B 246 7.91 10.99 16.52
C SER B 246 6.54 11.43 15.98
N ILE B 247 5.48 11.05 16.67
CA ILE B 247 4.15 11.39 16.20
C ILE B 247 3.43 12.40 17.03
N ASP B 248 2.34 12.93 16.42
CA ASP B 248 1.38 13.86 16.99
C ASP B 248 0.17 12.93 17.09
N ILE B 249 0.00 12.35 18.29
CA ILE B 249 -1.06 11.38 18.55
C ILE B 249 -2.46 11.77 18.14
N GLU B 250 -2.71 13.07 18.20
CA GLU B 250 -4.00 13.65 17.83
C GLU B 250 -4.27 13.50 16.35
N ALA B 251 -3.19 13.45 15.56
CA ALA B 251 -3.26 13.31 14.12
C ALA B 251 -2.73 11.93 13.70
N THR B 252 -2.91 10.95 14.57
CA THR B 252 -2.41 9.61 14.28
C THR B 252 -3.45 8.52 14.18
N LEU B 253 -3.32 7.73 13.13
CA LEU B 253 -4.18 6.59 12.90
C LEU B 253 -3.30 5.38 13.18
N PHE B 254 -3.77 4.52 14.07
CA PHE B 254 -3.08 3.30 14.42
C PHE B 254 -3.79 2.16 13.72
N ILE B 255 -3.02 1.40 12.96
CA ILE B 255 -3.55 0.27 12.22
C ILE B 255 -3.03 -1.00 12.90
N VAL B 256 -3.92 -1.74 13.54
CA VAL B 256 -3.53 -2.97 14.21
C VAL B 256 -3.73 -4.12 13.24
N ALA B 257 -2.61 -4.60 12.70
CA ALA B 257 -2.57 -5.67 11.71
C ALA B 257 -2.11 -6.99 12.29
N SER B 258 -3.00 -7.99 12.28
CA SER B 258 -2.67 -9.32 12.80
C SER B 258 -3.71 -10.34 12.38
N LYS B 259 -3.27 -11.39 11.70
CA LYS B 259 -4.14 -12.48 11.22
C LYS B 259 -5.01 -13.10 12.31
N THR B 260 -4.36 -13.65 13.33
CA THR B 260 -5.04 -14.29 14.45
C THR B 260 -5.52 -13.29 15.51
N PHE B 261 -4.88 -12.11 15.52
CA PHE B 261 -5.12 -11.03 16.49
C PHE B 261 -4.79 -11.46 17.90
N THR B 262 -3.88 -12.44 18.00
CA THR B 262 -3.43 -12.99 19.29
C THR B 262 -1.91 -12.95 19.37
N THR B 263 -1.25 -12.50 18.30
CA THR B 263 0.21 -12.40 18.23
C THR B 263 0.68 -11.49 19.36
N GLN B 264 1.41 -12.08 20.31
CA GLN B 264 1.90 -11.39 21.50
C GLN B 264 2.52 -10.02 21.27
N GLU B 265 3.38 -9.92 20.24
CA GLU B 265 4.06 -8.67 19.90
C GLU B 265 3.11 -7.55 19.52
N THR B 266 2.22 -7.88 18.59
CA THR B 266 1.23 -6.96 18.05
C THR B 266 0.22 -6.48 19.07
N ILE B 267 -0.26 -7.41 19.89
CA ILE B 267 -1.25 -7.08 20.92
C ILE B 267 -0.63 -6.23 22.01
N THR B 268 0.60 -6.54 22.41
CA THR B 268 1.31 -5.75 23.44
C THR B 268 1.54 -4.33 22.92
N ASN B 269 1.98 -4.23 21.66
CA ASN B 269 2.21 -2.94 21.00
C ASN B 269 0.92 -2.16 20.83
N ALA B 270 -0.15 -2.87 20.47
CA ALA B 270 -1.48 -2.28 20.28
C ALA B 270 -2.06 -1.76 21.59
N LEU B 271 -1.89 -2.52 22.67
CA LEU B 271 -2.37 -2.14 24.01
C LEU B 271 -1.65 -0.89 24.52
N SER B 272 -0.36 -0.79 24.21
CA SER B 272 0.46 0.36 24.61
C SER B 272 0.15 1.59 23.78
N ALA B 273 -0.21 1.37 22.51
CA ALA B 273 -0.58 2.46 21.61
C ALA B 273 -1.93 3.01 22.04
N ARG B 274 -2.80 2.10 22.50
CA ARG B 274 -4.13 2.45 23.00
C ARG B 274 -4.00 3.18 24.32
N ARG B 275 -3.11 2.67 25.19
CA ARG B 275 -2.85 3.27 26.50
C ARG B 275 -2.32 4.69 26.26
N ALA B 276 -1.47 4.84 25.24
CA ALA B 276 -0.88 6.12 24.87
C ALA B 276 -1.89 7.16 24.39
N LEU B 277 -2.89 6.73 23.61
CA LEU B 277 -3.93 7.62 23.11
C LEU B 277 -4.75 8.16 24.29
N LEU B 278 -5.20 7.24 25.13
CA LEU B 278 -6.00 7.54 26.32
C LEU B 278 -5.21 8.35 27.34
N ASP B 279 -3.92 8.07 27.48
CA ASP B 279 -3.03 8.78 28.40
C ASP B 279 -2.86 10.23 27.98
N TYR B 280 -2.75 10.47 26.67
CA TYR B 280 -2.59 11.82 26.13
C TYR B 280 -3.84 12.66 26.37
N LEU B 281 -4.99 12.08 26.06
CA LEU B 281 -6.26 12.76 26.23
C LEU B 281 -6.56 13.07 27.69
N ARG B 282 -6.26 12.11 28.56
CA ARG B 282 -6.47 12.24 30.01
C ARG B 282 -5.50 13.27 30.59
N SER B 283 -4.32 13.39 29.98
CA SER B 283 -3.29 14.33 30.44
C SER B 283 -3.65 15.79 30.13
N ARG B 284 -4.50 15.94 29.13
CA ARG B 284 -4.98 17.25 28.70
C ARG B 284 -6.42 17.45 29.12
N GLY B 285 -6.95 16.52 29.92
CA GLY B 285 -8.32 16.59 30.43
C GLY B 285 -9.43 16.47 29.40
N ILE B 286 -9.10 15.91 28.24
CA ILE B 286 -10.05 15.72 27.15
C ILE B 286 -10.79 14.39 27.35
N ASP B 287 -12.11 14.42 27.16
CA ASP B 287 -12.98 13.24 27.30
C ASP B 287 -12.60 12.23 26.21
N GLU B 288 -12.25 11.02 26.63
CA GLU B 288 -11.83 9.94 25.74
C GLU B 288 -12.90 9.08 25.08
N LYS B 289 -14.17 9.30 25.39
CA LYS B 289 -15.27 8.51 24.82
C LYS B 289 -15.35 8.56 23.29
N GLY B 290 -15.17 7.39 22.68
CA GLY B 290 -15.21 7.27 21.23
C GLY B 290 -13.92 7.59 20.50
N SER B 291 -12.83 7.75 21.25
CA SER B 291 -11.52 8.05 20.67
C SER B 291 -10.87 6.91 19.91
N VAL B 292 -11.01 5.70 20.45
CA VAL B 292 -10.46 4.47 19.87
C VAL B 292 -11.05 4.20 18.48
N ALA B 293 -12.34 4.49 18.33
CA ALA B 293 -13.05 4.28 17.06
C ALA B 293 -12.59 5.23 15.95
N LYS B 294 -11.86 6.29 16.32
CA LYS B 294 -11.35 7.27 15.38
C LYS B 294 -9.87 7.08 15.07
N HIS B 295 -9.13 6.60 16.06
CA HIS B 295 -7.68 6.41 15.92
C HIS B 295 -7.20 4.99 15.69
N PHE B 296 -8.11 4.02 15.81
CA PHE B 296 -7.77 2.61 15.66
C PHE B 296 -8.61 1.82 14.69
N VAL B 297 -7.93 1.09 13.82
CA VAL B 297 -8.55 0.20 12.85
C VAL B 297 -7.81 -1.13 12.94
N ALA B 298 -8.50 -2.21 12.55
CA ALA B 298 -7.93 -3.55 12.61
C ALA B 298 -7.98 -4.32 11.31
N LEU B 299 -6.87 -4.99 10.99
CA LEU B 299 -6.76 -5.82 9.79
C LEU B 299 -6.55 -7.21 10.36
N SER B 300 -7.63 -7.99 10.38
CA SER B 300 -7.59 -9.34 10.93
C SER B 300 -8.57 -10.31 10.28
N THR B 301 -8.55 -11.55 10.77
CA THR B 301 -9.46 -12.61 10.33
C THR B 301 -10.33 -12.90 11.56
N ASN B 302 -9.84 -12.48 12.71
CA ASN B 302 -10.48 -12.71 14.00
C ASN B 302 -11.37 -11.56 14.46
N ASN B 303 -12.66 -11.66 14.12
CA ASN B 303 -13.67 -10.67 14.48
C ASN B 303 -13.90 -10.56 15.98
N GLN B 304 -13.80 -11.70 16.67
CA GLN B 304 -13.98 -11.82 18.11
C GLN B 304 -12.91 -11.06 18.89
N LYS B 305 -11.64 -11.37 18.63
CA LYS B 305 -10.52 -10.68 19.30
C LYS B 305 -10.41 -9.17 18.99
N VAL B 306 -10.90 -8.75 17.81
CA VAL B 306 -10.91 -7.35 17.39
C VAL B 306 -11.94 -6.60 18.23
N LYS B 307 -13.08 -7.26 18.46
CA LYS B 307 -14.20 -6.74 19.25
C LYS B 307 -13.79 -6.60 20.72
N GLU B 308 -13.06 -7.60 21.22
CA GLU B 308 -12.57 -7.64 22.60
C GLU B 308 -11.48 -6.59 22.90
N PHE B 309 -10.90 -6.04 21.83
CA PHE B 309 -9.87 -5.02 21.94
C PHE B 309 -10.49 -3.61 22.03
N GLY B 310 -11.68 -3.45 21.48
CA GLY B 310 -12.36 -2.16 21.51
C GLY B 310 -12.52 -1.51 20.16
N ILE B 311 -12.05 -2.20 19.11
CA ILE B 311 -12.17 -1.71 17.74
C ILE B 311 -13.52 -2.17 17.20
N ASP B 312 -14.30 -1.22 16.71
CA ASP B 312 -15.64 -1.48 16.17
C ASP B 312 -15.61 -2.29 14.87
N GLU B 313 -16.76 -2.86 14.52
CA GLU B 313 -16.94 -3.71 13.32
C GLU B 313 -16.62 -3.07 11.98
N GLU B 314 -17.05 -1.82 11.79
CA GLU B 314 -16.82 -1.12 10.53
C GLU B 314 -15.40 -0.59 10.36
N ASN B 315 -14.62 -0.72 11.44
CA ASN B 315 -13.21 -0.32 11.49
C ASN B 315 -12.33 -1.55 11.31
N MET B 316 -12.98 -2.70 11.06
CA MET B 316 -12.27 -3.94 10.85
C MET B 316 -12.27 -4.27 9.36
N PHE B 317 -11.07 -4.55 8.86
CA PHE B 317 -10.85 -4.90 7.46
C PHE B 317 -10.53 -6.37 7.47
N GLN B 318 -11.49 -7.13 6.97
CA GLN B 318 -11.42 -8.57 6.92
C GLN B 318 -10.53 -9.16 5.85
N PHE B 319 -9.89 -10.26 6.23
CA PHE B 319 -9.04 -11.08 5.43
C PHE B 319 -9.24 -12.53 5.94
N TRP B 320 -8.89 -13.54 5.12
CA TRP B 320 -9.21 -14.91 5.45
C TRP B 320 -8.08 -15.85 5.74
N ASP B 321 -8.44 -17.03 6.26
CA ASP B 321 -7.48 -18.07 6.64
C ASP B 321 -6.66 -18.59 5.45
N TRP B 322 -7.18 -18.39 4.23
CA TRP B 322 -6.46 -18.82 3.03
C TRP B 322 -5.44 -17.80 2.55
N VAL B 323 -5.30 -16.73 3.32
CA VAL B 323 -4.33 -15.67 3.04
C VAL B 323 -3.22 -15.87 4.07
N GLY B 324 -2.07 -16.38 3.62
CA GLY B 324 -0.95 -16.57 4.54
C GLY B 324 -0.35 -15.22 4.88
N GLY B 325 0.21 -15.08 6.07
CA GLY B 325 0.81 -13.82 6.48
C GLY B 325 1.83 -13.25 5.50
N ARG B 326 2.75 -14.11 5.05
CA ARG B 326 3.80 -13.71 4.09
C ARG B 326 3.30 -13.52 2.65
N TYR B 327 1.99 -13.68 2.45
CA TYR B 327 1.30 -13.54 1.16
C TYR B 327 0.08 -12.63 1.38
N SER B 328 0.11 -11.81 2.43
CA SER B 328 -1.02 -10.96 2.80
C SER B 328 -1.02 -9.48 2.42
N MET B 329 0.07 -8.98 1.85
CA MET B 329 0.15 -7.55 1.49
C MET B 329 -0.91 -7.10 0.47
N TRP B 330 -1.50 -8.09 -0.20
CA TRP B 330 -2.54 -7.88 -1.23
C TRP B 330 -3.93 -7.75 -0.63
N SER B 331 -4.06 -8.21 0.61
CA SER B 331 -5.32 -8.18 1.33
C SER B 331 -5.50 -6.88 2.12
N ALA B 332 -6.31 -6.98 3.18
CA ALA B 332 -6.59 -5.91 4.13
C ALA B 332 -5.31 -5.44 4.79
N ILE B 333 -4.32 -6.35 4.87
CA ILE B 333 -2.99 -6.06 5.44
C ILE B 333 -2.32 -4.93 4.67
N GLY B 334 -2.71 -4.81 3.41
CA GLY B 334 -2.18 -3.76 2.55
C GLY B 334 -2.80 -2.39 2.74
N LEU B 335 -3.64 -2.23 3.78
CA LEU B 335 -4.27 -0.91 4.04
C LEU B 335 -3.22 0.22 4.19
N PRO B 336 -2.13 0.02 4.97
CA PRO B 336 -1.14 1.11 5.07
C PRO B 336 -0.48 1.45 3.73
N ILE B 337 -0.41 0.47 2.83
CA ILE B 337 0.15 0.67 1.49
C ILE B 337 -0.84 1.51 0.71
N MET B 338 -2.12 1.15 0.80
CA MET B 338 -3.19 1.87 0.11
C MET B 338 -3.32 3.31 0.61
N ILE B 339 -3.20 3.50 1.93
CA ILE B 339 -3.26 4.84 2.52
C ILE B 339 -2.09 5.68 1.99
N SER B 340 -0.92 5.05 1.84
CA SER B 340 0.26 5.73 1.35
C SER B 340 0.22 6.05 -0.13
N ILE B 341 -0.02 5.04 -0.96
CA ILE B 341 -0.02 5.21 -2.41
C ILE B 341 -1.35 5.46 -3.12
N GLY B 342 -2.45 5.25 -2.41
CA GLY B 342 -3.77 5.46 -2.98
C GLY B 342 -4.34 4.20 -3.60
N TYR B 343 -5.67 4.14 -3.69
CA TYR B 343 -6.40 3.01 -4.26
C TYR B 343 -5.98 2.66 -5.68
N GLU B 344 -5.91 3.68 -6.53
CA GLU B 344 -5.54 3.55 -7.95
C GLU B 344 -4.20 2.86 -8.09
N ASN B 345 -3.23 3.25 -7.26
CA ASN B 345 -1.91 2.65 -7.27
C ASN B 345 -1.91 1.26 -6.62
N PHE B 346 -2.79 1.04 -5.63
CA PHE B 346 -2.89 -0.27 -5.00
C PHE B 346 -3.51 -1.26 -5.99
N VAL B 347 -4.46 -0.79 -6.80
CA VAL B 347 -5.10 -1.62 -7.83
C VAL B 347 -4.06 -1.99 -8.87
N GLU B 348 -3.14 -1.05 -9.14
CA GLU B 348 -2.05 -1.27 -10.08
C GLU B 348 -1.11 -2.35 -9.51
N LEU B 349 -0.90 -2.29 -8.19
CA LEU B 349 -0.07 -3.26 -7.45
C LEU B 349 -0.70 -4.65 -7.57
N LEU B 350 -2.01 -4.70 -7.39
CA LEU B 350 -2.78 -5.94 -7.48
C LEU B 350 -2.78 -6.48 -8.90
N THR B 351 -2.89 -5.57 -9.88
CA THR B 351 -2.90 -5.94 -11.30
C THR B 351 -1.58 -6.51 -11.78
N GLY B 352 -0.47 -5.97 -11.27
CA GLY B 352 0.84 -6.47 -11.64
C GLY B 352 1.00 -7.91 -11.19
N ALA B 353 0.47 -8.18 -10.01
CA ALA B 353 0.47 -9.52 -9.44
C ALA B 353 -0.43 -10.44 -10.23
N HIS B 354 -1.61 -9.94 -10.61
CA HIS B 354 -2.59 -10.69 -11.39
C HIS B 354 -2.02 -11.09 -12.76
N VAL B 355 -1.33 -10.15 -13.41
CA VAL B 355 -0.70 -10.36 -14.72
C VAL B 355 0.30 -11.51 -14.61
N ILE B 356 1.06 -11.53 -13.52
CA ILE B 356 2.04 -12.59 -13.30
C ILE B 356 1.37 -13.89 -12.87
N ASP B 357 0.19 -13.81 -12.25
CA ASP B 357 -0.57 -15.00 -11.83
C ASP B 357 -1.07 -15.68 -13.12
N GLU B 358 -1.57 -14.85 -14.05
CA GLU B 358 -2.07 -15.30 -15.34
C GLU B 358 -0.97 -15.86 -16.19
N HIS B 359 0.20 -15.21 -16.12
CA HIS B 359 1.38 -15.64 -16.86
C HIS B 359 1.87 -16.98 -16.31
N PHE B 360 1.89 -17.11 -14.99
CA PHE B 360 2.34 -18.33 -14.34
C PHE B 360 1.46 -19.54 -14.60
N ALA B 361 0.14 -19.34 -14.51
CA ALA B 361 -0.82 -20.41 -14.72
C ALA B 361 -0.98 -20.84 -16.18
N ASN B 362 -0.75 -19.90 -17.10
CA ASN B 362 -0.96 -20.15 -18.53
C ASN B 362 0.22 -20.22 -19.48
N ALA B 363 1.33 -19.54 -19.16
CA ALA B 363 2.51 -19.55 -20.03
C ALA B 363 3.16 -20.93 -20.13
N PRO B 364 3.61 -21.32 -21.35
CA PRO B 364 4.25 -22.62 -21.57
C PRO B 364 5.51 -22.76 -20.67
N PRO B 365 5.80 -23.96 -20.15
CA PRO B 365 6.95 -24.22 -19.28
C PRO B 365 8.30 -23.54 -19.56
N GLU B 366 8.74 -23.58 -20.81
CA GLU B 366 10.01 -22.96 -21.23
C GLU B 366 10.02 -21.44 -21.31
N GLN B 367 8.83 -20.83 -21.21
CA GLN B 367 8.71 -19.37 -21.23
C GLN B 367 7.98 -18.88 -19.99
N ASN B 368 8.02 -19.69 -18.93
CA ASN B 368 7.35 -19.38 -17.67
C ASN B 368 8.38 -18.89 -16.64
N VAL B 369 8.41 -17.57 -16.43
CA VAL B 369 9.35 -16.90 -15.50
C VAL B 369 9.44 -17.45 -14.07
N PRO B 370 8.31 -17.57 -13.33
CA PRO B 370 8.48 -18.09 -11.97
C PRO B 370 8.92 -19.56 -11.93
N LEU B 371 8.46 -20.36 -12.90
CA LEU B 371 8.82 -21.77 -12.99
C LEU B 371 10.31 -21.89 -13.31
N LEU B 372 10.79 -21.07 -14.24
CA LEU B 372 12.20 -21.07 -14.63
C LEU B 372 13.09 -20.60 -13.49
N LEU B 373 12.65 -19.56 -12.78
CA LEU B 373 13.38 -19.02 -11.62
C LEU B 373 13.51 -20.10 -10.54
N ALA B 374 12.44 -20.88 -10.40
CA ALA B 374 12.36 -21.96 -9.44
C ALA B 374 13.26 -23.14 -9.78
N LEU B 375 13.27 -23.50 -11.05
CA LEU B 375 14.08 -24.61 -11.56
C LEU B 375 15.56 -24.29 -11.54
N VAL B 376 15.89 -23.01 -11.80
CA VAL B 376 17.27 -22.53 -11.77
C VAL B 376 17.71 -22.62 -10.30
N GLY B 377 16.78 -22.29 -9.40
CA GLY B 377 17.02 -22.36 -7.97
C GLY B 377 17.19 -23.78 -7.48
N VAL B 378 16.33 -24.71 -7.93
CA VAL B 378 16.39 -26.13 -7.56
C VAL B 378 17.69 -26.75 -8.09
N TRP B 379 18.13 -26.28 -9.25
CA TRP B 379 19.37 -26.75 -9.87
C TRP B 379 20.57 -26.40 -9.00
N TYR B 380 20.52 -25.22 -8.41
CA TYR B 380 21.61 -24.76 -7.58
C TYR B 380 21.60 -25.27 -6.16
N ILE B 381 20.42 -25.35 -5.57
CA ILE B 381 20.28 -25.83 -4.20
C ILE B 381 20.54 -27.33 -4.07
N ASN B 382 19.81 -28.11 -4.87
CA ASN B 382 19.87 -29.56 -4.81
C ASN B 382 20.97 -30.29 -5.59
N PHE B 383 21.60 -29.62 -6.53
CA PHE B 383 22.63 -30.30 -7.30
C PHE B 383 24.02 -29.70 -7.07
N PHE B 384 24.06 -28.38 -6.93
CA PHE B 384 25.32 -27.69 -6.66
C PHE B 384 25.57 -27.61 -5.16
N GLY B 385 24.49 -27.74 -4.40
CA GLY B 385 24.56 -27.70 -2.95
C GLY B 385 24.65 -26.29 -2.38
N ALA B 386 24.17 -25.32 -3.15
CA ALA B 386 24.18 -23.91 -2.77
C ALA B 386 22.98 -23.62 -1.88
N VAL B 387 23.24 -23.43 -0.59
CA VAL B 387 22.19 -23.20 0.39
C VAL B 387 21.82 -21.76 0.63
N THR B 388 22.46 -20.85 -0.12
CA THR B 388 22.18 -19.43 0.01
C THR B 388 21.72 -18.87 -1.33
N HIS B 389 21.00 -17.76 -1.26
CA HIS B 389 20.49 -17.10 -2.45
C HIS B 389 20.42 -15.61 -2.12
N ALA B 390 21.10 -14.80 -2.91
CA ALA B 390 21.13 -13.37 -2.70
C ALA B 390 20.11 -12.62 -3.54
N ILE B 391 19.37 -11.74 -2.88
CA ILE B 391 18.39 -10.89 -3.56
C ILE B 391 19.06 -9.54 -3.52
N LEU B 392 19.49 -9.08 -4.70
CA LEU B 392 20.21 -7.81 -4.82
C LEU B 392 19.44 -6.84 -5.70
N PRO B 393 18.49 -6.10 -5.10
CA PRO B 393 17.71 -5.15 -5.89
C PRO B 393 18.43 -3.82 -6.14
N TYR B 394 18.71 -3.55 -7.41
CA TYR B 394 19.35 -2.31 -7.79
C TYR B 394 18.29 -1.25 -7.98
N ASP B 395 17.79 -0.82 -6.83
CA ASP B 395 16.78 0.20 -6.70
C ASP B 395 16.76 0.43 -5.20
N GLN B 396 17.12 1.64 -4.79
CA GLN B 396 17.16 2.01 -3.38
C GLN B 396 15.81 1.89 -2.68
N TYR B 397 14.73 2.13 -3.43
CA TYR B 397 13.37 2.03 -2.90
C TYR B 397 13.05 0.58 -2.51
N LEU B 398 13.71 -0.36 -3.18
CA LEU B 398 13.53 -1.78 -2.93
C LEU B 398 14.46 -2.31 -1.85
N TRP B 399 14.97 -1.42 -0.98
CA TRP B 399 15.88 -1.81 0.10
C TRP B 399 15.29 -2.77 1.14
N ARG B 400 13.96 -2.86 1.20
CA ARG B 400 13.34 -3.79 2.13
C ARG B 400 12.84 -5.05 1.47
N LEU B 401 13.14 -5.18 0.17
CA LEU B 401 12.78 -6.36 -0.60
C LEU B 401 13.49 -7.65 -0.11
N PRO B 402 14.82 -7.60 0.18
CA PRO B 402 15.48 -8.83 0.66
C PRO B 402 14.87 -9.36 1.95
N ALA B 403 14.54 -8.46 2.89
CA ALA B 403 13.93 -8.82 4.17
C ALA B 403 12.55 -9.42 3.95
N TYR B 404 11.83 -8.88 2.98
CA TYR B 404 10.50 -9.39 2.63
C TYR B 404 10.62 -10.78 2.01
N LEU B 405 11.55 -10.92 1.06
CA LEU B 405 11.76 -12.20 0.38
C LEU B 405 12.33 -13.24 1.33
N GLN B 406 12.92 -12.77 2.39
CA GLN B 406 13.45 -13.65 3.41
C GLN B 406 12.29 -14.44 4.02
N GLN B 407 11.26 -13.70 4.41
CA GLN B 407 10.08 -14.31 5.00
C GLN B 407 9.35 -15.17 3.97
N LEU B 408 9.11 -14.57 2.82
CA LEU B 408 8.39 -15.23 1.72
C LEU B 408 8.95 -16.62 1.42
N ASP B 409 10.24 -16.66 1.18
CA ASP B 409 10.95 -17.90 0.79
C ASP B 409 11.25 -18.83 1.98
N MET B 410 11.99 -18.29 2.93
CA MET B 410 12.49 -19.05 4.09
C MET B 410 11.37 -19.60 4.99
N GLU B 411 10.36 -18.80 5.27
CA GLU B 411 9.26 -19.24 6.16
C GLU B 411 8.35 -20.23 5.44
N SER B 412 8.39 -20.15 4.13
CA SER B 412 7.56 -20.99 3.26
C SER B 412 8.19 -22.35 3.02
N ASN B 413 9.44 -22.33 2.57
CA ASN B 413 10.14 -23.56 2.16
C ASN B 413 11.20 -24.02 3.16
N GLY B 414 11.22 -23.40 4.32
CA GLY B 414 12.15 -23.81 5.39
C GLY B 414 11.50 -24.95 6.18
N LYS B 415 11.24 -26.04 5.45
CA LYS B 415 10.59 -27.24 6.00
C LYS B 415 11.45 -28.48 5.75
N TYR B 416 11.29 -29.49 6.60
CA TYR B 416 12.01 -30.75 6.39
C TYR B 416 11.08 -31.95 6.42
N VAL B 417 9.79 -31.67 6.25
CA VAL B 417 8.75 -32.70 6.19
C VAL B 417 7.84 -32.43 4.98
N THR B 418 7.53 -33.50 4.28
CA THR B 418 6.64 -33.45 3.10
C THR B 418 5.18 -33.47 3.57
N ARG B 419 4.30 -33.20 2.64
CA ARG B 419 2.85 -33.18 2.92
C ARG B 419 2.35 -34.57 3.33
N SER B 420 3.07 -35.58 2.86
CA SER B 420 2.73 -36.99 3.14
C SER B 420 3.21 -37.38 4.54
N GLY B 421 3.88 -36.44 5.19
CA GLY B 421 4.37 -36.60 6.57
C GLY B 421 5.70 -37.36 6.65
N LYS B 422 6.44 -37.33 5.56
CA LYS B 422 7.75 -38.01 5.48
C LYS B 422 8.87 -36.96 5.51
N THR B 423 10.01 -37.38 6.02
CA THR B 423 11.21 -36.53 6.12
C THR B 423 11.78 -36.33 4.71
N VAL B 424 12.17 -35.09 4.38
CA VAL B 424 12.72 -34.80 3.03
C VAL B 424 14.12 -35.38 2.89
N SER B 425 14.37 -35.84 1.68
CA SER B 425 15.65 -36.48 1.33
C SER B 425 16.52 -35.53 0.51
N THR B 426 16.01 -34.33 0.30
CA THR B 426 16.74 -33.27 -0.43
C THR B 426 16.76 -32.00 0.41
N LEU B 427 17.65 -31.10 0.03
CA LEU B 427 17.72 -29.80 0.69
C LEU B 427 16.46 -29.03 0.28
N THR B 428 15.98 -28.18 1.15
CA THR B 428 14.79 -27.39 0.82
C THR B 428 15.17 -25.91 0.69
N GLY B 429 14.33 -25.07 1.28
CA GLY B 429 14.46 -23.60 1.22
C GLY B 429 15.89 -23.10 1.56
N PRO B 430 16.51 -22.27 0.68
CA PRO B 430 17.82 -21.70 0.96
C PRO B 430 17.74 -20.57 1.96
N ILE B 431 18.91 -20.08 2.35
CA ILE B 431 18.99 -18.89 3.20
C ILE B 431 19.03 -17.68 2.28
N ILE B 432 18.06 -16.81 2.45
CA ILE B 432 17.97 -15.59 1.64
C ILE B 432 18.61 -14.44 2.41
N PHE B 433 19.37 -13.66 1.68
CA PHE B 433 20.04 -12.45 2.21
C PHE B 433 20.21 -11.48 1.07
N GLY B 434 20.69 -10.30 1.41
CA GLY B 434 20.94 -9.26 0.40
C GLY B 434 20.63 -7.86 0.92
N GLU B 435 21.15 -6.94 0.14
CA GLU B 435 21.01 -5.49 0.33
C GLU B 435 20.88 -4.87 -1.05
N ALA B 436 20.42 -3.62 -1.10
CA ALA B 436 20.27 -2.95 -2.38
C ALA B 436 21.63 -2.62 -3.02
N GLY B 437 21.71 -2.87 -4.34
CA GLY B 437 22.88 -2.49 -5.15
C GLY B 437 22.83 -0.94 -5.16
N THR B 438 23.94 -0.23 -5.21
CA THR B 438 25.27 -0.74 -5.31
C THR B 438 25.87 -1.21 -3.96
N ASN B 439 25.33 -0.60 -2.91
CA ASN B 439 25.71 -0.79 -1.49
C ASN B 439 26.35 -2.14 -1.15
N GLY B 440 25.68 -3.19 -1.61
CA GLY B 440 26.12 -4.57 -1.37
C GLY B 440 27.54 -4.82 -1.87
N GLN B 441 27.90 -4.09 -2.92
CA GLN B 441 29.22 -4.22 -3.58
C GLN B 441 30.35 -3.84 -2.63
N HIS B 442 30.02 -2.94 -1.73
CA HIS B 442 30.97 -2.44 -0.74
C HIS B 442 30.72 -3.09 0.61
N ALA B 443 29.91 -4.13 0.59
CA ALA B 443 29.54 -4.83 1.83
C ALA B 443 29.91 -6.33 1.79
N PHE B 444 29.33 -7.09 0.85
CA PHE B 444 29.59 -8.54 0.85
C PHE B 444 29.82 -9.17 -0.54
N TYR B 445 29.92 -8.36 -1.58
CA TYR B 445 30.15 -8.90 -2.94
C TYR B 445 31.53 -9.55 -3.03
N GLN B 446 32.40 -9.15 -2.12
CA GLN B 446 33.76 -9.68 -2.03
C GLN B 446 33.68 -11.20 -1.85
N LEU B 447 32.74 -11.61 -1.02
CA LEU B 447 32.51 -13.02 -0.71
C LEU B 447 31.83 -13.73 -1.89
N ILE B 448 30.90 -13.04 -2.54
CA ILE B 448 30.18 -13.64 -3.69
C ILE B 448 31.14 -13.84 -4.86
N HIS B 449 32.14 -12.97 -4.96
CA HIS B 449 33.12 -13.01 -6.05
C HIS B 449 34.33 -13.91 -5.74
N GLN B 450 34.87 -13.80 -4.52
CA GLN B 450 36.09 -14.55 -4.16
C GLN B 450 35.97 -15.41 -2.89
N GLY B 451 34.75 -15.77 -2.55
CA GLY B 451 34.48 -16.62 -1.37
C GLY B 451 34.49 -18.10 -1.78
N THR B 452 34.36 -18.97 -0.79
CA THR B 452 34.38 -20.43 -1.00
C THR B 452 32.96 -21.00 -1.14
N ASN B 453 32.01 -20.10 -1.31
CA ASN B 453 30.60 -20.50 -1.46
C ASN B 453 30.03 -20.01 -2.78
N LEU B 454 29.30 -20.90 -3.42
CA LEU B 454 28.60 -20.55 -4.66
C LEU B 454 27.27 -19.95 -4.23
N ILE B 455 27.08 -18.68 -4.55
CA ILE B 455 25.85 -17.98 -4.11
C ILE B 455 25.03 -17.45 -5.28
N PRO B 456 23.98 -18.17 -5.72
CA PRO B 456 23.10 -17.67 -6.76
C PRO B 456 22.54 -16.34 -6.33
N CYS B 457 22.62 -15.40 -7.26
CA CYS B 457 22.20 -14.01 -7.04
C CYS B 457 21.10 -13.60 -8.02
N ASP B 458 20.17 -12.85 -7.47
CA ASP B 458 19.05 -12.29 -8.23
C ASP B 458 19.18 -10.77 -8.29
N PHE B 459 19.60 -10.32 -9.45
CA PHE B 459 19.80 -8.89 -9.73
C PHE B 459 18.53 -8.31 -10.38
N ILE B 460 17.85 -7.49 -9.60
CA ILE B 460 16.61 -6.81 -10.04
C ILE B 460 16.92 -5.33 -10.24
N GLY B 461 16.56 -4.83 -11.41
CA GLY B 461 16.81 -3.41 -11.74
C GLY B 461 15.72 -2.85 -12.65
N ALA B 462 15.69 -1.53 -12.68
CA ALA B 462 14.75 -0.75 -13.50
C ALA B 462 15.54 0.07 -14.52
N ILE B 463 14.99 0.13 -15.71
CA ILE B 463 15.63 0.87 -16.82
C ILE B 463 15.47 2.38 -16.58
N GLN B 464 14.30 2.75 -16.11
CA GLN B 464 13.98 4.16 -15.81
C GLN B 464 13.83 4.37 -14.31
N SER B 465 14.51 5.39 -13.83
CA SER B 465 14.46 5.80 -12.42
C SER B 465 13.29 6.75 -12.26
N GLN B 466 12.76 6.81 -11.05
CA GLN B 466 11.64 7.72 -10.75
C GLN B 466 12.20 9.10 -10.38
N ASN B 467 13.52 9.14 -10.26
CA ASN B 467 14.25 10.38 -9.94
C ASN B 467 15.33 10.65 -10.98
N LYS B 468 15.13 11.72 -11.71
CA LYS B 468 16.05 12.15 -12.77
C LYS B 468 17.09 13.11 -12.18
N ILE B 469 18.10 12.51 -11.54
CA ILE B 469 19.20 13.26 -10.93
C ILE B 469 20.49 13.01 -11.73
N GLY B 470 20.90 14.05 -12.43
CA GLY B 470 22.14 14.07 -13.25
C GLY B 470 22.30 12.80 -14.11
N ASP B 471 23.44 12.15 -13.92
CA ASP B 471 23.81 10.93 -14.64
C ASP B 471 23.84 9.73 -13.70
N HIS B 472 23.17 9.90 -12.58
CA HIS B 472 23.14 8.89 -11.52
C HIS B 472 22.66 7.51 -12.00
N HIS B 473 21.59 7.49 -12.77
CA HIS B 473 21.02 6.20 -13.18
C HIS B 473 21.93 5.40 -14.13
N LYS B 474 22.64 6.08 -15.03
CA LYS B 474 23.52 5.34 -15.97
C LYS B 474 24.76 4.83 -15.21
N ILE B 475 25.23 5.63 -14.26
CA ILE B 475 26.39 5.25 -13.42
C ILE B 475 25.98 4.07 -12.54
N PHE B 476 24.75 4.17 -12.06
CA PHE B 476 24.14 3.17 -11.18
C PHE B 476 23.96 1.83 -11.91
N MET B 477 23.34 1.89 -13.07
CA MET B 477 23.02 0.69 -13.84
C MET B 477 24.27 0.06 -14.50
N SER B 478 25.33 0.83 -14.59
CA SER B 478 26.59 0.31 -15.16
C SER B 478 27.10 -0.79 -14.24
N ASN B 479 26.83 -0.62 -12.96
CA ASN B 479 27.21 -1.57 -11.90
C ASN B 479 26.34 -2.83 -11.99
N PHE B 480 25.06 -2.59 -12.23
CA PHE B 480 24.03 -3.64 -12.33
C PHE B 480 24.38 -4.69 -13.40
N PHE B 481 24.76 -4.20 -14.58
CA PHE B 481 25.09 -5.08 -15.71
C PHE B 481 26.49 -5.68 -15.56
N ALA B 482 27.37 -4.90 -14.97
CA ALA B 482 28.79 -5.26 -14.78
C ALA B 482 29.00 -6.37 -13.74
N GLN B 483 28.27 -6.29 -12.65
CA GLN B 483 28.42 -7.26 -11.54
C GLN B 483 28.06 -8.68 -11.97
N THR B 484 26.99 -8.81 -12.74
CA THR B 484 26.55 -10.13 -13.24
C THR B 484 27.57 -10.66 -14.24
N GLU B 485 28.06 -9.75 -15.05
CA GLU B 485 29.07 -10.07 -16.06
C GLU B 485 30.35 -10.53 -15.35
N ALA B 486 30.68 -9.78 -14.30
CA ALA B 486 31.87 -10.02 -13.47
C ALA B 486 31.83 -11.40 -12.80
N LEU B 487 30.68 -11.69 -12.20
CA LEU B 487 30.46 -12.97 -11.51
C LEU B 487 30.67 -14.16 -12.48
N MET B 488 30.31 -13.91 -13.73
CA MET B 488 30.34 -14.93 -14.78
C MET B 488 31.73 -15.12 -15.44
N ILE B 489 32.24 -14.09 -16.12
CA ILE B 489 33.51 -14.22 -16.87
C ILE B 489 34.75 -14.28 -15.97
N GLY B 490 34.69 -13.59 -14.85
CA GLY B 490 35.82 -13.57 -13.90
C GLY B 490 37.01 -12.82 -14.51
N LYS B 491 38.18 -13.22 -14.09
CA LYS B 491 39.46 -12.64 -14.53
C LYS B 491 40.56 -13.68 -14.25
N SER B 492 41.19 -14.12 -15.33
CA SER B 492 42.25 -15.15 -15.26
C SER B 492 43.55 -14.53 -14.72
N PRO B 493 44.51 -15.34 -14.20
CA PRO B 493 45.76 -14.82 -13.68
C PRO B 493 46.54 -14.10 -14.75
N SER B 494 46.23 -14.45 -15.99
CA SER B 494 46.89 -13.88 -17.18
C SER B 494 46.43 -12.43 -17.41
N GLU B 495 45.13 -12.24 -17.27
CA GLU B 495 44.48 -10.92 -17.46
C GLU B 495 44.86 -9.96 -16.33
N VAL B 496 45.26 -10.53 -15.20
CA VAL B 496 45.66 -9.74 -14.02
C VAL B 496 47.10 -9.24 -14.21
N ARG B 497 47.92 -10.14 -14.75
CA ARG B 497 49.34 -9.86 -15.01
C ARG B 497 49.49 -8.67 -15.96
N ARG B 498 48.74 -8.72 -17.05
CA ARG B 498 48.77 -7.68 -18.10
C ARG B 498 48.23 -6.34 -17.58
N GLU B 499 47.30 -6.42 -16.64
CA GLU B 499 46.66 -5.22 -16.05
C GLU B 499 47.60 -4.57 -15.02
N LEU B 500 48.49 -5.41 -14.47
CA LEU B 500 49.45 -4.96 -13.44
C LEU B 500 50.72 -4.40 -14.10
N GLU B 501 51.17 -5.08 -15.14
CA GLU B 501 52.38 -4.69 -15.90
C GLU B 501 52.12 -3.38 -16.64
N ALA B 502 50.87 -3.27 -17.03
CA ALA B 502 50.35 -2.13 -17.79
C ALA B 502 49.75 -1.09 -16.84
N ALA B 503 50.39 -0.93 -15.71
CA ALA B 503 49.92 0.04 -14.72
C ALA B 503 51.08 0.66 -13.96
N GLY B 504 52.26 0.11 -14.17
CA GLY B 504 53.48 0.65 -13.56
C GLY B 504 54.29 -0.39 -12.79
N GLU B 505 53.75 -1.57 -12.58
CA GLU B 505 54.49 -2.61 -11.83
C GLU B 505 55.44 -3.36 -12.77
N ARG B 506 56.71 -3.23 -12.46
CA ARG B 506 57.80 -3.84 -13.25
C ARG B 506 58.44 -5.02 -12.50
N SER B 507 58.17 -5.09 -11.21
CA SER B 507 58.72 -6.14 -10.32
C SER B 507 57.91 -7.45 -10.50
N ALA B 508 58.62 -8.46 -11.01
CA ALA B 508 58.04 -9.79 -11.34
C ALA B 508 57.53 -10.55 -10.09
N GLU B 509 58.12 -10.23 -8.94
CA GLU B 509 57.77 -10.87 -7.66
C GLU B 509 56.46 -10.27 -7.11
N LYS B 510 56.40 -8.95 -7.15
CA LYS B 510 55.25 -8.16 -6.67
C LYS B 510 53.99 -8.50 -7.46
N ILE B 511 54.20 -8.86 -8.71
CA ILE B 511 53.11 -9.23 -9.62
C ILE B 511 52.61 -10.64 -9.28
N ASN B 512 53.55 -11.56 -9.11
CA ASN B 512 53.24 -12.98 -8.84
C ASN B 512 52.72 -13.20 -7.40
N ALA B 513 52.98 -12.25 -6.54
CA ALA B 513 52.53 -12.33 -5.13
C ALA B 513 51.07 -11.86 -5.02
N LEU B 514 50.75 -10.90 -5.88
CA LEU B 514 49.42 -10.27 -5.93
C LEU B 514 48.46 -10.99 -6.90
N LEU B 515 49.04 -11.78 -7.79
CA LEU B 515 48.30 -12.47 -8.86
C LEU B 515 47.13 -13.33 -8.36
N PRO B 516 47.29 -14.38 -7.51
CA PRO B 516 46.14 -15.18 -7.07
C PRO B 516 45.09 -14.38 -6.29
N HIS B 517 45.50 -13.30 -5.66
CA HIS B 517 44.57 -12.47 -4.83
C HIS B 517 43.61 -11.63 -5.69
N LYS B 518 44.06 -11.27 -6.87
CA LYS B 518 43.27 -10.46 -7.80
C LYS B 518 42.58 -11.32 -8.86
N THR B 519 42.72 -12.63 -8.71
CA THR B 519 42.12 -13.58 -9.66
C THR B 519 40.69 -13.93 -9.24
N PHE B 520 39.82 -13.88 -10.23
CA PHE B 520 38.40 -14.22 -10.08
C PHE B 520 38.13 -15.48 -10.91
N ILE B 521 37.77 -16.57 -10.23
CA ILE B 521 37.53 -17.85 -10.92
C ILE B 521 36.32 -17.73 -11.86
N GLY B 522 35.40 -16.86 -11.49
CA GLY B 522 34.18 -16.62 -12.27
C GLY B 522 33.28 -17.85 -12.21
N GLY B 523 32.45 -17.98 -13.22
CA GLY B 523 31.51 -19.10 -13.33
C GLY B 523 30.52 -19.09 -12.16
N ARG B 524 30.23 -17.89 -11.69
CA ARG B 524 29.29 -17.69 -10.58
C ARG B 524 27.96 -17.20 -11.16
N PRO B 525 26.86 -17.91 -10.84
CA PRO B 525 25.52 -17.63 -11.38
C PRO B 525 24.90 -16.34 -10.93
N SER B 526 23.94 -15.93 -11.73
CA SER B 526 23.12 -14.76 -11.46
C SER B 526 21.93 -14.73 -12.42
N ASN B 527 20.85 -14.24 -11.89
CA ASN B 527 19.62 -14.02 -12.64
C ASN B 527 19.45 -12.52 -12.70
N THR B 528 19.08 -12.02 -13.84
CA THR B 528 18.88 -10.60 -13.98
C THR B 528 17.43 -10.33 -14.33
N LEU B 529 16.79 -9.63 -13.42
CA LEU B 529 15.39 -9.22 -13.55
C LEU B 529 15.37 -7.73 -13.87
N LEU B 530 14.97 -7.45 -15.08
CA LEU B 530 14.93 -6.08 -15.59
C LEU B 530 13.49 -5.66 -15.91
N ILE B 531 13.08 -4.59 -15.28
CA ILE B 531 11.76 -3.98 -15.50
C ILE B 531 11.99 -2.61 -16.13
N LYS B 532 10.98 -2.08 -16.79
CA LYS B 532 11.10 -0.76 -17.43
C LYS B 532 11.25 0.33 -16.36
N SER B 533 10.40 0.21 -15.34
CA SER B 533 10.39 1.14 -14.20
C SER B 533 9.63 0.48 -13.04
N LEU B 534 10.00 0.88 -11.83
CA LEU B 534 9.39 0.33 -10.62
C LEU B 534 8.10 1.11 -10.27
N THR B 535 7.06 0.72 -11.00
CA THR B 535 5.70 1.27 -10.82
C THR B 535 4.96 0.33 -9.89
N PRO B 536 3.83 0.70 -9.24
CA PRO B 536 3.14 -0.25 -8.40
C PRO B 536 2.83 -1.54 -9.15
N ARG B 537 2.62 -1.45 -10.45
CA ARG B 537 2.33 -2.67 -11.26
C ARG B 537 3.56 -3.59 -11.31
N ALA B 538 4.72 -2.97 -11.46
CA ALA B 538 6.00 -3.70 -11.57
C ALA B 538 6.33 -4.41 -10.25
N LEU B 539 6.07 -3.74 -9.14
CA LEU B 539 6.34 -4.32 -7.81
C LEU B 539 5.43 -5.54 -7.60
N GLY B 540 4.18 -5.37 -7.99
CA GLY B 540 3.18 -6.44 -7.88
C GLY B 540 3.66 -7.67 -8.65
N ALA B 541 4.21 -7.37 -9.81
CA ALA B 541 4.74 -8.38 -10.73
C ALA B 541 5.90 -9.15 -10.10
N ILE B 542 6.83 -8.40 -9.53
CA ILE B 542 8.04 -8.97 -8.92
C ILE B 542 7.69 -9.87 -7.72
N ILE B 543 6.82 -9.40 -6.85
CA ILE B 543 6.46 -10.18 -5.65
C ILE B 543 5.72 -11.47 -6.05
N ALA B 544 4.74 -11.34 -6.92
CA ALA B 544 3.94 -12.50 -7.39
C ALA B 544 4.86 -13.55 -8.01
N MET B 545 5.85 -13.06 -8.74
CA MET B 545 6.84 -13.92 -9.41
C MET B 545 7.57 -14.76 -8.36
N TYR B 546 7.97 -14.10 -7.29
CA TYR B 546 8.72 -14.76 -6.21
C TYR B 546 7.81 -15.70 -5.41
N GLU B 547 6.56 -15.30 -5.26
CA GLU B 547 5.57 -16.12 -4.54
C GLU B 547 5.37 -17.43 -5.30
N HIS B 548 5.34 -17.30 -6.61
CA HIS B 548 5.13 -18.44 -7.52
C HIS B 548 6.41 -19.27 -7.65
N LYS B 549 7.55 -18.60 -7.52
CA LYS B 549 8.85 -19.30 -7.55
C LYS B 549 8.90 -20.26 -6.36
N VAL B 550 8.46 -19.70 -5.24
CA VAL B 550 8.42 -20.39 -3.94
C VAL B 550 7.43 -21.56 -3.99
N LEU B 551 6.32 -21.36 -4.71
CA LEU B 551 5.27 -22.38 -4.88
C LEU B 551 5.84 -23.60 -5.59
N VAL B 552 6.52 -23.35 -6.72
CA VAL B 552 7.10 -24.42 -7.53
C VAL B 552 8.17 -25.18 -6.76
N GLN B 553 9.08 -24.45 -6.12
CA GLN B 553 10.14 -25.06 -5.33
C GLN B 553 9.57 -25.93 -4.21
N GLY B 554 8.53 -25.41 -3.57
CA GLY B 554 7.86 -26.15 -2.51
C GLY B 554 7.21 -27.42 -3.01
N ALA B 555 6.54 -27.32 -4.17
CA ALA B 555 5.87 -28.45 -4.79
C ALA B 555 6.85 -29.49 -5.37
N ILE B 556 8.03 -29.03 -5.79
CA ILE B 556 9.07 -29.92 -6.31
C ILE B 556 9.60 -30.75 -5.14
N TRP B 557 9.83 -30.09 -4.01
CA TRP B 557 10.33 -30.75 -2.80
C TRP B 557 9.28 -31.56 -2.09
N GLY B 558 8.03 -31.32 -2.45
CA GLY B 558 6.89 -32.04 -1.88
C GLY B 558 6.45 -31.54 -0.52
N ILE B 559 6.93 -30.35 -0.14
CA ILE B 559 6.61 -29.77 1.15
C ILE B 559 5.39 -28.84 1.12
N ASP B 560 4.97 -28.40 2.31
CA ASP B 560 3.85 -27.48 2.46
C ASP B 560 4.48 -26.09 2.63
N SER B 561 4.45 -25.32 1.56
CA SER B 561 5.01 -23.97 1.54
C SER B 561 4.12 -22.93 2.19
N TYR B 562 3.03 -23.36 2.80
CA TYR B 562 2.05 -22.44 3.34
C TYR B 562 1.73 -22.52 4.82
N ASP B 563 2.42 -23.40 5.51
CA ASP B 563 2.24 -23.51 6.95
C ASP B 563 3.52 -22.95 7.61
N GLN B 564 3.51 -22.84 8.94
CA GLN B 564 4.65 -22.32 9.69
C GLN B 564 4.66 -22.86 11.12
N TRP B 565 4.69 -24.19 11.23
CA TRP B 565 4.70 -24.88 12.52
C TRP B 565 5.99 -24.65 13.29
N GLY B 566 7.02 -24.19 12.57
CA GLY B 566 8.33 -23.93 13.15
C GLY B 566 8.48 -22.76 14.09
N VAL B 567 7.48 -21.89 14.15
CA VAL B 567 7.51 -20.74 15.03
C VAL B 567 6.82 -20.99 16.38
N GLU B 568 6.16 -22.14 16.50
CA GLU B 568 5.42 -22.51 17.71
C GLU B 568 6.22 -22.82 18.97
N LEU B 569 7.32 -23.57 18.83
CA LEU B 569 8.15 -23.93 19.99
C LEU B 569 8.73 -22.73 20.70
N GLY B 570 9.24 -21.77 19.91
CA GLY B 570 9.80 -20.56 20.47
C GLY B 570 8.78 -19.77 21.26
N LYS B 571 7.54 -19.77 20.78
CA LYS B 571 6.41 -19.08 21.42
C LYS B 571 5.98 -19.72 22.73
N VAL B 572 5.90 -21.06 22.73
CA VAL B 572 5.51 -21.83 23.91
C VAL B 572 6.57 -21.74 25.00
N LEU B 573 7.84 -21.80 24.60
CA LEU B 573 8.92 -21.69 25.57
C LEU B 573 9.06 -20.27 26.13
N ALA B 574 8.63 -19.28 25.33
CA ALA B 574 8.65 -17.87 25.72
C ALA B 574 7.57 -17.58 26.76
N LYS B 575 6.40 -18.20 26.57
CA LYS B 575 5.27 -18.04 27.50
C LYS B 575 5.62 -18.65 28.85
N SER B 576 6.45 -19.70 28.82
CA SER B 576 6.89 -20.39 30.02
C SER B 576 7.97 -19.61 30.76
N ILE B 577 8.80 -18.88 30.01
CA ILE B 577 9.88 -18.08 30.57
C ILE B 577 9.39 -16.73 31.11
N LEU B 578 8.37 -16.17 30.47
CA LEU B 578 7.81 -14.88 30.88
C LEU B 578 7.52 -14.70 32.39
N PRO B 579 6.78 -15.64 33.06
CA PRO B 579 6.54 -15.43 34.50
C PRO B 579 7.77 -15.62 35.38
N GLN B 580 8.87 -16.09 34.78
CA GLN B 580 10.14 -16.31 35.47
C GLN B 580 11.06 -15.10 35.40
N LEU B 581 10.72 -14.13 34.55
CA LEU B 581 11.50 -12.91 34.40
C LEU B 581 11.04 -11.85 35.40
N ARG B 582 11.40 -12.07 36.66
CA ARG B 582 11.06 -11.20 37.79
C ARG B 582 12.38 -10.90 38.51
N PRO B 583 12.58 -9.66 39.02
CA PRO B 583 13.82 -9.29 39.71
C PRO B 583 14.22 -10.23 40.86
N GLY B 584 15.45 -10.76 40.78
CA GLY B 584 15.96 -11.67 41.79
C GLY B 584 15.51 -13.11 41.72
N MET B 585 14.59 -13.44 40.79
CA MET B 585 14.11 -14.81 40.64
C MET B 585 15.16 -15.72 40.03
N ARG B 586 15.29 -16.92 40.61
CA ARG B 586 16.23 -17.93 40.15
C ARG B 586 15.45 -19.12 39.60
N VAL B 587 15.93 -19.69 38.49
CA VAL B 587 15.28 -20.83 37.88
C VAL B 587 16.20 -22.04 37.78
N ASN B 588 15.60 -23.22 37.73
CA ASN B 588 16.35 -24.48 37.64
C ASN B 588 15.72 -25.54 36.73
N ASN B 589 14.55 -25.22 36.16
CA ASN B 589 13.79 -26.14 35.30
C ASN B 589 14.28 -26.33 33.86
N HIS B 590 15.12 -25.42 33.38
CA HIS B 590 15.65 -25.52 32.02
C HIS B 590 17.06 -26.09 32.07
N ASP B 591 17.72 -26.05 30.91
CA ASP B 591 19.11 -26.50 30.77
C ASP B 591 19.95 -25.41 31.47
N SER B 592 21.18 -25.73 31.87
CA SER B 592 22.05 -24.80 32.58
C SER B 592 22.34 -23.46 31.91
N SER B 593 22.32 -23.43 30.57
CA SER B 593 22.56 -22.19 29.82
C SER B 593 21.39 -21.24 30.00
N THR B 594 20.19 -21.72 29.65
CA THR B 594 18.95 -20.96 29.76
C THR B 594 18.73 -20.54 31.22
N ASN B 595 19.04 -21.43 32.17
CA ASN B 595 18.92 -21.13 33.60
C ASN B 595 19.83 -19.99 34.00
N GLY B 596 21.11 -20.11 33.62
CA GLY B 596 22.13 -19.12 33.93
C GLY B 596 21.84 -17.76 33.30
N LEU B 597 21.29 -17.79 32.09
CA LEU B 597 20.94 -16.58 31.36
C LEU B 597 19.75 -15.84 31.98
N ILE B 598 18.72 -16.59 32.38
CA ILE B 598 17.52 -16.02 33.03
C ILE B 598 17.89 -15.47 34.42
N ASN B 599 18.70 -16.25 35.15
CA ASN B 599 19.15 -15.86 36.50
C ASN B 599 19.96 -14.57 36.50
N MET B 600 20.82 -14.42 35.50
CA MET B 600 21.66 -13.22 35.36
C MET B 600 20.80 -12.02 34.93
N PHE B 601 19.78 -12.29 34.12
CA PHE B 601 18.83 -11.27 33.65
C PHE B 601 18.09 -10.72 34.86
N ASN B 602 17.56 -11.64 35.68
CA ASN B 602 16.80 -11.31 36.88
C ASN B 602 17.59 -10.65 37.99
N GLU B 603 18.90 -10.92 38.04
CA GLU B 603 19.80 -10.35 39.04
C GLU B 603 20.01 -8.86 38.79
N LEU B 604 20.06 -8.49 37.51
CA LEU B 604 20.32 -7.12 37.08
C LEU B 604 19.23 -6.39 36.29
N SER B 605 18.02 -6.95 36.21
CA SER B 605 16.90 -6.34 35.46
C SER B 605 16.43 -4.97 35.96
N HIS B 606 16.33 -4.86 37.29
CA HIS B 606 15.91 -3.63 37.95
C HIS B 606 16.86 -3.32 39.10
N ALA C 46 47.20 -25.40 -4.01
CA ALA C 46 46.34 -25.73 -2.84
C ALA C 46 47.13 -25.71 -1.52
N ASP C 47 46.66 -24.87 -0.60
CA ASP C 47 47.23 -24.67 0.74
C ASP C 47 46.98 -25.88 1.64
N THR C 48 47.96 -26.22 2.45
CA THR C 48 47.87 -27.37 3.37
C THR C 48 48.42 -27.09 4.77
N THR C 49 48.83 -25.85 5.03
CA THR C 49 49.39 -25.47 6.34
C THR C 49 48.37 -25.67 7.48
N LEU C 50 47.10 -25.49 7.13
CA LEU C 50 45.98 -25.62 8.06
C LEU C 50 45.51 -27.07 8.19
N THR C 51 45.34 -27.74 7.06
CA THR C 51 44.89 -29.13 7.04
C THR C 51 45.90 -30.16 7.57
N SER C 52 47.19 -29.82 7.50
CA SER C 52 48.26 -30.70 7.99
C SER C 52 48.53 -30.51 9.48
N CYS C 53 47.81 -29.57 10.11
CA CYS C 53 47.95 -29.30 11.54
C CYS C 53 47.49 -30.51 12.34
N ALA C 54 48.22 -30.82 13.40
CA ALA C 54 47.95 -31.96 14.28
C ALA C 54 46.56 -31.90 14.87
N SER C 55 46.16 -30.70 15.30
CA SER C 55 44.85 -30.45 15.88
C SER C 55 43.70 -30.47 14.89
N TRP C 56 43.99 -30.26 13.61
CA TRP C 56 42.96 -30.28 12.57
C TRP C 56 42.47 -31.69 12.30
N THR C 57 43.42 -32.63 12.26
CA THR C 57 43.12 -34.04 12.04
C THR C 57 42.41 -34.61 13.27
N GLN C 58 42.74 -34.03 14.44
CA GLN C 58 42.14 -34.44 15.71
C GLN C 58 40.72 -33.89 15.78
N LEU C 59 40.52 -32.64 15.34
CA LEU C 59 39.20 -32.00 15.31
C LEU C 59 38.28 -32.70 14.31
N GLN C 60 38.87 -33.23 13.22
CA GLN C 60 38.13 -33.95 12.19
C GLN C 60 37.71 -35.32 12.75
N LYS C 61 38.56 -35.92 13.57
CA LYS C 61 38.26 -37.20 14.22
C LYS C 61 37.22 -37.02 15.31
N LEU C 62 37.28 -35.87 16.01
CA LEU C 62 36.33 -35.54 17.07
C LEU C 62 34.95 -35.19 16.49
N TYR C 63 34.94 -34.82 15.22
CA TYR C 63 33.69 -34.50 14.52
C TYR C 63 32.93 -35.76 14.18
N GLU C 64 33.66 -36.75 13.67
CA GLU C 64 33.10 -38.04 13.28
C GLU C 64 32.65 -38.81 14.53
N GLN C 65 33.26 -38.45 15.66
CA GLN C 65 33.03 -39.04 16.97
C GLN C 65 31.86 -38.39 17.74
N TYR C 66 31.82 -37.05 17.79
CA TYR C 66 30.80 -36.32 18.56
C TYR C 66 29.89 -35.36 17.80
N GLY C 67 30.08 -35.25 16.47
CA GLY C 67 29.27 -34.33 15.66
C GLY C 67 27.78 -34.63 15.62
N ASP C 68 27.45 -35.92 15.69
CA ASP C 68 26.06 -36.39 15.66
C ASP C 68 25.41 -36.44 17.05
N GLU C 69 26.19 -36.15 18.09
CA GLU C 69 25.68 -36.13 19.47
C GLU C 69 24.88 -34.84 19.65
N PRO C 70 23.59 -34.93 20.05
CA PRO C 70 22.78 -33.72 20.24
C PRO C 70 23.34 -32.83 21.35
N ILE C 71 23.18 -31.51 21.19
CA ILE C 71 23.68 -30.54 22.18
C ILE C 71 23.15 -30.79 23.58
N LYS C 72 21.91 -31.29 23.65
CA LYS C 72 21.24 -31.57 24.92
C LYS C 72 21.97 -32.61 25.78
N LYS C 73 22.68 -33.53 25.12
CA LYS C 73 23.44 -34.58 25.82
C LYS C 73 24.58 -33.97 26.62
N HIS C 74 25.19 -32.92 26.09
CA HIS C 74 26.30 -32.22 26.75
C HIS C 74 25.84 -31.55 28.05
N PHE C 75 24.58 -31.13 28.06
CA PHE C 75 23.95 -30.48 29.22
C PHE C 75 23.52 -31.50 30.27
N GLU C 76 23.13 -32.69 29.79
CA GLU C 76 22.69 -33.78 30.66
C GLU C 76 23.87 -34.42 31.39
N THR C 77 25.02 -34.44 30.71
CA THR C 77 26.25 -35.03 31.26
C THR C 77 27.04 -34.06 32.15
N ASP C 78 26.96 -32.77 31.84
CA ASP C 78 27.64 -31.73 32.61
C ASP C 78 26.61 -30.71 33.10
N SER C 79 26.31 -30.77 34.40
CA SER C 79 25.34 -29.89 35.07
C SER C 79 25.81 -28.43 35.25
N GLU C 80 27.10 -28.20 34.97
CA GLU C 80 27.71 -26.88 35.09
C GLU C 80 28.14 -26.34 33.73
N ARG C 81 27.59 -26.91 32.65
CA ARG C 81 27.92 -26.51 31.28
C ARG C 81 27.73 -25.03 30.98
N GLY C 82 26.59 -24.49 31.41
CA GLY C 82 26.27 -23.07 31.21
C GLY C 82 27.35 -22.15 31.72
N GLN C 83 27.86 -22.44 32.92
CA GLN C 83 28.92 -21.66 33.57
C GLN C 83 30.29 -21.90 32.92
N ARG C 84 30.64 -23.17 32.72
CA ARG C 84 31.93 -23.57 32.14
C ARG C 84 32.13 -23.15 30.69
N TYR C 85 31.01 -23.02 29.98
CA TYR C 85 31.03 -22.63 28.57
C TYR C 85 30.46 -21.23 28.37
N SER C 86 30.92 -20.32 29.23
CA SER C 86 30.52 -18.94 29.20
C SER C 86 31.56 -18.08 29.88
N VAL C 87 31.73 -16.86 29.38
CA VAL C 87 32.69 -15.91 29.93
C VAL C 87 32.04 -14.53 30.04
N LYS C 88 32.23 -13.89 31.18
CA LYS C 88 31.72 -12.55 31.44
C LYS C 88 32.92 -11.60 31.44
N VAL C 89 32.84 -10.57 30.59
CA VAL C 89 33.90 -9.57 30.48
C VAL C 89 33.36 -8.24 30.93
N SER C 90 33.91 -7.72 32.02
CA SER C 90 33.53 -6.42 32.57
C SER C 90 33.97 -5.33 31.61
N LEU C 91 33.09 -4.34 31.42
CA LEU C 91 33.39 -3.23 30.53
C LEU C 91 34.15 -2.09 31.21
N GLY C 92 34.35 -2.24 32.52
CA GLY C 92 35.08 -1.25 33.32
C GLY C 92 34.37 0.04 33.66
N SER C 93 33.06 0.09 33.43
CA SER C 93 32.26 1.28 33.72
C SER C 93 31.57 1.25 35.07
N LYS C 94 31.18 2.43 35.54
CA LYS C 94 30.51 2.63 36.83
C LYS C 94 29.15 1.94 36.94
N ASP C 95 28.48 1.77 35.80
CA ASP C 95 27.16 1.12 35.76
C ASP C 95 27.26 -0.41 35.81
N GLU C 96 28.50 -0.91 35.93
CA GLU C 96 28.83 -2.34 36.00
C GLU C 96 28.40 -3.13 34.77
N ASN C 97 28.51 -2.50 33.61
CA ASN C 97 28.15 -3.11 32.33
C ASN C 97 29.17 -4.19 31.96
N PHE C 98 28.71 -5.17 31.19
CA PHE C 98 29.54 -6.30 30.78
C PHE C 98 29.14 -6.86 29.42
N LEU C 99 29.96 -7.78 28.92
CA LEU C 99 29.69 -8.49 27.68
C LEU C 99 29.82 -9.95 28.11
N PHE C 100 28.71 -10.66 28.05
CA PHE C 100 28.65 -12.07 28.44
C PHE C 100 28.42 -12.93 27.21
N LEU C 101 29.35 -13.84 26.96
CA LEU C 101 29.22 -14.77 25.85
C LEU C 101 28.90 -16.13 26.45
N ASP C 102 27.80 -16.71 25.96
CA ASP C 102 27.38 -18.03 26.35
C ASP C 102 27.41 -18.83 25.05
N TYR C 103 28.42 -19.68 24.91
CA TYR C 103 28.57 -20.51 23.72
C TYR C 103 28.30 -21.99 24.03
N SER C 104 27.61 -22.23 25.14
CA SER C 104 27.27 -23.58 25.60
C SER C 104 26.32 -24.36 24.73
N LYS C 105 25.44 -23.65 24.02
CA LYS C 105 24.48 -24.29 23.13
C LYS C 105 25.19 -24.57 21.81
N SER C 106 26.08 -25.54 21.87
CA SER C 106 26.91 -25.96 20.75
C SER C 106 27.30 -27.44 20.87
N HIS C 107 27.69 -28.06 19.74
CA HIS C 107 28.11 -29.46 19.72
C HIS C 107 29.60 -29.51 20.07
N ILE C 108 29.93 -28.91 21.22
CA ILE C 108 31.30 -28.81 21.69
C ILE C 108 31.46 -29.36 23.11
N ASN C 109 32.18 -30.48 23.25
CA ASN C 109 32.46 -31.03 24.57
C ASN C 109 33.87 -30.58 24.96
N ASP C 110 34.36 -31.00 26.13
CA ASP C 110 35.71 -30.62 26.61
C ASP C 110 36.87 -30.96 25.68
N GLU C 111 36.78 -32.12 25.03
CA GLU C 111 37.79 -32.59 24.08
C GLU C 111 37.83 -31.70 22.84
N ILE C 112 36.64 -31.35 22.35
CA ILE C 112 36.49 -30.48 21.18
C ILE C 112 36.97 -29.06 21.50
N LYS C 113 36.64 -28.58 22.70
CA LYS C 113 37.03 -27.24 23.17
C LYS C 113 38.56 -27.12 23.26
N CYS C 114 39.20 -28.12 23.86
CA CYS C 114 40.66 -28.16 24.01
C CYS C 114 41.37 -28.23 22.65
N ALA C 115 40.80 -29.03 21.75
CA ALA C 115 41.35 -29.21 20.39
C ALA C 115 41.20 -27.96 19.53
N LEU C 116 40.14 -27.18 19.79
CA LEU C 116 39.90 -25.92 19.09
C LEU C 116 40.92 -24.88 19.60
N LEU C 117 41.24 -24.97 20.89
CA LEU C 117 42.21 -24.08 21.51
C LEU C 117 43.63 -24.44 21.06
N ARG C 118 43.87 -25.72 20.80
CA ARG C 118 45.17 -26.20 20.32
C ARG C 118 45.36 -25.81 18.85
N LEU C 119 44.23 -25.62 18.14
CA LEU C 119 44.27 -25.19 16.74
C LEU C 119 44.70 -23.75 16.70
N ALA C 120 44.21 -22.99 17.68
CA ALA C 120 44.52 -21.58 17.85
C ALA C 120 46.01 -21.40 18.19
N GLU C 121 46.56 -22.37 18.93
CA GLU C 121 47.98 -22.37 19.30
C GLU C 121 48.89 -22.71 18.13
N GLU C 122 48.48 -23.72 17.35
CA GLU C 122 49.24 -24.20 16.19
C GLU C 122 49.25 -23.21 15.00
N ARG C 123 48.21 -22.39 14.91
CA ARG C 123 48.08 -21.40 13.84
C ARG C 123 48.72 -20.07 14.22
N GLY C 124 49.23 -20.00 15.45
CA GLY C 124 49.88 -18.82 15.97
C GLY C 124 49.01 -17.58 16.09
N ILE C 125 47.83 -17.74 16.69
CA ILE C 125 46.89 -16.62 16.86
C ILE C 125 47.44 -15.60 17.84
N ARG C 126 47.99 -16.06 18.97
CA ARG C 126 48.57 -15.20 20.00
C ARG C 126 49.62 -14.24 19.40
N GLN C 127 50.48 -14.80 18.53
CA GLN C 127 51.54 -14.05 17.86
C GLN C 127 50.97 -13.13 16.78
N PHE C 128 49.93 -13.60 16.08
CA PHE C 128 49.25 -12.84 15.02
C PHE C 128 48.57 -11.62 15.61
N VAL C 129 47.95 -11.79 16.79
CA VAL C 129 47.26 -10.73 17.52
C VAL C 129 48.31 -9.68 17.90
N GLN C 130 49.43 -10.13 18.46
CA GLN C 130 50.52 -9.25 18.84
C GLN C 130 51.06 -8.48 17.65
N SER C 131 51.15 -9.17 16.52
CA SER C 131 51.63 -8.58 15.26
C SER C 131 50.69 -7.49 14.74
N VAL C 132 49.38 -7.75 14.82
CA VAL C 132 48.34 -6.79 14.39
C VAL C 132 48.39 -5.54 15.27
N PHE C 133 48.51 -5.78 16.58
CA PHE C 133 48.58 -4.73 17.60
C PHE C 133 49.87 -3.91 17.65
N ARG C 134 51.00 -4.53 17.28
CA ARG C 134 52.31 -3.84 17.29
C ARG C 134 52.51 -2.92 16.07
N GLY C 135 51.62 -3.02 15.09
CA GLY C 135 51.71 -2.20 13.90
C GLY C 135 52.35 -2.88 12.70
N GLU C 136 52.45 -4.21 12.73
CA GLU C 136 53.05 -4.97 11.63
C GLU C 136 52.17 -5.01 10.39
N ARG C 137 52.82 -5.10 9.24
CA ARG C 137 52.16 -5.13 7.93
C ARG C 137 51.55 -6.50 7.61
N VAL C 138 50.59 -6.89 8.46
CA VAL C 138 49.87 -8.17 8.38
C VAL C 138 48.89 -8.22 7.20
N ASN C 139 48.60 -7.07 6.63
CA ASN C 139 47.74 -6.96 5.44
C ASN C 139 48.82 -7.04 4.33
N THR C 140 49.32 -8.25 4.15
CA THR C 140 50.42 -8.59 3.25
C THR C 140 50.26 -8.31 1.77
N THR C 141 49.02 -8.36 1.29
CA THR C 141 48.72 -8.13 -0.12
C THR C 141 48.82 -6.65 -0.50
N GLU C 142 48.51 -5.79 0.47
CA GLU C 142 48.58 -4.34 0.28
C GLU C 142 49.76 -3.74 1.02
N ASN C 143 50.51 -4.60 1.73
CA ASN C 143 51.69 -4.22 2.55
C ASN C 143 51.31 -3.07 3.48
N ARG C 144 50.19 -3.27 4.18
CA ARG C 144 49.65 -2.27 5.08
C ARG C 144 49.45 -2.77 6.49
N PRO C 145 49.62 -1.90 7.49
CA PRO C 145 49.42 -2.32 8.88
C PRO C 145 47.91 -2.37 9.15
N VAL C 146 47.50 -3.08 10.18
CA VAL C 146 46.09 -3.19 10.53
C VAL C 146 45.93 -2.67 11.94
N LEU C 147 45.56 -1.39 12.03
CA LEU C 147 45.45 -0.73 13.30
C LEU C 147 44.15 -0.02 13.65
N HIS C 148 43.03 -0.74 13.60
CA HIS C 148 41.76 -0.15 14.00
C HIS C 148 41.77 -0.04 15.53
N ILE C 149 42.61 -0.86 16.16
CA ILE C 149 42.78 -0.88 17.61
C ILE C 149 43.46 0.40 18.11
N ALA C 150 44.21 1.03 17.20
CA ALA C 150 44.93 2.26 17.46
C ALA C 150 44.01 3.46 17.61
N LEU C 151 42.89 3.42 16.89
CA LEU C 151 41.90 4.47 16.90
C LEU C 151 41.14 4.57 18.22
N ARG C 152 41.13 3.47 18.95
CA ARG C 152 40.45 3.39 20.24
C ARG C 152 41.40 3.13 21.40
N ASN C 153 42.70 3.34 21.14
CA ASN C 153 43.75 3.12 22.14
C ASN C 153 43.71 4.22 23.22
N ARG C 154 42.85 3.99 24.22
CA ARG C 154 42.64 4.91 25.34
C ARG C 154 43.79 4.92 26.33
N SER C 155 44.62 3.88 26.29
CA SER C 155 45.78 3.75 27.17
C SER C 155 46.86 4.70 26.67
N ASN C 156 46.75 5.04 25.38
CA ASN C 156 47.67 5.92 24.66
C ASN C 156 49.10 5.36 24.62
N ARG C 157 49.18 4.02 24.61
CA ARG C 157 50.44 3.29 24.53
C ARG C 157 50.99 3.50 23.12
N PRO C 158 52.31 3.79 23.01
CA PRO C 158 52.95 4.02 21.71
C PRO C 158 52.88 2.89 20.69
N ILE C 159 52.22 3.20 19.56
CA ILE C 159 52.03 2.31 18.40
C ILE C 159 52.88 2.90 17.26
N TYR C 160 53.75 2.04 16.73
CA TYR C 160 54.73 2.36 15.72
C TYR C 160 54.53 1.80 14.34
N VAL C 161 54.36 2.73 13.43
CA VAL C 161 54.17 2.45 12.01
C VAL C 161 55.25 3.26 11.30
N ASP C 162 56.13 2.56 10.60
CA ASP C 162 57.25 3.18 9.88
C ASP C 162 58.23 3.84 10.88
N GLY C 163 57.85 3.79 12.16
CA GLY C 163 58.66 4.35 13.23
C GLY C 163 58.02 5.48 14.02
N LYS C 164 56.99 6.09 13.46
CA LYS C 164 56.29 7.20 14.11
C LYS C 164 55.08 6.76 14.91
N ASP C 165 54.98 7.30 16.13
CA ASP C 165 53.86 7.05 17.04
C ASP C 165 52.63 7.67 16.42
N VAL C 166 51.63 6.84 16.17
CA VAL C 166 50.39 7.25 15.53
C VAL C 166 49.35 7.84 16.47
N MET C 167 49.58 7.70 17.78
CA MET C 167 48.66 8.21 18.80
C MET C 167 48.43 9.72 18.83
N PRO C 168 49.47 10.57 18.63
CA PRO C 168 49.20 12.01 18.65
C PRO C 168 48.35 12.42 17.45
N ALA C 169 48.49 11.68 16.34
CA ALA C 169 47.74 11.93 15.11
C ALA C 169 46.29 11.46 15.25
N VAL C 170 46.09 10.36 15.99
CA VAL C 170 44.76 9.79 16.25
C VAL C 170 44.00 10.75 17.16
N ASN C 171 44.67 11.22 18.21
CA ASN C 171 44.10 12.15 19.18
C ASN C 171 43.93 13.56 18.64
N LYS C 172 44.68 13.90 17.59
CA LYS C 172 44.61 15.22 16.93
C LYS C 172 43.28 15.28 16.19
N VAL C 173 42.93 14.17 15.55
CA VAL C 173 41.68 14.05 14.79
C VAL C 173 40.50 13.93 15.74
N LEU C 174 40.68 13.23 16.87
CA LEU C 174 39.63 13.06 17.87
C LEU C 174 39.30 14.39 18.56
N ASP C 175 40.31 15.25 18.68
CA ASP C 175 40.16 16.57 19.28
C ASP C 175 39.54 17.52 18.25
N GLN C 176 39.84 17.28 16.98
CA GLN C 176 39.32 18.07 15.85
C GLN C 176 37.85 17.70 15.69
N MET C 177 37.56 16.40 15.83
CA MET C 177 36.20 15.87 15.75
C MET C 177 35.36 16.41 16.91
N ARG C 178 36.00 16.54 18.07
CA ARG C 178 35.37 17.06 19.29
C ARG C 178 34.94 18.51 19.13
N SER C 179 35.89 19.36 18.74
CA SER C 179 35.69 20.79 18.55
C SER C 179 34.60 21.09 17.52
N PHE C 180 34.68 20.39 16.39
CA PHE C 180 33.73 20.55 15.30
C PHE C 180 32.34 20.02 15.63
N SER C 181 32.27 18.80 16.18
CA SER C 181 30.99 18.19 16.54
C SER C 181 30.26 19.06 17.55
N GLU C 182 31.02 19.65 18.48
CA GLU C 182 30.45 20.54 19.49
C GLU C 182 29.92 21.84 18.88
N LYS C 183 30.62 22.33 17.85
CA LYS C 183 30.23 23.55 17.13
C LYS C 183 28.92 23.33 16.38
N VAL C 184 28.76 22.13 15.81
CA VAL C 184 27.56 21.72 15.07
C VAL C 184 26.39 21.52 16.05
N ARG C 185 26.67 20.79 17.13
CA ARG C 185 25.70 20.47 18.18
C ARG C 185 25.08 21.66 18.92
N THR C 186 25.94 22.58 19.36
CA THR C 186 25.51 23.77 20.11
C THR C 186 24.84 24.81 19.24
N GLY C 187 25.08 24.72 17.93
CA GLY C 187 24.50 25.64 16.97
C GLY C 187 25.45 26.76 16.58
N GLU C 188 26.73 26.63 16.95
CA GLU C 188 27.74 27.63 16.65
C GLU C 188 28.16 27.62 15.18
N TRP C 189 28.30 26.41 14.61
CA TRP C 189 28.65 26.26 13.19
C TRP C 189 27.41 26.62 12.39
N LYS C 190 27.55 27.66 11.58
CA LYS C 190 26.46 28.17 10.76
C LYS C 190 26.61 27.76 9.32
N GLY C 191 25.48 27.81 8.60
CA GLY C 191 25.49 27.50 7.18
C GLY C 191 25.82 28.79 6.43
N HIS C 192 25.62 28.81 5.12
CA HIS C 192 25.92 30.01 4.33
C HIS C 192 25.00 31.20 4.61
N THR C 193 23.76 30.90 4.99
CA THR C 193 22.75 31.92 5.29
C THR C 193 22.63 32.28 6.78
N GLY C 194 23.59 31.80 7.57
CA GLY C 194 23.61 32.08 9.00
C GLY C 194 22.79 31.16 9.91
N LYS C 195 22.24 30.10 9.32
CA LYS C 195 21.42 29.14 10.08
C LYS C 195 22.24 28.04 10.74
N ALA C 196 21.81 27.63 11.92
CA ALA C 196 22.46 26.55 12.69
C ALA C 196 22.13 25.23 11.99
N ILE C 197 23.05 24.27 12.08
CA ILE C 197 22.86 22.96 11.45
C ILE C 197 21.77 22.13 12.13
N ARG C 198 20.80 21.70 11.32
CA ARG C 198 19.68 20.88 11.79
C ARG C 198 19.71 19.49 11.16
N HIS C 199 20.36 19.41 9.99
CA HIS C 199 20.46 18.17 9.23
C HIS C 199 21.92 17.81 8.95
N VAL C 200 22.29 16.58 9.29
CA VAL C 200 23.63 16.08 9.09
C VAL C 200 23.55 14.96 8.06
N VAL C 201 24.02 15.26 6.85
CA VAL C 201 23.98 14.30 5.75
C VAL C 201 25.33 13.65 5.47
N ASN C 202 25.46 12.37 5.83
CA ASN C 202 26.66 11.61 5.59
C ASN C 202 26.59 11.06 4.16
N ILE C 203 27.66 11.30 3.41
CA ILE C 203 27.77 10.85 2.03
C ILE C 203 28.93 9.87 1.99
N GLY C 204 28.60 8.59 1.92
CA GLY C 204 29.60 7.55 1.88
C GLY C 204 28.95 6.21 1.67
N ILE C 205 29.72 5.21 1.24
CA ILE C 205 29.16 3.89 0.99
C ILE C 205 29.97 2.80 1.69
N GLY C 206 29.29 1.72 2.06
CA GLY C 206 29.92 0.58 2.73
C GLY C 206 30.59 0.92 4.03
N GLY C 207 31.92 0.90 4.02
CA GLY C 207 32.70 1.21 5.21
C GLY C 207 32.56 2.64 5.71
N SER C 208 32.11 3.50 4.81
CA SER C 208 31.90 4.91 5.09
C SER C 208 30.40 5.22 5.25
N ASP C 209 29.63 4.17 5.56
CA ASP C 209 28.18 4.30 5.73
C ASP C 209 27.65 3.35 6.79
N LEU C 210 27.86 2.04 6.61
CA LEU C 210 27.35 1.02 7.51
C LEU C 210 27.65 1.21 8.99
N GLY C 211 28.85 1.70 9.30
CA GLY C 211 29.25 2.00 10.68
C GLY C 211 28.44 3.16 11.18
N PRO C 212 28.52 4.32 10.51
CA PRO C 212 27.76 5.52 10.88
C PRO C 212 26.26 5.24 11.07
N VAL C 213 25.68 4.44 10.16
CA VAL C 213 24.25 4.07 10.21
C VAL C 213 23.97 3.22 11.44
N MET C 214 24.65 2.08 11.53
CA MET C 214 24.50 1.12 12.62
C MET C 214 24.66 1.76 13.99
N ALA C 215 25.76 2.50 14.16
CA ALA C 215 26.04 3.16 15.43
C ALA C 215 25.08 4.27 15.84
N THR C 216 24.66 5.13 14.91
CA THR C 216 23.70 6.21 15.24
C THR C 216 22.33 5.62 15.54
N GLU C 217 22.02 4.49 14.90
CA GLU C 217 20.75 3.80 15.14
C GLU C 217 20.83 3.10 16.48
N ALA C 218 21.98 2.46 16.74
CA ALA C 218 22.24 1.73 17.97
C ALA C 218 22.25 2.62 19.21
N LEU C 219 22.80 3.81 19.02
CA LEU C 219 22.95 4.79 20.10
C LEU C 219 22.02 6.00 20.04
N LYS C 220 20.82 5.77 19.50
CA LYS C 220 19.80 6.83 19.39
C LYS C 220 19.34 7.46 20.74
N PRO C 221 19.26 6.69 21.87
CA PRO C 221 18.83 7.31 23.14
C PRO C 221 19.83 8.33 23.69
N PHE C 222 21.07 8.17 23.26
CA PHE C 222 22.18 9.02 23.69
C PHE C 222 22.44 10.13 22.68
N SER C 223 21.55 10.25 21.70
CA SER C 223 21.69 11.24 20.66
C SER C 223 21.02 12.57 20.93
N GLN C 224 21.49 13.59 20.21
CA GLN C 224 20.93 14.94 20.30
C GLN C 224 19.83 14.90 19.25
N ARG C 225 18.60 14.87 19.75
CA ARG C 225 17.38 14.77 18.95
C ARG C 225 17.02 15.86 17.95
N ASP C 226 17.59 17.07 18.10
CA ASP C 226 17.30 18.17 17.16
C ASP C 226 18.14 18.11 15.88
N LEU C 227 19.04 17.13 15.84
CA LEU C 227 19.91 16.91 14.69
C LEU C 227 19.44 15.68 13.92
N SER C 228 18.90 15.91 12.73
CA SER C 228 18.41 14.83 11.88
C SER C 228 19.56 14.24 11.08
N LEU C 229 19.77 12.93 11.25
CA LEU C 229 20.82 12.22 10.54
C LEU C 229 20.28 11.60 9.26
N HIS C 230 20.99 11.84 8.17
CA HIS C 230 20.63 11.34 6.84
C HIS C 230 21.86 10.63 6.29
N PHE C 231 21.63 9.52 5.59
CA PHE C 231 22.70 8.73 5.01
C PHE C 231 22.53 8.45 3.54
N VAL C 232 23.33 9.15 2.73
CA VAL C 232 23.32 9.00 1.29
C VAL C 232 24.50 8.07 0.98
N SER C 233 24.18 6.91 0.43
CA SER C 233 25.19 5.91 0.12
C SER C 233 25.15 5.37 -1.28
N ASN C 234 23.96 4.97 -1.70
CA ASN C 234 23.71 4.41 -3.02
C ASN C 234 23.86 5.50 -4.09
N VAL C 235 24.45 5.15 -5.23
CA VAL C 235 24.60 6.10 -6.35
C VAL C 235 23.26 6.26 -7.07
N ASP C 236 22.30 5.42 -6.70
CA ASP C 236 20.94 5.48 -7.22
C ASP C 236 20.47 6.88 -6.85
N GLY C 237 20.11 7.67 -7.87
CA GLY C 237 19.65 9.04 -7.68
C GLY C 237 18.63 9.25 -6.59
N THR C 238 17.89 8.18 -6.32
CA THR C 238 16.87 8.12 -5.30
C THR C 238 17.39 8.50 -3.92
N HIS C 239 18.59 8.03 -3.58
CA HIS C 239 19.17 8.31 -2.28
C HIS C 239 19.39 9.78 -2.02
N ILE C 240 20.08 10.47 -2.93
CA ILE C 240 20.33 11.90 -2.81
C ILE C 240 19.02 12.69 -2.99
N ALA C 241 18.17 12.22 -3.89
CA ALA C 241 16.88 12.87 -4.18
C ALA C 241 15.96 12.90 -2.97
N GLU C 242 15.82 11.76 -2.29
CA GLU C 242 14.98 11.65 -1.11
C GLU C 242 15.49 12.46 0.06
N VAL C 243 16.81 12.54 0.21
CA VAL C 243 17.43 13.31 1.27
C VAL C 243 17.26 14.80 0.98
N LEU C 244 17.35 15.19 -0.31
CA LEU C 244 17.16 16.57 -0.71
C LEU C 244 15.73 17.05 -0.46
N LYS C 245 14.79 16.09 -0.47
CA LYS C 245 13.39 16.36 -0.21
C LYS C 245 13.10 16.44 1.30
N SER C 246 13.96 15.80 2.09
CA SER C 246 13.82 15.73 3.55
C SER C 246 14.59 16.78 4.34
N ILE C 247 15.49 17.50 3.68
CA ILE C 247 16.31 18.51 4.33
C ILE C 247 16.02 19.93 3.96
N ASP C 248 16.51 20.83 4.85
CA ASP C 248 16.49 22.28 4.74
C ASP C 248 17.99 22.53 4.50
N ILE C 249 18.32 22.62 3.20
CA ILE C 249 19.68 22.79 2.72
C ILE C 249 20.52 23.89 3.33
N GLU C 250 19.83 24.90 3.85
CA GLU C 250 20.47 26.05 4.50
C GLU C 250 21.08 25.62 5.82
N ALA C 251 20.37 24.72 6.49
CA ALA C 251 20.77 24.18 7.78
C ALA C 251 21.33 22.76 7.65
N THR C 252 21.97 22.48 6.51
CA THR C 252 22.53 21.15 6.29
C THR C 252 24.03 21.08 6.13
N LEU C 253 24.61 20.15 6.89
CA LEU C 253 26.02 19.87 6.85
C LEU C 253 26.16 18.57 6.07
N PHE C 254 26.98 18.60 5.02
CA PHE C 254 27.23 17.43 4.20
C PHE C 254 28.60 16.88 4.57
N ILE C 255 28.63 15.60 4.92
CA ILE C 255 29.87 14.94 5.31
C ILE C 255 30.27 13.93 4.24
N VAL C 256 31.25 14.28 3.42
CA VAL C 256 31.72 13.36 2.39
C VAL C 256 32.73 12.41 3.01
N ALA C 257 32.25 11.21 3.28
CA ALA C 257 33.01 10.14 3.89
C ALA C 257 33.49 9.13 2.86
N SER C 258 34.80 9.03 2.69
CA SER C 258 35.39 8.08 1.76
C SER C 258 36.87 7.92 2.05
N LYS C 259 37.36 6.68 1.99
CA LYS C 259 38.77 6.37 2.26
C LYS C 259 39.74 6.93 1.22
N THR C 260 39.53 6.53 -0.02
CA THR C 260 40.38 6.96 -1.14
C THR C 260 39.89 8.27 -1.76
N PHE C 261 38.62 8.60 -1.52
CA PHE C 261 37.93 9.79 -2.04
C PHE C 261 37.79 9.72 -3.57
N THR C 262 37.82 8.49 -4.08
CA THR C 262 37.70 8.22 -5.51
C THR C 262 36.52 7.28 -5.80
N THR C 263 35.89 6.78 -4.73
CA THR C 263 34.74 5.87 -4.83
C THR C 263 33.66 6.55 -5.65
N GLN C 264 33.37 5.96 -6.80
CA GLN C 264 32.40 6.49 -7.76
C GLN C 264 31.06 6.89 -7.18
N GLU C 265 30.49 6.02 -6.33
CA GLU C 265 29.22 6.28 -5.68
C GLU C 265 29.21 7.54 -4.83
N THR C 266 30.21 7.64 -3.95
CA THR C 266 30.38 8.76 -3.03
C THR C 266 30.72 10.07 -3.72
N ILE C 267 31.58 10.02 -4.74
CA ILE C 267 31.96 11.22 -5.48
C ILE C 267 30.79 11.75 -6.28
N THR C 268 30.04 10.85 -6.94
CA THR C 268 28.86 11.24 -7.72
C THR C 268 27.80 11.87 -6.81
N ASN C 269 27.58 11.28 -5.63
CA ASN C 269 26.62 11.78 -4.65
C ASN C 269 27.07 13.11 -4.08
N ALA C 270 28.37 13.22 -3.80
CA ALA C 270 28.97 14.43 -3.25
C ALA C 270 28.88 15.59 -4.25
N LEU C 271 29.09 15.27 -5.53
CA LEU C 271 29.01 16.24 -6.61
C LEU C 271 27.57 16.72 -6.81
N SER C 272 26.61 15.82 -6.60
CA SER C 272 25.18 16.15 -6.72
C SER C 272 24.69 16.96 -5.53
N ALA C 273 25.31 16.71 -4.37
CA ALA C 273 24.97 17.41 -3.14
C ALA C 273 25.53 18.83 -3.20
N ARG C 274 26.70 18.97 -3.82
CA ARG C 274 27.37 20.27 -3.99
C ARG C 274 26.59 21.09 -4.99
N ARG C 275 26.15 20.41 -6.06
CA ARG C 275 25.36 21.00 -7.14
C ARG C 275 24.03 21.47 -6.57
N ALA C 276 23.53 20.75 -5.56
CA ALA C 276 22.29 21.08 -4.88
C ALA C 276 22.41 22.34 -4.01
N LEU C 277 23.55 22.50 -3.35
CA LEU C 277 23.81 23.67 -2.51
C LEU C 277 23.93 24.91 -3.39
N LEU C 278 24.73 24.80 -4.44
CA LEU C 278 24.95 25.90 -5.39
C LEU C 278 23.68 26.22 -6.18
N ASP C 279 22.84 25.20 -6.43
CA ASP C 279 21.57 25.38 -7.15
C ASP C 279 20.60 26.18 -6.29
N TYR C 280 20.59 25.91 -5.00
CA TYR C 280 19.72 26.61 -4.07
C TYR C 280 20.14 28.07 -3.93
N LEU C 281 21.43 28.29 -3.74
CA LEU C 281 21.99 29.63 -3.58
C LEU C 281 21.80 30.52 -4.81
N ARG C 282 22.02 29.96 -5.99
CA ARG C 282 21.84 30.72 -7.23
C ARG C 282 20.35 30.97 -7.52
N SER C 283 19.47 30.15 -6.94
CA SER C 283 18.03 30.30 -7.12
C SER C 283 17.48 31.45 -6.30
N ARG C 284 18.16 31.73 -5.20
CA ARG C 284 17.80 32.82 -4.31
C ARG C 284 18.75 33.99 -4.50
N GLY C 285 19.53 33.95 -5.58
CA GLY C 285 20.47 35.00 -5.94
C GLY C 285 21.60 35.27 -4.96
N ILE C 286 21.78 34.37 -4.00
CA ILE C 286 22.83 34.50 -2.97
C ILE C 286 24.18 34.09 -3.55
N ASP C 287 25.22 34.86 -3.24
CA ASP C 287 26.58 34.59 -3.70
C ASP C 287 27.08 33.28 -3.08
N GLU C 288 27.74 32.46 -3.90
CA GLU C 288 28.23 31.16 -3.45
C GLU C 288 29.61 31.07 -2.77
N LYS C 289 30.41 32.13 -2.89
CA LYS C 289 31.77 32.17 -2.31
C LYS C 289 31.86 31.78 -0.82
N GLY C 290 32.58 30.70 -0.55
CA GLY C 290 32.77 30.22 0.82
C GLY C 290 31.70 29.31 1.37
N SER C 291 30.71 28.95 0.55
CA SER C 291 29.60 28.08 0.96
C SER C 291 29.99 26.63 1.18
N VAL C 292 30.86 26.10 0.31
CA VAL C 292 31.36 24.72 0.38
C VAL C 292 32.16 24.50 1.66
N ALA C 293 32.86 25.55 2.11
CA ALA C 293 33.66 25.51 3.33
C ALA C 293 32.79 25.50 4.60
N LYS C 294 31.52 25.88 4.46
CA LYS C 294 30.59 25.93 5.57
C LYS C 294 29.63 24.73 5.61
N HIS C 295 29.34 24.16 4.45
CA HIS C 295 28.42 23.02 4.37
C HIS C 295 29.07 21.67 4.10
N PHE C 296 30.32 21.68 3.66
CA PHE C 296 31.03 20.44 3.33
C PHE C 296 32.29 20.15 4.12
N VAL C 297 32.30 18.97 4.73
CA VAL C 297 33.44 18.48 5.47
C VAL C 297 33.79 17.12 4.86
N ALA C 298 35.06 16.72 4.98
CA ALA C 298 35.51 15.46 4.41
C ALA C 298 36.21 14.55 5.39
N LEU C 299 35.93 13.26 5.28
CA LEU C 299 36.54 12.23 6.12
C LEU C 299 37.28 11.35 5.13
N SER C 300 38.59 11.60 4.99
CA SER C 300 39.42 10.85 4.06
C SER C 300 40.88 10.68 4.47
N THR C 301 41.60 9.92 3.65
CA THR C 301 43.03 9.65 3.83
C THR C 301 43.73 10.46 2.74
N ASN C 302 43.01 10.66 1.64
CA ASN C 302 43.48 11.38 0.46
C ASN C 302 43.26 12.89 0.55
N ASN C 303 44.31 13.60 0.94
CA ASN C 303 44.29 15.07 1.08
C ASN C 303 44.21 15.79 -0.26
N GLN C 304 44.79 15.16 -1.28
CA GLN C 304 44.84 15.68 -2.64
C GLN C 304 43.47 15.73 -3.31
N LYS C 305 42.73 14.61 -3.24
CA LYS C 305 41.39 14.52 -3.85
C LYS C 305 40.34 15.36 -3.11
N VAL C 306 40.59 15.63 -1.83
CA VAL C 306 39.72 16.46 -0.98
C VAL C 306 39.88 17.92 -1.43
N LYS C 307 41.12 18.27 -1.76
CA LYS C 307 41.47 19.61 -2.25
C LYS C 307 40.87 19.81 -3.64
N GLU C 308 41.04 18.80 -4.50
CA GLU C 308 40.54 18.81 -5.88
C GLU C 308 39.02 18.87 -5.99
N PHE C 309 38.34 18.53 -4.89
CA PHE C 309 36.89 18.55 -4.80
C PHE C 309 36.43 19.97 -4.40
N GLY C 310 37.27 20.66 -3.64
CA GLY C 310 36.94 22.01 -3.20
C GLY C 310 36.64 22.17 -1.73
N ILE C 311 37.02 21.17 -0.94
CA ILE C 311 36.81 21.21 0.52
C ILE C 311 38.06 21.77 1.19
N ASP C 312 37.83 22.65 2.17
CA ASP C 312 38.87 23.31 2.97
C ASP C 312 39.70 22.26 3.72
N GLU C 313 41.01 22.49 3.79
CA GLU C 313 41.96 21.59 4.46
C GLU C 313 41.72 21.45 5.97
N GLU C 314 41.10 22.47 6.56
CA GLU C 314 40.77 22.50 7.98
C GLU C 314 39.44 21.79 8.24
N ASN C 315 38.66 21.62 7.17
CA ASN C 315 37.38 20.93 7.20
C ASN C 315 37.57 19.44 6.89
N MET C 316 38.83 19.03 6.78
CA MET C 316 39.16 17.64 6.51
C MET C 316 39.60 16.92 7.79
N PHE C 317 38.92 15.82 8.05
CA PHE C 317 39.17 14.97 9.20
C PHE C 317 39.90 13.73 8.70
N GLN C 318 41.18 13.72 9.03
CA GLN C 318 42.12 12.68 8.63
C GLN C 318 41.99 11.36 9.35
N PHE C 319 42.19 10.33 8.56
CA PHE C 319 42.22 8.93 8.96
C PHE C 319 43.18 8.26 7.97
N TRP C 320 43.84 7.19 8.37
CA TRP C 320 44.89 6.57 7.58
C TRP C 320 44.57 5.27 6.88
N ASP C 321 45.53 4.84 6.06
CA ASP C 321 45.47 3.63 5.24
C ASP C 321 45.39 2.35 6.07
N TRP C 322 45.83 2.40 7.32
CA TRP C 322 45.78 1.22 8.19
C TRP C 322 44.41 1.03 8.82
N VAL C 323 43.51 1.92 8.48
CA VAL C 323 42.13 1.89 8.95
C VAL C 323 41.31 1.30 7.79
N GLY C 324 40.91 0.05 7.92
CA GLY C 324 40.11 -0.61 6.89
C GLY C 324 38.72 0.01 6.90
N GLY C 325 38.10 0.10 5.72
CA GLY C 325 36.77 0.68 5.59
C GLY C 325 35.76 0.14 6.59
N ARG C 326 35.68 -1.19 6.66
CA ARG C 326 34.78 -1.92 7.57
C ARG C 326 35.26 -1.93 9.04
N TYR C 327 36.30 -1.15 9.31
CA TYR C 327 36.88 -1.04 10.65
C TYR C 327 37.12 0.46 10.90
N SER C 328 36.35 1.31 10.24
CA SER C 328 36.55 2.75 10.30
C SER C 328 35.69 3.61 11.18
N MET C 329 34.62 3.04 11.74
CA MET C 329 33.71 3.81 12.58
C MET C 329 34.34 4.49 13.80
N TRP C 330 35.51 4.00 14.19
CA TRP C 330 36.28 4.51 15.32
C TRP C 330 37.09 5.74 14.96
N SER C 331 37.45 5.82 13.68
CA SER C 331 38.25 6.91 13.13
C SER C 331 37.41 8.15 12.82
N ALA C 332 37.90 8.93 11.85
CA ALA C 332 37.25 10.14 11.36
C ALA C 332 35.88 9.84 10.79
N ILE C 333 35.71 8.61 10.27
CA ILE C 333 34.43 8.14 9.69
C ILE C 333 33.31 8.17 10.73
N GLY C 334 33.72 8.16 12.00
CA GLY C 334 32.79 8.23 13.11
C GLY C 334 32.28 9.63 13.44
N LEU C 335 32.60 10.63 12.62
CA LEU C 335 32.13 12.00 12.85
C LEU C 335 30.60 12.14 12.93
N PRO C 336 29.82 11.52 11.98
CA PRO C 336 28.37 11.69 12.12
C PRO C 336 27.82 11.00 13.38
N ILE C 337 28.56 10.02 13.91
CA ILE C 337 28.20 9.31 15.15
C ILE C 337 28.45 10.29 16.29
N MET C 338 29.60 10.96 16.26
CA MET C 338 29.99 11.93 17.28
C MET C 338 29.10 13.17 17.29
N ILE C 339 28.66 13.61 16.12
CA ILE C 339 27.76 14.78 16.00
C ILE C 339 26.41 14.41 16.62
N SER C 340 26.02 13.15 16.41
CA SER C 340 24.77 12.65 16.95
C SER C 340 24.78 12.44 18.46
N ILE C 341 25.76 11.68 18.94
CA ILE C 341 25.84 11.34 20.36
C ILE C 341 26.75 12.17 21.28
N GLY C 342 27.60 13.00 20.69
CA GLY C 342 28.51 13.83 21.48
C GLY C 342 29.87 13.22 21.64
N TYR C 343 30.83 14.02 22.08
CA TYR C 343 32.21 13.56 22.29
C TYR C 343 32.34 12.52 23.39
N GLU C 344 31.77 12.80 24.57
CA GLU C 344 31.85 11.89 25.71
C GLU C 344 31.28 10.51 25.44
N ASN C 345 30.17 10.47 24.70
CA ASN C 345 29.55 9.19 24.35
C ASN C 345 30.36 8.47 23.28
N PHE C 346 31.09 9.22 22.45
CA PHE C 346 31.95 8.63 21.42
C PHE C 346 33.21 8.06 22.07
N VAL C 347 33.67 8.73 23.14
CA VAL C 347 34.84 8.27 23.91
C VAL C 347 34.44 6.96 24.57
N GLU C 348 33.20 6.89 25.04
CA GLU C 348 32.65 5.69 25.67
C GLU C 348 32.61 4.55 24.65
N LEU C 349 32.25 4.88 23.41
CA LEU C 349 32.19 3.92 22.28
C LEU C 349 33.59 3.38 21.98
N LEU C 350 34.55 4.28 22.02
CA LEU C 350 35.96 3.96 21.80
C LEU C 350 36.51 3.12 22.94
N THR C 351 36.13 3.48 24.18
CA THR C 351 36.57 2.79 25.40
C THR C 351 36.06 1.36 25.51
N GLY C 352 34.81 1.14 25.07
CA GLY C 352 34.23 -0.19 25.09
C GLY C 352 35.00 -1.14 24.20
N ALA C 353 35.45 -0.58 23.08
CA ALA C 353 36.23 -1.31 22.10
C ALA C 353 37.63 -1.59 22.63
N HIS C 354 38.18 -0.62 23.36
CA HIS C 354 39.52 -0.72 23.96
C HIS C 354 39.56 -1.82 25.02
N VAL C 355 38.51 -1.88 25.84
CA VAL C 355 38.39 -2.88 26.90
C VAL C 355 38.38 -4.29 26.29
N ILE C 356 37.70 -4.45 25.16
CA ILE C 356 37.65 -5.74 24.47
C ILE C 356 38.96 -6.03 23.72
N ASP C 357 39.66 -4.98 23.28
CA ASP C 357 40.96 -5.12 22.58
C ASP C 357 41.97 -5.66 23.57
N GLU C 358 41.94 -5.11 24.78
CA GLU C 358 42.84 -5.49 25.88
C GLU C 358 42.52 -6.89 26.37
N HIS C 359 41.22 -7.21 26.43
CA HIS C 359 40.73 -8.51 26.86
C HIS C 359 41.21 -9.57 25.86
N PHE C 360 41.03 -9.29 24.57
CA PHE C 360 41.42 -10.18 23.49
C PHE C 360 42.92 -10.47 23.43
N ALA C 361 43.72 -9.44 23.70
CA ALA C 361 45.17 -9.57 23.65
C ALA C 361 45.80 -10.17 24.91
N ASN C 362 45.14 -9.97 26.05
CA ASN C 362 45.69 -10.45 27.34
C ASN C 362 45.01 -11.60 28.07
N ALA C 363 43.75 -11.89 27.74
CA ALA C 363 43.02 -12.98 28.41
C ALA C 363 43.40 -14.37 27.90
N PRO C 364 43.54 -15.36 28.82
CA PRO C 364 43.89 -16.74 28.46
C PRO C 364 42.91 -17.33 27.45
N PRO C 365 43.39 -18.20 26.52
CA PRO C 365 42.56 -18.82 25.49
C PRO C 365 41.19 -19.41 25.90
N GLU C 366 41.16 -19.96 27.11
CA GLU C 366 39.97 -20.59 27.70
C GLU C 366 38.89 -19.59 28.11
N GLN C 367 39.30 -18.35 28.36
CA GLN C 367 38.41 -17.28 28.81
C GLN C 367 38.46 -16.06 27.88
N ASN C 368 38.84 -16.29 26.62
CA ASN C 368 38.96 -15.23 25.63
C ASN C 368 37.71 -15.22 24.74
N VAL C 369 36.81 -14.25 24.98
CA VAL C 369 35.55 -14.14 24.22
C VAL C 369 35.64 -14.13 22.68
N PRO C 370 36.44 -13.22 22.06
CA PRO C 370 36.48 -13.26 20.59
C PRO C 370 37.12 -14.50 19.99
N LEU C 371 38.10 -15.07 20.69
CA LEU C 371 38.78 -16.28 20.23
C LEU C 371 37.81 -17.45 20.29
N LEU C 372 37.03 -17.53 21.37
CA LEU C 372 36.05 -18.59 21.56
C LEU C 372 34.90 -18.48 20.56
N LEU C 373 34.47 -17.25 20.27
CA LEU C 373 33.40 -16.98 19.30
C LEU C 373 33.88 -17.45 17.94
N ALA C 374 35.16 -17.19 17.67
CA ALA C 374 35.81 -17.55 16.42
C ALA C 374 35.99 -19.04 16.23
N LEU C 375 36.36 -19.73 17.30
CA LEU C 375 36.57 -21.19 17.27
C LEU C 375 35.25 -21.94 17.16
N VAL C 376 34.19 -21.38 17.74
CA VAL C 376 32.84 -21.98 17.66
C VAL C 376 32.44 -21.87 16.20
N GLY C 377 32.71 -20.71 15.61
CA GLY C 377 32.42 -20.45 14.21
C GLY C 377 33.18 -21.38 13.27
N VAL C 378 34.48 -21.60 13.56
CA VAL C 378 35.35 -22.48 12.76
C VAL C 378 34.85 -23.93 12.83
N TRP C 379 34.41 -24.33 14.02
CA TRP C 379 33.88 -25.67 14.26
C TRP C 379 32.66 -25.94 13.39
N TYR C 380 31.81 -24.92 13.25
CA TYR C 380 30.62 -25.05 12.45
C TYR C 380 30.81 -24.91 10.96
N ILE C 381 31.68 -23.98 10.55
CA ILE C 381 31.96 -23.74 9.14
C ILE C 381 32.76 -24.87 8.50
N ASN C 382 33.90 -25.18 9.09
CA ASN C 382 34.82 -26.18 8.56
C ASN C 382 34.54 -27.65 8.86
N PHE C 383 33.79 -27.94 9.91
CA PHE C 383 33.54 -29.34 10.21
C PHE C 383 32.09 -29.76 9.98
N PHE C 384 31.17 -28.89 10.34
CA PHE C 384 29.75 -29.16 10.14
C PHE C 384 29.31 -28.77 8.73
N GLY C 385 30.11 -27.91 8.11
CA GLY C 385 29.84 -27.44 6.76
C GLY C 385 28.75 -26.40 6.70
N ALA C 386 28.55 -25.70 7.83
CA ALA C 386 27.54 -24.66 7.96
C ALA C 386 28.11 -23.36 7.39
N VAL C 387 27.64 -23.00 6.21
CA VAL C 387 28.14 -21.80 5.52
C VAL C 387 27.39 -20.51 5.77
N THR C 388 26.40 -20.55 6.66
CA THR C 388 25.65 -19.35 7.02
C THR C 388 25.78 -19.12 8.50
N HIS C 389 25.58 -17.87 8.90
CA HIS C 389 25.67 -17.48 10.29
C HIS C 389 24.71 -16.31 10.51
N ALA C 390 23.76 -16.51 11.42
CA ALA C 390 22.76 -15.50 11.73
C ALA C 390 23.11 -14.61 12.91
N ILE C 391 23.02 -13.30 12.67
CA ILE C 391 23.26 -12.30 13.69
C ILE C 391 21.87 -11.83 14.00
N LEU C 392 21.39 -12.21 15.19
CA LEU C 392 20.03 -11.89 15.62
C LEU C 392 20.04 -11.00 16.85
N PRO C 393 20.14 -9.68 16.66
CA PRO C 393 20.16 -8.78 17.81
C PRO C 393 18.79 -8.45 18.39
N TYR C 394 18.59 -8.84 19.63
CA TYR C 394 17.33 -8.55 20.31
C TYR C 394 17.40 -7.18 20.96
N ASP C 395 17.40 -6.18 20.08
CA ASP C 395 17.43 -4.78 20.44
C ASP C 395 17.09 -4.10 19.12
N GLN C 396 15.99 -3.36 19.11
CA GLN C 396 15.52 -2.67 17.92
C GLN C 396 16.50 -1.63 17.40
N TYR C 397 17.23 -0.99 18.31
CA TYR C 397 18.23 0.01 17.95
C TYR C 397 19.35 -0.63 17.15
N LEU C 398 19.61 -1.91 17.40
CA LEU C 398 20.64 -2.68 16.70
C LEU C 398 20.15 -3.31 15.40
N TRP C 399 19.06 -2.80 14.83
CA TRP C 399 18.49 -3.35 13.60
C TRP C 399 19.41 -3.30 12.37
N ARG C 400 20.39 -2.40 12.39
CA ARG C 400 21.36 -2.29 11.29
C ARG C 400 22.69 -2.96 11.61
N LEU C 401 22.71 -3.74 12.70
CA LEU C 401 23.90 -4.48 13.10
C LEU C 401 24.19 -5.67 12.16
N PRO C 402 23.18 -6.47 11.75
CA PRO C 402 23.50 -7.58 10.84
C PRO C 402 24.10 -7.13 9.53
N ALA C 403 23.61 -5.99 9.02
CA ALA C 403 24.11 -5.40 7.77
C ALA C 403 25.56 -4.97 7.92
N TYR C 404 25.87 -4.43 9.11
CA TYR C 404 27.23 -3.99 9.42
C TYR C 404 28.17 -5.19 9.54
N LEU C 405 27.71 -6.21 10.28
CA LEU C 405 28.49 -7.42 10.50
C LEU C 405 28.65 -8.24 9.22
N GLN C 406 27.77 -7.95 8.26
CA GLN C 406 27.78 -8.59 6.96
C GLN C 406 29.01 -8.06 6.23
N GLN C 407 29.29 -6.76 6.37
CA GLN C 407 30.48 -6.20 5.75
C GLN C 407 31.72 -6.64 6.49
N LEU C 408 31.69 -6.51 7.82
CA LEU C 408 32.80 -6.88 8.67
C LEU C 408 33.29 -8.31 8.45
N ASP C 409 32.36 -9.27 8.46
CA ASP C 409 32.73 -10.66 8.30
C ASP C 409 32.95 -11.06 6.84
N MET C 410 31.95 -10.85 5.99
CA MET C 410 32.02 -11.25 4.59
C MET C 410 33.06 -10.58 3.71
N GLU C 411 33.27 -9.28 3.87
CA GLU C 411 34.26 -8.58 3.07
C GLU C 411 35.68 -8.87 3.57
N SER C 412 35.77 -9.27 4.83
CA SER C 412 37.06 -9.60 5.43
C SER C 412 37.43 -11.04 5.15
N ASN C 413 36.53 -11.96 5.48
CA ASN C 413 36.81 -13.36 5.32
C ASN C 413 36.31 -14.09 4.10
N GLY C 414 35.77 -13.33 3.15
CA GLY C 414 35.29 -13.93 1.91
C GLY C 414 36.42 -13.99 0.90
N LYS C 415 37.46 -14.74 1.27
CA LYS C 415 38.67 -14.90 0.47
C LYS C 415 38.88 -16.38 0.19
N TYR C 416 39.49 -16.70 -0.95
CA TYR C 416 39.80 -18.09 -1.24
C TYR C 416 41.28 -18.33 -1.44
N VAL C 417 42.05 -17.28 -1.16
CA VAL C 417 43.51 -17.30 -1.27
C VAL C 417 44.17 -16.85 0.05
N THR C 418 45.19 -17.59 0.45
CA THR C 418 45.95 -17.33 1.68
C THR C 418 46.94 -16.14 1.49
N ARG C 419 47.31 -15.43 2.59
CA ARG C 419 48.29 -14.30 2.55
C ARG C 419 49.59 -14.82 1.92
N SER C 420 49.71 -16.14 1.99
CA SER C 420 50.87 -16.87 1.45
C SER C 420 50.76 -17.01 -0.08
N GLY C 421 49.53 -16.84 -0.59
CA GLY C 421 49.29 -16.83 -2.04
C GLY C 421 48.62 -18.11 -2.60
N LYS C 422 48.61 -19.17 -1.81
CA LYS C 422 48.02 -20.46 -2.25
C LYS C 422 46.50 -20.44 -2.01
N THR C 423 45.79 -21.31 -2.74
CA THR C 423 44.32 -21.41 -2.62
C THR C 423 43.96 -22.23 -1.38
N VAL C 424 42.91 -21.80 -0.66
CA VAL C 424 42.46 -22.48 0.56
C VAL C 424 41.92 -23.89 0.30
N SER C 425 42.11 -24.77 1.27
CA SER C 425 41.64 -26.15 1.15
C SER C 425 40.46 -26.37 2.09
N THR C 426 40.06 -25.29 2.76
CA THR C 426 38.93 -25.29 3.70
C THR C 426 37.97 -24.18 3.30
N LEU C 427 36.77 -24.21 3.86
CA LEU C 427 35.78 -23.16 3.62
C LEU C 427 36.23 -21.96 4.43
N THR C 428 35.95 -20.77 3.94
CA THR C 428 36.33 -19.58 4.66
C THR C 428 35.10 -18.85 5.19
N GLY C 429 35.06 -17.54 5.01
CA GLY C 429 33.95 -16.75 5.52
C GLY C 429 32.55 -17.18 5.17
N PRO C 430 31.66 -17.26 6.18
CA PRO C 430 30.26 -17.63 5.97
C PRO C 430 29.43 -16.50 5.44
N ILE C 431 28.19 -16.83 5.09
CA ILE C 431 27.22 -15.85 4.65
C ILE C 431 26.58 -15.36 5.94
N ILE C 432 26.64 -14.05 6.16
CA ILE C 432 26.04 -13.45 7.35
C ILE C 432 24.68 -12.86 6.95
N PHE C 433 23.70 -13.06 7.81
CA PHE C 433 22.36 -12.53 7.61
C PHE C 433 21.72 -12.33 8.98
N GLY C 434 20.49 -11.84 8.96
CA GLY C 434 19.77 -11.61 10.18
C GLY C 434 19.02 -10.32 10.20
N GLU C 435 18.07 -10.25 11.11
CA GLU C 435 17.24 -9.09 11.35
C GLU C 435 17.11 -9.00 12.85
N ALA C 436 16.74 -7.83 13.35
CA ALA C 436 16.53 -7.60 14.78
C ALA C 436 15.40 -8.52 15.26
N GLY C 437 15.62 -9.10 16.42
CA GLY C 437 14.61 -9.96 17.02
C GLY C 437 13.61 -9.06 17.69
N THR C 438 12.37 -9.46 17.96
CA THR C 438 11.83 -10.78 17.70
C THR C 438 11.28 -10.93 16.24
N ASN C 439 11.40 -9.86 15.47
CA ASN C 439 10.90 -9.77 14.07
C ASN C 439 11.25 -10.97 13.19
N GLY C 440 12.50 -11.39 13.28
CA GLY C 440 12.99 -12.54 12.52
C GLY C 440 12.21 -13.79 12.85
N GLN C 441 11.66 -13.89 14.07
CA GLN C 441 10.86 -15.04 14.50
C GLN C 441 9.66 -15.26 13.62
N HIS C 442 9.16 -14.16 13.10
CA HIS C 442 7.98 -14.14 12.24
C HIS C 442 8.37 -14.02 10.79
N ALA C 443 9.67 -14.14 10.53
CA ALA C 443 10.19 -14.04 9.20
C ALA C 443 10.94 -15.26 8.68
N PHE C 444 12.03 -15.63 9.36
CA PHE C 444 12.85 -16.75 8.90
C PHE C 444 13.25 -17.81 9.93
N TYR C 445 12.82 -17.66 11.18
CA TYR C 445 13.16 -18.64 12.20
C TYR C 445 12.59 -20.02 11.88
N GLN C 446 11.53 -20.03 11.10
CA GLN C 446 10.89 -21.25 10.64
C GLN C 446 11.95 -22.14 9.97
N LEU C 447 12.80 -21.50 9.15
CA LEU C 447 13.88 -22.19 8.45
C LEU C 447 14.99 -22.59 9.43
N ILE C 448 15.31 -21.71 10.37
CA ILE C 448 16.37 -22.00 11.35
C ILE C 448 15.97 -23.19 12.23
N HIS C 449 14.69 -23.24 12.62
CA HIS C 449 14.16 -24.32 13.44
C HIS C 449 13.85 -25.60 12.67
N GLN C 450 13.20 -25.44 11.51
CA GLN C 450 12.77 -26.59 10.71
C GLN C 450 13.28 -26.77 9.30
N GLY C 451 14.31 -26.03 8.92
CA GLY C 451 14.87 -26.17 7.58
C GLY C 451 15.90 -27.28 7.50
N THR C 452 16.51 -27.42 6.33
CA THR C 452 17.49 -28.46 6.07
C THR C 452 18.95 -28.02 6.20
N ASN C 453 19.16 -26.80 6.70
CA ASN C 453 20.49 -26.25 6.88
C ASN C 453 20.74 -25.90 8.34
N LEU C 454 21.95 -26.19 8.82
CA LEU C 454 22.30 -25.86 10.17
C LEU C 454 22.80 -24.42 10.14
N ILE C 455 22.14 -23.57 10.93
CA ILE C 455 22.48 -22.15 10.97
C ILE C 455 22.88 -21.70 12.36
N PRO C 456 24.20 -21.51 12.59
CA PRO C 456 24.70 -21.05 13.89
C PRO C 456 24.18 -19.62 14.07
N CYS C 457 23.63 -19.36 15.23
CA CYS C 457 23.05 -18.05 15.51
C CYS C 457 23.68 -17.33 16.67
N ASP C 458 23.80 -16.02 16.53
CA ASP C 458 24.32 -15.16 17.59
C ASP C 458 23.15 -14.31 18.06
N PHE C 459 22.69 -14.58 19.26
CA PHE C 459 21.59 -13.86 19.87
C PHE C 459 22.20 -12.79 20.78
N ILE C 460 22.02 -11.52 20.43
CA ILE C 460 22.57 -10.41 21.21
C ILE C 460 21.43 -9.67 21.90
N GLY C 461 21.51 -9.53 23.21
CA GLY C 461 20.47 -8.84 23.95
C GLY C 461 20.99 -8.05 25.14
N ALA C 462 20.16 -7.12 25.58
CA ALA C 462 20.43 -6.25 26.71
C ALA C 462 19.50 -6.60 27.87
N ILE C 463 20.01 -6.56 29.08
CA ILE C 463 19.20 -6.85 30.26
C ILE C 463 18.26 -5.69 30.53
N GLN C 464 18.77 -4.47 30.36
CA GLN C 464 17.99 -3.27 30.58
C GLN C 464 17.78 -2.53 29.29
N SER C 465 16.53 -2.14 29.07
CA SER C 465 16.15 -1.37 27.89
C SER C 465 16.32 0.10 28.24
N GLN C 466 16.52 0.92 27.22
CA GLN C 466 16.64 2.36 27.40
C GLN C 466 15.24 2.97 27.45
N ASN C 467 14.24 2.16 27.11
CA ASN C 467 12.85 2.57 27.08
C ASN C 467 12.01 1.66 27.99
N LYS C 468 11.65 2.20 29.15
CA LYS C 468 10.85 1.48 30.15
C LYS C 468 9.35 1.60 29.82
N ILE C 469 8.93 0.89 28.79
CA ILE C 469 7.52 0.90 28.35
C ILE C 469 6.85 -0.37 28.84
N GLY C 470 5.97 -0.21 29.84
CA GLY C 470 5.21 -1.32 30.42
C GLY C 470 5.99 -2.58 30.74
N ASP C 471 5.48 -3.70 30.22
CA ASP C 471 6.09 -5.01 30.40
C ASP C 471 6.77 -5.47 29.12
N HIS C 472 6.99 -4.52 28.21
CA HIS C 472 7.60 -4.81 26.91
C HIS C 472 8.92 -5.54 26.95
N HIS C 473 9.82 -5.09 27.83
CA HIS C 473 11.12 -5.72 27.91
C HIS C 473 11.17 -7.16 28.40
N LYS C 474 10.33 -7.52 29.39
CA LYS C 474 10.32 -8.89 29.87
C LYS C 474 9.66 -9.81 28.84
N ILE C 475 8.66 -9.28 28.12
CA ILE C 475 7.94 -10.03 27.07
C ILE C 475 8.93 -10.26 25.93
N PHE C 476 9.69 -9.21 25.63
CA PHE C 476 10.71 -9.22 24.60
C PHE C 476 11.81 -10.22 24.91
N MET C 477 12.32 -10.15 26.13
CA MET C 477 13.40 -11.02 26.55
C MET C 477 13.01 -12.46 26.80
N SER C 478 11.70 -12.72 26.95
CA SER C 478 11.20 -14.08 27.14
C SER C 478 11.47 -14.84 25.85
N ASN C 479 11.41 -14.12 24.73
CA ASN C 479 11.65 -14.64 23.39
C ASN C 479 13.14 -14.88 23.16
N PHE C 480 13.96 -13.96 23.67
CA PHE C 480 15.41 -14.03 23.56
C PHE C 480 15.98 -15.33 24.16
N PHE C 481 15.55 -15.65 25.37
CA PHE C 481 16.00 -16.86 26.07
C PHE C 481 15.36 -18.12 25.53
N ALA C 482 14.10 -18.00 25.12
CA ALA C 482 13.30 -19.10 24.59
C ALA C 482 13.76 -19.66 23.28
N GLN C 483 14.11 -18.78 22.36
CA GLN C 483 14.55 -19.18 21.02
C GLN C 483 15.81 -20.02 21.02
N THR C 484 16.79 -19.64 21.83
CA THR C 484 18.04 -20.37 21.95
C THR C 484 17.77 -21.75 22.59
N GLU C 485 16.90 -21.76 23.60
CA GLU C 485 16.50 -22.99 24.30
C GLU C 485 15.77 -23.90 23.32
N ALA C 486 14.86 -23.29 22.54
CA ALA C 486 14.06 -23.98 21.53
C ALA C 486 14.90 -24.64 20.45
N LEU C 487 15.89 -23.88 19.95
CA LEU C 487 16.81 -24.36 18.93
C LEU C 487 17.60 -25.55 19.43
N MET C 488 17.93 -25.50 20.72
CA MET C 488 18.69 -26.54 21.38
C MET C 488 17.92 -27.81 21.77
N ILE C 489 16.88 -27.65 22.59
CA ILE C 489 16.11 -28.80 23.07
C ILE C 489 15.17 -29.43 22.08
N GLY C 490 14.57 -28.59 21.23
CA GLY C 490 13.62 -29.08 20.26
C GLY C 490 12.35 -29.61 20.91
N LYS C 491 11.65 -30.48 20.19
CA LYS C 491 10.41 -31.10 20.65
C LYS C 491 10.27 -32.41 19.87
N SER C 492 10.36 -33.53 20.60
CA SER C 492 10.26 -34.88 20.05
C SER C 492 8.83 -35.27 19.61
N PRO C 493 8.67 -36.32 18.75
CA PRO C 493 7.32 -36.72 18.30
C PRO C 493 6.37 -37.08 19.44
N SER C 494 6.94 -37.64 20.51
CA SER C 494 6.21 -38.04 21.70
C SER C 494 5.69 -36.84 22.49
N GLU C 495 6.45 -35.74 22.48
CA GLU C 495 6.07 -34.51 23.17
C GLU C 495 5.00 -33.75 22.40
N VAL C 496 5.02 -33.89 21.07
CA VAL C 496 4.02 -33.27 20.20
C VAL C 496 2.72 -34.07 20.37
N ARG C 497 2.86 -35.40 20.49
CA ARG C 497 1.74 -36.33 20.68
C ARG C 497 0.94 -35.96 21.92
N ARG C 498 1.65 -35.74 23.02
CA ARG C 498 1.08 -35.38 24.33
C ARG C 498 0.39 -34.02 24.33
N GLU C 499 0.80 -33.16 23.38
CA GLU C 499 0.22 -31.82 23.24
C GLU C 499 -0.99 -31.81 22.30
N LEU C 500 -1.00 -32.74 21.35
CA LEU C 500 -2.11 -32.88 20.39
C LEU C 500 -3.22 -33.74 20.97
N GLU C 501 -2.84 -34.71 21.81
CA GLU C 501 -3.78 -35.61 22.50
C GLU C 501 -4.31 -34.95 23.78
N ALA C 502 -4.22 -33.61 23.86
CA ALA C 502 -4.67 -32.87 25.04
C ALA C 502 -5.25 -31.48 24.72
N ALA C 503 -5.50 -31.21 23.44
CA ALA C 503 -6.06 -29.93 23.01
C ALA C 503 -6.95 -30.09 21.78
N GLY C 504 -8.27 -29.97 21.99
CA GLY C 504 -9.26 -30.12 20.92
C GLY C 504 -9.19 -31.50 20.29
N GLU C 505 -9.78 -32.49 20.97
CA GLU C 505 -9.76 -33.88 20.55
C GLU C 505 -9.91 -34.23 19.07
N ARG C 506 -8.94 -35.01 18.62
CA ARG C 506 -8.88 -35.48 17.24
C ARG C 506 -8.27 -36.85 17.10
N SER C 507 -8.65 -37.48 16.00
CA SER C 507 -8.26 -38.80 15.57
C SER C 507 -6.81 -39.21 15.57
N ALA C 508 -6.60 -40.52 15.75
CA ALA C 508 -5.28 -41.14 15.75
C ALA C 508 -4.62 -41.02 14.37
N GLU C 509 -5.41 -40.60 13.39
CA GLU C 509 -4.94 -40.40 12.01
C GLU C 509 -4.57 -38.93 11.75
N LYS C 510 -5.30 -38.01 12.35
CA LYS C 510 -5.01 -36.57 12.20
C LYS C 510 -3.79 -36.13 13.00
N ILE C 511 -3.65 -36.66 14.20
CA ILE C 511 -2.50 -36.30 15.05
C ILE C 511 -1.21 -36.94 14.52
N ASN C 512 -1.34 -38.12 13.91
CA ASN C 512 -0.22 -38.84 13.34
C ASN C 512 0.27 -38.14 12.08
N ALA C 513 -0.68 -37.55 11.35
CA ALA C 513 -0.40 -36.81 10.13
C ALA C 513 0.29 -35.49 10.48
N LEU C 514 -0.13 -34.90 11.59
CA LEU C 514 0.42 -33.63 12.08
C LEU C 514 1.71 -33.73 12.88
N LEU C 515 1.96 -34.89 13.49
CA LEU C 515 3.18 -35.13 14.31
C LEU C 515 4.53 -34.71 13.72
N PRO C 516 4.92 -35.22 12.51
CA PRO C 516 6.23 -34.82 11.98
C PRO C 516 6.37 -33.32 11.65
N HIS C 517 5.25 -32.68 11.32
CA HIS C 517 5.24 -31.26 10.97
C HIS C 517 5.48 -30.33 12.14
N LYS C 518 5.08 -30.78 13.32
CA LYS C 518 5.23 -29.99 14.54
C LYS C 518 6.42 -30.46 15.37
N THR C 519 7.18 -31.41 14.84
CA THR C 519 8.36 -31.93 15.51
C THR C 519 9.55 -31.04 15.20
N PHE C 520 10.33 -30.77 16.25
CA PHE C 520 11.53 -29.96 16.16
C PHE C 520 12.69 -30.86 16.54
N ILE C 521 13.61 -31.08 15.59
CA ILE C 521 14.77 -31.94 15.83
C ILE C 521 15.67 -31.39 16.94
N GLY C 522 15.75 -30.06 17.00
CA GLY C 522 16.61 -29.41 17.98
C GLY C 522 18.06 -29.64 17.60
N GLY C 523 18.94 -29.57 18.59
CA GLY C 523 20.37 -29.76 18.35
C GLY C 523 20.91 -28.69 17.42
N ARG C 524 20.29 -27.52 17.47
CA ARG C 524 20.66 -26.38 16.65
C ARG C 524 21.35 -25.37 17.56
N PRO C 525 22.60 -25.01 17.22
CA PRO C 525 23.43 -24.08 17.97
C PRO C 525 23.10 -22.61 18.01
N SER C 526 23.59 -21.98 19.06
CA SER C 526 23.42 -20.56 19.26
C SER C 526 24.36 -20.07 20.33
N ASN C 527 24.82 -18.85 20.11
CA ASN C 527 25.67 -18.18 21.06
C ASN C 527 24.78 -17.08 21.59
N THR C 528 24.78 -16.90 22.90
CA THR C 528 23.99 -15.83 23.49
C THR C 528 24.95 -14.80 24.04
N LEU C 529 24.80 -13.58 23.52
CA LEU C 529 25.60 -12.44 23.92
C LEU C 529 24.68 -11.56 24.73
N LEU C 530 25.01 -11.43 26.01
CA LEU C 530 24.19 -10.65 26.91
C LEU C 530 24.99 -9.51 27.53
N ILE C 531 24.45 -8.31 27.41
CA ILE C 531 25.05 -7.11 27.98
C ILE C 531 24.05 -6.57 28.99
N LYS C 532 24.52 -5.74 29.94
CA LYS C 532 23.61 -5.15 30.93
C LYS C 532 22.68 -4.14 30.27
N SER C 533 23.24 -3.34 29.37
CA SER C 533 22.46 -2.34 28.63
C SER C 533 23.27 -1.91 27.43
N LEU C 534 22.58 -1.48 26.37
CA LEU C 534 23.25 -1.02 25.15
C LEU C 534 23.64 0.45 25.26
N THR C 535 24.74 0.66 25.96
CA THR C 535 25.33 1.98 26.17
C THR C 535 26.38 2.15 25.07
N PRO C 536 26.92 3.38 24.85
CA PRO C 536 27.93 3.50 23.80
C PRO C 536 29.13 2.57 24.01
N ARG C 537 29.45 2.32 25.28
CA ARG C 537 30.54 1.45 25.68
C ARG C 537 30.26 -0.01 25.29
N ALA C 538 29.01 -0.43 25.50
CA ALA C 538 28.57 -1.78 25.16
C ALA C 538 28.62 -2.06 23.68
N LEU C 539 28.24 -1.07 22.85
CA LEU C 539 28.26 -1.21 21.39
C LEU C 539 29.70 -1.36 20.94
N GLY C 540 30.57 -0.51 21.49
CA GLY C 540 31.99 -0.54 21.17
C GLY C 540 32.57 -1.91 21.42
N ALA C 541 32.14 -2.49 22.54
CA ALA C 541 32.54 -3.82 22.97
C ALA C 541 32.10 -4.94 22.03
N ILE C 542 30.85 -4.88 21.61
CA ILE C 542 30.24 -5.86 20.70
C ILE C 542 30.93 -5.86 19.33
N ILE C 543 31.15 -4.66 18.78
CA ILE C 543 31.79 -4.52 17.47
C ILE C 543 33.23 -5.00 17.49
N ALA C 544 34.00 -4.58 18.50
CA ALA C 544 35.40 -4.99 18.66
C ALA C 544 35.52 -6.50 18.78
N MET C 545 34.56 -7.10 19.47
CA MET C 545 34.49 -8.55 19.67
C MET C 545 34.33 -9.26 18.33
N TYR C 546 33.47 -8.71 17.48
CA TYR C 546 33.26 -9.28 16.16
C TYR C 546 34.44 -9.06 15.24
N GLU C 547 35.09 -7.90 15.37
CA GLU C 547 36.27 -7.57 14.57
C GLU C 547 37.39 -8.56 14.87
N HIS C 548 37.49 -8.88 16.16
CA HIS C 548 38.50 -9.80 16.66
C HIS C 548 38.15 -11.26 16.38
N LYS C 549 36.85 -11.56 16.26
CA LYS C 549 36.37 -12.91 15.92
C LYS C 549 36.80 -13.18 14.47
N VAL C 550 36.62 -12.16 13.64
CA VAL C 550 36.94 -12.18 12.22
C VAL C 550 38.47 -12.27 12.01
N LEU C 551 39.22 -11.63 12.90
CA LEU C 551 40.69 -11.64 12.86
C LEU C 551 41.19 -13.07 13.04
N VAL C 552 40.74 -13.72 14.11
CA VAL C 552 41.12 -15.10 14.46
C VAL C 552 40.75 -16.08 13.36
N GLN C 553 39.50 -15.99 12.89
CA GLN C 553 39.00 -16.88 11.83
C GLN C 553 39.83 -16.75 10.57
N GLY C 554 40.20 -15.51 10.24
CA GLY C 554 41.02 -15.23 9.08
C GLY C 554 42.44 -15.74 9.23
N ALA C 555 42.92 -15.73 10.46
CA ALA C 555 44.27 -16.19 10.80
C ALA C 555 44.32 -17.72 10.84
N ILE C 556 43.20 -18.36 11.20
CA ILE C 556 43.08 -19.83 11.24
C ILE C 556 43.13 -20.30 9.79
N TRP C 557 42.33 -19.65 8.94
CA TRP C 557 42.25 -19.98 7.52
C TRP C 557 43.49 -19.57 6.72
N GLY C 558 44.28 -18.67 7.30
CA GLY C 558 45.52 -18.20 6.68
C GLY C 558 45.34 -17.12 5.65
N ILE C 559 44.14 -16.56 5.59
CA ILE C 559 43.78 -15.52 4.62
C ILE C 559 44.03 -14.10 5.12
N ASP C 560 43.92 -13.15 4.19
CA ASP C 560 44.07 -11.73 4.49
C ASP C 560 42.68 -11.20 4.73
N SER C 561 42.38 -10.94 6.00
CA SER C 561 41.08 -10.43 6.43
C SER C 561 40.96 -8.92 6.32
N TYR C 562 41.94 -8.28 5.68
CA TYR C 562 41.97 -6.83 5.63
C TYR C 562 42.04 -6.20 4.25
N ASP C 563 42.05 -7.04 3.23
CA ASP C 563 42.05 -6.55 1.86
C ASP C 563 40.66 -6.78 1.27
N GLN C 564 40.43 -6.26 0.06
CA GLN C 564 39.15 -6.41 -0.63
C GLN C 564 39.35 -6.33 -2.14
N TRP C 565 40.11 -7.29 -2.67
CA TRP C 565 40.39 -7.35 -4.10
C TRP C 565 39.19 -7.83 -4.93
N GLY C 566 38.25 -8.50 -4.27
CA GLY C 566 37.06 -9.01 -4.92
C GLY C 566 36.04 -8.01 -5.42
N VAL C 567 36.25 -6.74 -5.11
CA VAL C 567 35.34 -5.68 -5.52
C VAL C 567 35.80 -4.91 -6.77
N GLU C 568 37.06 -5.14 -7.17
CA GLU C 568 37.63 -4.44 -8.32
C GLU C 568 37.14 -4.81 -9.72
N LEU C 569 36.87 -6.10 -10.00
CA LEU C 569 36.40 -6.51 -11.33
C LEU C 569 35.05 -5.89 -11.67
N GLY C 570 34.16 -5.85 -10.68
CA GLY C 570 32.84 -5.25 -10.85
C GLY C 570 32.97 -3.77 -11.16
N LYS C 571 33.94 -3.11 -10.51
CA LYS C 571 34.23 -1.69 -10.71
C LYS C 571 34.78 -1.41 -12.10
N VAL C 572 35.76 -2.21 -12.53
CA VAL C 572 36.41 -2.07 -13.85
C VAL C 572 35.43 -2.33 -14.99
N LEU C 573 34.63 -3.39 -14.88
CA LEU C 573 33.65 -3.72 -15.92
C LEU C 573 32.49 -2.72 -15.96
N ALA C 574 32.30 -1.99 -14.85
CA ALA C 574 31.26 -0.95 -14.74
C ALA C 574 31.71 0.30 -15.47
N LYS C 575 33.01 0.57 -15.37
CA LYS C 575 33.64 1.72 -16.03
C LYS C 575 33.72 1.47 -17.54
N SER C 576 33.67 0.20 -17.94
CA SER C 576 33.70 -0.20 -19.35
C SER C 576 32.30 -0.16 -19.96
N ILE C 577 31.28 -0.37 -19.13
CA ILE C 577 29.88 -0.36 -19.56
C ILE C 577 29.29 1.05 -19.53
N LEU C 578 29.82 1.90 -18.66
CA LEU C 578 29.35 3.28 -18.51
C LEU C 578 29.25 4.13 -19.80
N PRO C 579 30.32 4.18 -20.65
CA PRO C 579 30.17 5.00 -21.87
C PRO C 579 29.27 4.38 -22.94
N GLN C 580 28.90 3.11 -22.72
CA GLN C 580 28.03 2.36 -23.63
C GLN C 580 26.54 2.59 -23.32
N LEU C 581 26.26 3.19 -22.16
CA LEU C 581 24.89 3.47 -21.74
C LEU C 581 24.33 4.80 -22.27
N ARG C 582 24.16 4.84 -23.59
CA ARG C 582 23.61 6.01 -24.30
C ARG C 582 22.34 5.54 -25.01
N PRO C 583 21.27 6.38 -25.09
CA PRO C 583 20.02 5.98 -25.77
C PRO C 583 20.13 5.56 -27.23
N GLY C 584 19.51 4.42 -27.54
CA GLY C 584 19.50 3.85 -28.88
C GLY C 584 20.74 3.04 -29.24
N MET C 585 21.64 2.81 -28.27
CA MET C 585 22.89 2.07 -28.52
C MET C 585 22.84 0.56 -28.33
N ARG C 586 23.50 -0.11 -29.27
CA ARG C 586 23.64 -1.55 -29.39
C ARG C 586 25.12 -1.93 -29.29
N VAL C 587 25.40 -2.82 -28.35
CA VAL C 587 26.75 -3.32 -28.09
C VAL C 587 26.80 -4.81 -28.41
N ASN C 588 28.01 -5.32 -28.65
CA ASN C 588 28.23 -6.72 -28.98
C ASN C 588 29.55 -7.23 -28.43
N ASN C 589 30.27 -6.35 -27.72
CA ASN C 589 31.59 -6.65 -27.15
C ASN C 589 31.62 -7.58 -25.93
N HIS C 590 30.46 -7.77 -25.29
CA HIS C 590 30.35 -8.63 -24.11
C HIS C 590 29.68 -9.94 -24.51
N ASP C 591 29.27 -10.73 -23.50
CA ASP C 591 28.56 -11.99 -23.70
C ASP C 591 27.13 -11.61 -24.12
N SER C 592 26.40 -12.52 -24.77
CA SER C 592 25.04 -12.24 -25.25
C SER C 592 24.02 -11.77 -24.20
N SER C 593 24.23 -12.14 -22.94
CA SER C 593 23.35 -11.74 -21.85
C SER C 593 23.54 -10.25 -21.55
N THR C 594 24.79 -9.88 -21.24
CA THR C 594 25.14 -8.49 -20.92
C THR C 594 24.81 -7.57 -22.10
N ASN C 595 25.03 -8.07 -23.33
CA ASN C 595 24.72 -7.33 -24.55
C ASN C 595 23.23 -7.06 -24.65
N GLY C 596 22.43 -8.13 -24.51
CA GLY C 596 20.98 -8.02 -24.59
C GLY C 596 20.38 -7.15 -23.50
N LEU C 597 21.03 -7.13 -22.34
CA LEU C 597 20.60 -6.31 -21.21
C LEU C 597 20.92 -4.83 -21.40
N ILE C 598 22.12 -4.54 -21.92
CA ILE C 598 22.55 -3.16 -22.19
C ILE C 598 21.72 -2.59 -23.34
N ASN C 599 21.44 -3.43 -24.34
CA ASN C 599 20.64 -3.05 -25.51
C ASN C 599 19.22 -2.69 -25.12
N MET C 600 18.62 -3.50 -24.24
CA MET C 600 17.26 -3.28 -23.75
C MET C 600 17.18 -2.01 -22.91
N PHE C 601 18.25 -1.76 -22.15
CA PHE C 601 18.36 -0.56 -21.31
C PHE C 601 18.40 0.68 -22.21
N ASN C 602 19.32 0.66 -23.17
CA ASN C 602 19.53 1.77 -24.11
C ASN C 602 18.35 2.07 -25.00
N GLU C 603 17.52 1.06 -25.25
CA GLU C 603 16.34 1.16 -26.09
C GLU C 603 15.24 1.97 -25.40
N LEU C 604 15.08 1.76 -24.10
CA LEU C 604 14.02 2.41 -23.31
C LEU C 604 14.43 3.41 -22.22
N SER C 605 15.70 3.85 -22.22
CA SER C 605 16.19 4.79 -21.20
C SER C 605 15.80 6.27 -21.34
N HIS C 606 15.32 6.63 -22.54
CA HIS C 606 14.90 8.00 -22.93
C HIS C 606 14.40 9.01 -21.87
#